data_2FSD
# 
_entry.id   2FSD 
# 
_audit_conform.dict_name       mmcif_pdbx.dic 
_audit_conform.dict_version    5.388 
_audit_conform.dict_location   http://mmcif.pdb.org/dictionaries/ascii/mmcif_pdbx.dic 
# 
loop_
_database_2.database_id 
_database_2.database_code 
_database_2.pdbx_database_accession 
_database_2.pdbx_DOI 
PDB   2FSD         pdb_00002fsd 10.2210/pdb2fsd/pdb 
RCSB  RCSB036253   ?            ?                   
WWPDB D_1000036253 ?            ?                   
# 
loop_
_pdbx_audit_revision_history.ordinal 
_pdbx_audit_revision_history.data_content_type 
_pdbx_audit_revision_history.major_revision 
_pdbx_audit_revision_history.minor_revision 
_pdbx_audit_revision_history.revision_date 
1 'Structure model' 1 0 2006-09-05 
2 'Structure model' 1 1 2008-05-01 
3 'Structure model' 1 2 2011-07-13 
4 'Structure model' 1 3 2024-03-13 
# 
_pdbx_audit_revision_details.ordinal             1 
_pdbx_audit_revision_details.revision_ordinal    1 
_pdbx_audit_revision_details.data_content_type   'Structure model' 
_pdbx_audit_revision_details.provider            repository 
_pdbx_audit_revision_details.type                'Initial release' 
_pdbx_audit_revision_details.description         ? 
_pdbx_audit_revision_details.details             ? 
# 
loop_
_pdbx_audit_revision_group.ordinal 
_pdbx_audit_revision_group.revision_ordinal 
_pdbx_audit_revision_group.data_content_type 
_pdbx_audit_revision_group.group 
1 2 'Structure model' 'Version format compliance' 
2 3 'Structure model' 'Version format compliance' 
3 4 'Structure model' 'Data collection'           
4 4 'Structure model' 'Database references'       
# 
loop_
_pdbx_audit_revision_category.ordinal 
_pdbx_audit_revision_category.revision_ordinal 
_pdbx_audit_revision_category.data_content_type 
_pdbx_audit_revision_category.category 
1 4 'Structure model' chem_comp_atom     
2 4 'Structure model' chem_comp_bond     
3 4 'Structure model' database_2         
4 4 'Structure model' struct_ref_seq_dif 
# 
loop_
_pdbx_audit_revision_item.ordinal 
_pdbx_audit_revision_item.revision_ordinal 
_pdbx_audit_revision_item.data_content_type 
_pdbx_audit_revision_item.item 
1 4 'Structure model' '_database_2.pdbx_DOI'                
2 4 'Structure model' '_database_2.pdbx_database_accession' 
3 4 'Structure model' '_struct_ref_seq_dif.details'         
# 
_pdbx_database_status.status_code                     REL 
_pdbx_database_status.entry_id                        2FSD 
_pdbx_database_status.recvd_initial_deposition_date   2006-01-22 
_pdbx_database_status.deposit_site                    RCSB 
_pdbx_database_status.process_site                    PDBJ 
_pdbx_database_status.status_code_sf                  REL 
_pdbx_database_status.status_code_mr                  ? 
_pdbx_database_status.SG_entry                        ? 
_pdbx_database_status.pdb_format_compatible           Y 
_pdbx_database_status.status_code_cs                  ? 
_pdbx_database_status.status_code_nmr_data            ? 
_pdbx_database_status.methods_development_category    ? 
# 
loop_
_audit_author.name 
_audit_author.pdbx_ordinal 
'Ricagno, S.'   1 
'Cambillau, C.' 2 
# 
_citation.id                        primary 
_citation.title                     
'Crystal Structure of the Receptor-Binding Protein Head Domain from Lactococcus lactis Phage bIL170' 
_citation.journal_abbrev            J.Virol. 
_citation.journal_volume            80 
_citation.page_first                9331 
_citation.page_last                 9335 
_citation.year                      2006 
_citation.journal_id_ASTM           JOVIAM 
_citation.country                   US 
_citation.journal_id_ISSN           0022-538X 
_citation.journal_id_CSD            0825 
_citation.book_publisher            ? 
_citation.pdbx_database_id_PubMed   16940545 
_citation.pdbx_database_id_DOI      10.1128/JVI.01160-06 
# 
loop_
_citation_author.citation_id 
_citation_author.name 
_citation_author.ordinal 
_citation_author.identifier_ORCID 
primary 'Ricagno, S.'    1 ? 
primary 'Campanacci, V.' 2 ? 
primary 'Blangy, S.'     3 ? 
primary 'Spinelli, S.'   4 ? 
primary 'Tremblay, D.'   5 ? 
primary 'Moineau, S.'    6 ? 
primary 'Tegoni, M.'     7 ? 
primary 'Cambillau, C.'  8 ? 
# 
loop_
_entity.id 
_entity.type 
_entity.src_method 
_entity.pdbx_description 
_entity.formula_weight 
_entity.pdbx_number_of_molecules 
_entity.pdbx_ec 
_entity.pdbx_mutation 
_entity.pdbx_fragment 
_entity.details 
1 polymer man 'putative baseplate protein' 15284.188 2  ? ? 'RBP head domain, Residues 1-113' ? 
2 water   nat water                        18.015    98 ? ? ?                                 ? 
# 
_entity_name_com.entity_id   1 
_entity_name_com.name        RBP 
# 
_entity_poly.entity_id                      1 
_entity_poly.type                           'polypeptide(L)' 
_entity_poly.nstd_linkage                   no 
_entity_poly.nstd_monomer                   no 
_entity_poly.pdbx_seq_one_letter_code       
;MSYYHHHHHHLESTSLYKKAGSENLYFQGNKKDIPWTDLNRASGVGSTGILQARIINGVIYVRGNSIPVPNVAPNFIVPV
GTFPPAFGTNLPQFDSSGTFYSHGNLSLSLINMSPSGIAVGNPNNTSMNGKTISFALSAPLL
;
_entity_poly.pdbx_seq_one_letter_code_can   
;MSYYHHHHHHLESTSLYKKAGSENLYFQGNKKDIPWTDLNRASGVGSTGILQARIINGVIYVRGNSIPVPNVAPNFIVPV
GTFPPAFGTNLPQFDSSGTFYSHGNLSLSLINMSPSGIAVGNPNNTSMNGKTISFALSAPLL
;
_entity_poly.pdbx_strand_id                 A,B 
_entity_poly.pdbx_target_identifier         ? 
# 
_pdbx_entity_nonpoly.entity_id   2 
_pdbx_entity_nonpoly.name        water 
_pdbx_entity_nonpoly.comp_id     HOH 
# 
loop_
_entity_poly_seq.entity_id 
_entity_poly_seq.num 
_entity_poly_seq.mon_id 
_entity_poly_seq.hetero 
1 1   MET n 
1 2   SER n 
1 3   TYR n 
1 4   TYR n 
1 5   HIS n 
1 6   HIS n 
1 7   HIS n 
1 8   HIS n 
1 9   HIS n 
1 10  HIS n 
1 11  LEU n 
1 12  GLU n 
1 13  SER n 
1 14  THR n 
1 15  SER n 
1 16  LEU n 
1 17  TYR n 
1 18  LYS n 
1 19  LYS n 
1 20  ALA n 
1 21  GLY n 
1 22  SER n 
1 23  GLU n 
1 24  ASN n 
1 25  LEU n 
1 26  TYR n 
1 27  PHE n 
1 28  GLN n 
1 29  GLY n 
1 30  ASN n 
1 31  LYS n 
1 32  LYS n 
1 33  ASP n 
1 34  ILE n 
1 35  PRO n 
1 36  TRP n 
1 37  THR n 
1 38  ASP n 
1 39  LEU n 
1 40  ASN n 
1 41  ARG n 
1 42  ALA n 
1 43  SER n 
1 44  GLY n 
1 45  VAL n 
1 46  GLY n 
1 47  SER n 
1 48  THR n 
1 49  GLY n 
1 50  ILE n 
1 51  LEU n 
1 52  GLN n 
1 53  ALA n 
1 54  ARG n 
1 55  ILE n 
1 56  ILE n 
1 57  ASN n 
1 58  GLY n 
1 59  VAL n 
1 60  ILE n 
1 61  TYR n 
1 62  VAL n 
1 63  ARG n 
1 64  GLY n 
1 65  ASN n 
1 66  SER n 
1 67  ILE n 
1 68  PRO n 
1 69  VAL n 
1 70  PRO n 
1 71  ASN n 
1 72  VAL n 
1 73  ALA n 
1 74  PRO n 
1 75  ASN n 
1 76  PHE n 
1 77  ILE n 
1 78  VAL n 
1 79  PRO n 
1 80  VAL n 
1 81  GLY n 
1 82  THR n 
1 83  PHE n 
1 84  PRO n 
1 85  PRO n 
1 86  ALA n 
1 87  PHE n 
1 88  GLY n 
1 89  THR n 
1 90  ASN n 
1 91  LEU n 
1 92  PRO n 
1 93  GLN n 
1 94  PHE n 
1 95  ASP n 
1 96  SER n 
1 97  SER n 
1 98  GLY n 
1 99  THR n 
1 100 PHE n 
1 101 TYR n 
1 102 SER n 
1 103 HIS n 
1 104 GLY n 
1 105 ASN n 
1 106 LEU n 
1 107 SER n 
1 108 LEU n 
1 109 SER n 
1 110 LEU n 
1 111 ILE n 
1 112 ASN n 
1 113 MET n 
1 114 SER n 
1 115 PRO n 
1 116 SER n 
1 117 GLY n 
1 118 ILE n 
1 119 ALA n 
1 120 VAL n 
1 121 GLY n 
1 122 ASN n 
1 123 PRO n 
1 124 ASN n 
1 125 ASN n 
1 126 THR n 
1 127 SER n 
1 128 MET n 
1 129 ASN n 
1 130 GLY n 
1 131 LYS n 
1 132 THR n 
1 133 ILE n 
1 134 SER n 
1 135 PHE n 
1 136 ALA n 
1 137 LEU n 
1 138 SER n 
1 139 ALA n 
1 140 PRO n 
1 141 LEU n 
1 142 LEU n 
# 
_entity_src_gen.entity_id                          1 
_entity_src_gen.pdbx_src_id                        1 
_entity_src_gen.pdbx_alt_source_flag               sample 
_entity_src_gen.pdbx_seq_type                      ? 
_entity_src_gen.pdbx_beg_seq_num                   ? 
_entity_src_gen.pdbx_end_seq_num                   ? 
_entity_src_gen.gene_src_common_name               ? 
_entity_src_gen.gene_src_genus                     ? 
_entity_src_gen.pdbx_gene_src_gene                 ? 
_entity_src_gen.gene_src_species                   ? 
_entity_src_gen.gene_src_strain                    bIL170 
_entity_src_gen.gene_src_tissue                    ? 
_entity_src_gen.gene_src_tissue_fraction           ? 
_entity_src_gen.gene_src_details                   ? 
_entity_src_gen.pdbx_gene_src_fragment             ? 
_entity_src_gen.pdbx_gene_src_scientific_name      'unidentified phage' 
_entity_src_gen.pdbx_gene_src_ncbi_taxonomy_id     38018 
_entity_src_gen.pdbx_gene_src_variant              ? 
_entity_src_gen.pdbx_gene_src_cell_line            ? 
_entity_src_gen.pdbx_gene_src_atcc                 ? 
_entity_src_gen.pdbx_gene_src_organ                ? 
_entity_src_gen.pdbx_gene_src_organelle            ? 
_entity_src_gen.pdbx_gene_src_cell                 ? 
_entity_src_gen.pdbx_gene_src_cellular_location    ? 
_entity_src_gen.host_org_common_name               ? 
_entity_src_gen.pdbx_host_org_scientific_name      'Escherichia coli' 
_entity_src_gen.pdbx_host_org_ncbi_taxonomy_id     562 
_entity_src_gen.host_org_genus                     Escherichia 
_entity_src_gen.pdbx_host_org_gene                 ? 
_entity_src_gen.pdbx_host_org_organ                ? 
_entity_src_gen.host_org_species                   ? 
_entity_src_gen.pdbx_host_org_tissue               ? 
_entity_src_gen.pdbx_host_org_tissue_fraction      ? 
_entity_src_gen.pdbx_host_org_strain               ? 
_entity_src_gen.pdbx_host_org_variant              ? 
_entity_src_gen.pdbx_host_org_cell_line            ? 
_entity_src_gen.pdbx_host_org_atcc                 ? 
_entity_src_gen.pdbx_host_org_culture_collection   ? 
_entity_src_gen.pdbx_host_org_cell                 ? 
_entity_src_gen.pdbx_host_org_organelle            ? 
_entity_src_gen.pdbx_host_org_cellular_location    ? 
_entity_src_gen.pdbx_host_org_vector_type          ? 
_entity_src_gen.pdbx_host_org_vector               ? 
_entity_src_gen.host_org_details                   ? 
_entity_src_gen.expression_system_id               ? 
_entity_src_gen.plasmid_name                       ? 
_entity_src_gen.plasmid_details                    ? 
_entity_src_gen.pdbx_description                   ? 
# 
loop_
_chem_comp.id 
_chem_comp.type 
_chem_comp.mon_nstd_flag 
_chem_comp.name 
_chem_comp.pdbx_synonyms 
_chem_comp.formula 
_chem_comp.formula_weight 
ALA 'L-peptide linking' y ALANINE         ? 'C3 H7 N O2'     89.093  
ARG 'L-peptide linking' y ARGININE        ? 'C6 H15 N4 O2 1' 175.209 
ASN 'L-peptide linking' y ASPARAGINE      ? 'C4 H8 N2 O3'    132.118 
ASP 'L-peptide linking' y 'ASPARTIC ACID' ? 'C4 H7 N O4'     133.103 
GLN 'L-peptide linking' y GLUTAMINE       ? 'C5 H10 N2 O3'   146.144 
GLU 'L-peptide linking' y 'GLUTAMIC ACID' ? 'C5 H9 N O4'     147.129 
GLY 'peptide linking'   y GLYCINE         ? 'C2 H5 N O2'     75.067  
HIS 'L-peptide linking' y HISTIDINE       ? 'C6 H10 N3 O2 1' 156.162 
HOH non-polymer         . WATER           ? 'H2 O'           18.015  
ILE 'L-peptide linking' y ISOLEUCINE      ? 'C6 H13 N O2'    131.173 
LEU 'L-peptide linking' y LEUCINE         ? 'C6 H13 N O2'    131.173 
LYS 'L-peptide linking' y LYSINE          ? 'C6 H15 N2 O2 1' 147.195 
MET 'L-peptide linking' y METHIONINE      ? 'C5 H11 N O2 S'  149.211 
PHE 'L-peptide linking' y PHENYLALANINE   ? 'C9 H11 N O2'    165.189 
PRO 'L-peptide linking' y PROLINE         ? 'C5 H9 N O2'     115.130 
SER 'L-peptide linking' y SERINE          ? 'C3 H7 N O3'     105.093 
THR 'L-peptide linking' y THREONINE       ? 'C4 H9 N O3'     119.119 
TRP 'L-peptide linking' y TRYPTOPHAN      ? 'C11 H12 N2 O2'  204.225 
TYR 'L-peptide linking' y TYROSINE        ? 'C9 H11 N O3'    181.189 
VAL 'L-peptide linking' y VALINE          ? 'C5 H11 N O2'    117.146 
# 
loop_
_pdbx_poly_seq_scheme.asym_id 
_pdbx_poly_seq_scheme.entity_id 
_pdbx_poly_seq_scheme.seq_id 
_pdbx_poly_seq_scheme.mon_id 
_pdbx_poly_seq_scheme.ndb_seq_num 
_pdbx_poly_seq_scheme.pdb_seq_num 
_pdbx_poly_seq_scheme.auth_seq_num 
_pdbx_poly_seq_scheme.pdb_mon_id 
_pdbx_poly_seq_scheme.auth_mon_id 
_pdbx_poly_seq_scheme.pdb_strand_id 
_pdbx_poly_seq_scheme.pdb_ins_code 
_pdbx_poly_seq_scheme.hetero 
A 1 1   MET 1   -28 ?   ?   ?   A . n 
A 1 2   SER 2   -27 ?   ?   ?   A . n 
A 1 3   TYR 3   -26 ?   ?   ?   A . n 
A 1 4   TYR 4   -25 ?   ?   ?   A . n 
A 1 5   HIS 5   -24 ?   ?   ?   A . n 
A 1 6   HIS 6   -23 ?   ?   ?   A . n 
A 1 7   HIS 7   -22 ?   ?   ?   A . n 
A 1 8   HIS 8   -21 ?   ?   ?   A . n 
A 1 9   HIS 9   -20 ?   ?   ?   A . n 
A 1 10  HIS 10  -19 ?   ?   ?   A . n 
A 1 11  LEU 11  -18 ?   ?   ?   A . n 
A 1 12  GLU 12  -17 ?   ?   ?   A . n 
A 1 13  SER 13  -16 ?   ?   ?   A . n 
A 1 14  THR 14  -15 ?   ?   ?   A . n 
A 1 15  SER 15  -14 ?   ?   ?   A . n 
A 1 16  LEU 16  -13 ?   ?   ?   A . n 
A 1 17  TYR 17  -12 ?   ?   ?   A . n 
A 1 18  LYS 18  -11 ?   ?   ?   A . n 
A 1 19  LYS 19  -10 ?   ?   ?   A . n 
A 1 20  ALA 20  -9  ?   ?   ?   A . n 
A 1 21  GLY 21  -8  ?   ?   ?   A . n 
A 1 22  SER 22  -7  ?   ?   ?   A . n 
A 1 23  GLU 23  -6  ?   ?   ?   A . n 
A 1 24  ASN 24  -5  ?   ?   ?   A . n 
A 1 25  LEU 25  -4  ?   ?   ?   A . n 
A 1 26  TYR 26  -3  ?   ?   ?   A . n 
A 1 27  PHE 27  -2  ?   ?   ?   A . n 
A 1 28  GLN 28  -1  ?   ?   ?   A . n 
A 1 29  GLY 29  0   ?   ?   ?   A . n 
A 1 30  ASN 30  1   ?   ?   ?   A . n 
A 1 31  LYS 31  2   ?   ?   ?   A . n 
A 1 32  LYS 32  3   ?   ?   ?   A . n 
A 1 33  ASP 33  4   4   ASP ASP A . n 
A 1 34  ILE 34  5   5   ILE ILE A . n 
A 1 35  PRO 35  6   6   PRO PRO A . n 
A 1 36  TRP 36  7   7   TRP TRP A . n 
A 1 37  THR 37  8   8   THR THR A . n 
A 1 38  ASP 38  9   9   ASP ASP A . n 
A 1 39  LEU 39  10  10  LEU LEU A . n 
A 1 40  ASN 40  11  11  ASN ASN A . n 
A 1 41  ARG 41  12  12  ARG ARG A . n 
A 1 42  ALA 42  13  13  ALA ALA A . n 
A 1 43  SER 43  14  14  SER SER A . n 
A 1 44  GLY 44  15  15  GLY GLY A . n 
A 1 45  VAL 45  16  16  VAL VAL A . n 
A 1 46  GLY 46  17  17  GLY GLY A . n 
A 1 47  SER 47  18  18  SER SER A . n 
A 1 48  THR 48  19  19  THR THR A . n 
A 1 49  GLY 49  20  20  GLY GLY A . n 
A 1 50  ILE 50  21  21  ILE ILE A . n 
A 1 51  LEU 51  22  22  LEU LEU A . n 
A 1 52  GLN 52  23  23  GLN GLN A . n 
A 1 53  ALA 53  24  24  ALA ALA A . n 
A 1 54  ARG 54  25  25  ARG ARG A . n 
A 1 55  ILE 55  26  26  ILE ILE A . n 
A 1 56  ILE 56  27  27  ILE ILE A . n 
A 1 57  ASN 57  28  28  ASN ASN A . n 
A 1 58  GLY 58  29  29  GLY GLY A . n 
A 1 59  VAL 59  30  30  VAL VAL A . n 
A 1 60  ILE 60  31  31  ILE ILE A . n 
A 1 61  TYR 61  32  32  TYR TYR A . n 
A 1 62  VAL 62  33  33  VAL VAL A . n 
A 1 63  ARG 63  34  34  ARG ARG A . n 
A 1 64  GLY 64  35  35  GLY GLY A . n 
A 1 65  ASN 65  36  36  ASN ASN A . n 
A 1 66  SER 66  37  37  SER SER A . n 
A 1 67  ILE 67  38  38  ILE ILE A . n 
A 1 68  PRO 68  39  39  PRO PRO A . n 
A 1 69  VAL 69  40  40  VAL VAL A . n 
A 1 70  PRO 70  41  41  PRO PRO A . n 
A 1 71  ASN 71  42  42  ASN ASN A . n 
A 1 72  VAL 72  43  43  VAL VAL A . n 
A 1 73  ALA 73  44  44  ALA ALA A . n 
A 1 74  PRO 74  45  45  PRO PRO A . n 
A 1 75  ASN 75  46  46  ASN ASN A . n 
A 1 76  PHE 76  47  47  PHE PHE A . n 
A 1 77  ILE 77  48  48  ILE ILE A . n 
A 1 78  VAL 78  49  49  VAL VAL A . n 
A 1 79  PRO 79  50  50  PRO PRO A . n 
A 1 80  VAL 80  51  51  VAL VAL A . n 
A 1 81  GLY 81  52  52  GLY GLY A . n 
A 1 82  THR 82  53  53  THR THR A . n 
A 1 83  PHE 83  54  54  PHE PHE A . n 
A 1 84  PRO 84  55  55  PRO PRO A . n 
A 1 85  PRO 85  56  56  PRO PRO A . n 
A 1 86  ALA 86  57  57  ALA ALA A . n 
A 1 87  PHE 87  58  58  PHE PHE A . n 
A 1 88  GLY 88  59  59  GLY GLY A . n 
A 1 89  THR 89  60  60  THR THR A . n 
A 1 90  ASN 90  61  61  ASN ASN A . n 
A 1 91  LEU 91  62  62  LEU LEU A . n 
A 1 92  PRO 92  63  63  PRO PRO A . n 
A 1 93  GLN 93  64  64  GLN GLN A . n 
A 1 94  PHE 94  65  65  PHE PHE A . n 
A 1 95  ASP 95  66  66  ASP ASP A . n 
A 1 96  SER 96  67  67  SER SER A . n 
A 1 97  SER 97  68  68  SER SER A . n 
A 1 98  GLY 98  69  69  GLY GLY A . n 
A 1 99  THR 99  70  70  THR THR A . n 
A 1 100 PHE 100 71  71  PHE PHE A . n 
A 1 101 TYR 101 72  72  TYR TYR A . n 
A 1 102 SER 102 73  73  SER SER A . n 
A 1 103 HIS 103 74  74  HIS HIS A . n 
A 1 104 GLY 104 75  75  GLY GLY A . n 
A 1 105 ASN 105 76  76  ASN ASN A . n 
A 1 106 LEU 106 77  77  LEU LEU A . n 
A 1 107 SER 107 78  78  SER SER A . n 
A 1 108 LEU 108 79  79  LEU LEU A . n 
A 1 109 SER 109 80  80  SER SER A . n 
A 1 110 LEU 110 81  81  LEU LEU A . n 
A 1 111 ILE 111 82  82  ILE ILE A . n 
A 1 112 ASN 112 83  83  ASN ASN A . n 
A 1 113 MET 113 84  84  MET MET A . n 
A 1 114 SER 114 85  85  SER SER A . n 
A 1 115 PRO 115 86  86  PRO PRO A . n 
A 1 116 SER 116 87  87  SER SER A . n 
A 1 117 GLY 117 88  88  GLY GLY A . n 
A 1 118 ILE 118 89  89  ILE ILE A . n 
A 1 119 ALA 119 90  90  ALA ALA A . n 
A 1 120 VAL 120 91  91  VAL VAL A . n 
A 1 121 GLY 121 92  92  GLY GLY A . n 
A 1 122 ASN 122 93  93  ASN ASN A . n 
A 1 123 PRO 123 94  94  PRO PRO A . n 
A 1 124 ASN 124 95  95  ASN ASN A . n 
A 1 125 ASN 125 96  96  ASN ASN A . n 
A 1 126 THR 126 97  97  THR THR A . n 
A 1 127 SER 127 98  98  SER SER A . n 
A 1 128 MET 128 99  99  MET MET A . n 
A 1 129 ASN 129 100 100 ASN ASN A . n 
A 1 130 GLY 130 101 101 GLY GLY A . n 
A 1 131 LYS 131 102 102 LYS LYS A . n 
A 1 132 THR 132 103 103 THR THR A . n 
A 1 133 ILE 133 104 104 ILE ILE A . n 
A 1 134 SER 134 105 105 SER SER A . n 
A 1 135 PHE 135 106 106 PHE PHE A . n 
A 1 136 ALA 136 107 107 ALA ALA A . n 
A 1 137 LEU 137 108 108 LEU LEU A . n 
A 1 138 SER 138 109 109 SER SER A . n 
A 1 139 ALA 139 110 110 ALA ALA A . n 
A 1 140 PRO 140 111 111 PRO PRO A . n 
A 1 141 LEU 141 112 112 LEU LEU A . n 
A 1 142 LEU 142 113 113 LEU LEU A . n 
B 1 1   MET 1   -28 ?   ?   ?   B . n 
B 1 2   SER 2   -27 ?   ?   ?   B . n 
B 1 3   TYR 3   -26 ?   ?   ?   B . n 
B 1 4   TYR 4   -25 ?   ?   ?   B . n 
B 1 5   HIS 5   -24 ?   ?   ?   B . n 
B 1 6   HIS 6   -23 ?   ?   ?   B . n 
B 1 7   HIS 7   -22 ?   ?   ?   B . n 
B 1 8   HIS 8   -21 ?   ?   ?   B . n 
B 1 9   HIS 9   -20 ?   ?   ?   B . n 
B 1 10  HIS 10  -19 ?   ?   ?   B . n 
B 1 11  LEU 11  -18 ?   ?   ?   B . n 
B 1 12  GLU 12  -17 ?   ?   ?   B . n 
B 1 13  SER 13  -16 ?   ?   ?   B . n 
B 1 14  THR 14  -15 ?   ?   ?   B . n 
B 1 15  SER 15  -14 ?   ?   ?   B . n 
B 1 16  LEU 16  -13 ?   ?   ?   B . n 
B 1 17  TYR 17  -12 ?   ?   ?   B . n 
B 1 18  LYS 18  -11 ?   ?   ?   B . n 
B 1 19  LYS 19  -10 ?   ?   ?   B . n 
B 1 20  ALA 20  -9  ?   ?   ?   B . n 
B 1 21  GLY 21  -8  ?   ?   ?   B . n 
B 1 22  SER 22  -7  ?   ?   ?   B . n 
B 1 23  GLU 23  -6  ?   ?   ?   B . n 
B 1 24  ASN 24  -5  ?   ?   ?   B . n 
B 1 25  LEU 25  -4  ?   ?   ?   B . n 
B 1 26  TYR 26  -3  ?   ?   ?   B . n 
B 1 27  PHE 27  -2  ?   ?   ?   B . n 
B 1 28  GLN 28  -1  ?   ?   ?   B . n 
B 1 29  GLY 29  0   ?   ?   ?   B . n 
B 1 30  ASN 30  1   ?   ?   ?   B . n 
B 1 31  LYS 31  2   ?   ?   ?   B . n 
B 1 32  LYS 32  3   ?   ?   ?   B . n 
B 1 33  ASP 33  4   4   ASP ASP B . n 
B 1 34  ILE 34  5   5   ILE ILE B . n 
B 1 35  PRO 35  6   6   PRO PRO B . n 
B 1 36  TRP 36  7   7   TRP TRP B . n 
B 1 37  THR 37  8   8   THR THR B . n 
B 1 38  ASP 38  9   9   ASP ASP B . n 
B 1 39  LEU 39  10  10  LEU LEU B . n 
B 1 40  ASN 40  11  11  ASN ASN B . n 
B 1 41  ARG 41  12  12  ARG ARG B . n 
B 1 42  ALA 42  13  13  ALA ALA B . n 
B 1 43  SER 43  14  14  SER SER B . n 
B 1 44  GLY 44  15  15  GLY GLY B . n 
B 1 45  VAL 45  16  16  VAL VAL B . n 
B 1 46  GLY 46  17  17  GLY GLY B . n 
B 1 47  SER 47  18  18  SER SER B . n 
B 1 48  THR 48  19  19  THR THR B . n 
B 1 49  GLY 49  20  20  GLY GLY B . n 
B 1 50  ILE 50  21  21  ILE ILE B . n 
B 1 51  LEU 51  22  22  LEU LEU B . n 
B 1 52  GLN 52  23  23  GLN GLN B . n 
B 1 53  ALA 53  24  24  ALA ALA B . n 
B 1 54  ARG 54  25  25  ARG ARG B . n 
B 1 55  ILE 55  26  26  ILE ILE B . n 
B 1 56  ILE 56  27  27  ILE ILE B . n 
B 1 57  ASN 57  28  28  ASN ASN B . n 
B 1 58  GLY 58  29  29  GLY GLY B . n 
B 1 59  VAL 59  30  30  VAL VAL B . n 
B 1 60  ILE 60  31  31  ILE ILE B . n 
B 1 61  TYR 61  32  32  TYR TYR B . n 
B 1 62  VAL 62  33  33  VAL VAL B . n 
B 1 63  ARG 63  34  34  ARG ARG B . n 
B 1 64  GLY 64  35  35  GLY GLY B . n 
B 1 65  ASN 65  36  36  ASN ASN B . n 
B 1 66  SER 66  37  37  SER SER B . n 
B 1 67  ILE 67  38  38  ILE ILE B . n 
B 1 68  PRO 68  39  39  PRO PRO B . n 
B 1 69  VAL 69  40  40  VAL VAL B . n 
B 1 70  PRO 70  41  41  PRO PRO B . n 
B 1 71  ASN 71  42  42  ASN ASN B . n 
B 1 72  VAL 72  43  43  VAL VAL B . n 
B 1 73  ALA 73  44  44  ALA ALA B . n 
B 1 74  PRO 74  45  45  PRO PRO B . n 
B 1 75  ASN 75  46  46  ASN ASN B . n 
B 1 76  PHE 76  47  47  PHE PHE B . n 
B 1 77  ILE 77  48  48  ILE ILE B . n 
B 1 78  VAL 78  49  49  VAL VAL B . n 
B 1 79  PRO 79  50  50  PRO PRO B . n 
B 1 80  VAL 80  51  51  VAL VAL B . n 
B 1 81  GLY 81  52  52  GLY GLY B . n 
B 1 82  THR 82  53  53  THR THR B . n 
B 1 83  PHE 83  54  54  PHE PHE B . n 
B 1 84  PRO 84  55  55  PRO PRO B . n 
B 1 85  PRO 85  56  56  PRO PRO B . n 
B 1 86  ALA 86  57  57  ALA ALA B . n 
B 1 87  PHE 87  58  58  PHE PHE B . n 
B 1 88  GLY 88  59  59  GLY GLY B . n 
B 1 89  THR 89  60  60  THR THR B . n 
B 1 90  ASN 90  61  61  ASN ASN B . n 
B 1 91  LEU 91  62  62  LEU LEU B . n 
B 1 92  PRO 92  63  63  PRO PRO B . n 
B 1 93  GLN 93  64  64  GLN GLN B . n 
B 1 94  PHE 94  65  65  PHE PHE B . n 
B 1 95  ASP 95  66  66  ASP ASP B . n 
B 1 96  SER 96  67  67  SER SER B . n 
B 1 97  SER 97  68  68  SER SER B . n 
B 1 98  GLY 98  69  69  GLY GLY B . n 
B 1 99  THR 99  70  70  THR THR B . n 
B 1 100 PHE 100 71  71  PHE PHE B . n 
B 1 101 TYR 101 72  72  TYR TYR B . n 
B 1 102 SER 102 73  73  SER SER B . n 
B 1 103 HIS 103 74  74  HIS HIS B . n 
B 1 104 GLY 104 75  75  GLY GLY B . n 
B 1 105 ASN 105 76  76  ASN ASN B . n 
B 1 106 LEU 106 77  77  LEU LEU B . n 
B 1 107 SER 107 78  78  SER SER B . n 
B 1 108 LEU 108 79  79  LEU LEU B . n 
B 1 109 SER 109 80  80  SER SER B . n 
B 1 110 LEU 110 81  81  LEU LEU B . n 
B 1 111 ILE 111 82  82  ILE ILE B . n 
B 1 112 ASN 112 83  83  ASN ASN B . n 
B 1 113 MET 113 84  84  MET MET B . n 
B 1 114 SER 114 85  85  SER SER B . n 
B 1 115 PRO 115 86  86  PRO PRO B . n 
B 1 116 SER 116 87  87  SER SER B . n 
B 1 117 GLY 117 88  88  GLY GLY B . n 
B 1 118 ILE 118 89  89  ILE ILE B . n 
B 1 119 ALA 119 90  90  ALA ALA B . n 
B 1 120 VAL 120 91  91  VAL VAL B . n 
B 1 121 GLY 121 92  92  GLY GLY B . n 
B 1 122 ASN 122 93  93  ASN ASN B . n 
B 1 123 PRO 123 94  94  PRO PRO B . n 
B 1 124 ASN 124 95  95  ASN ASN B . n 
B 1 125 ASN 125 96  96  ASN ASN B . n 
B 1 126 THR 126 97  97  THR THR B . n 
B 1 127 SER 127 98  98  SER SER B . n 
B 1 128 MET 128 99  99  MET MET B . n 
B 1 129 ASN 129 100 100 ASN ASN B . n 
B 1 130 GLY 130 101 101 GLY GLY B . n 
B 1 131 LYS 131 102 102 LYS LYS B . n 
B 1 132 THR 132 103 103 THR THR B . n 
B 1 133 ILE 133 104 104 ILE ILE B . n 
B 1 134 SER 134 105 105 SER SER B . n 
B 1 135 PHE 135 106 106 PHE PHE B . n 
B 1 136 ALA 136 107 107 ALA ALA B . n 
B 1 137 LEU 137 108 108 LEU LEU B . n 
B 1 138 SER 138 109 109 SER SER B . n 
B 1 139 ALA 139 110 110 ALA ALA B . n 
B 1 140 PRO 140 111 111 PRO PRO B . n 
B 1 141 LEU 141 112 112 LEU LEU B . n 
B 1 142 LEU 142 113 113 LEU LEU B . n 
# 
loop_
_pdbx_nonpoly_scheme.asym_id 
_pdbx_nonpoly_scheme.entity_id 
_pdbx_nonpoly_scheme.mon_id 
_pdbx_nonpoly_scheme.ndb_seq_num 
_pdbx_nonpoly_scheme.pdb_seq_num 
_pdbx_nonpoly_scheme.auth_seq_num 
_pdbx_nonpoly_scheme.pdb_mon_id 
_pdbx_nonpoly_scheme.auth_mon_id 
_pdbx_nonpoly_scheme.pdb_strand_id 
_pdbx_nonpoly_scheme.pdb_ins_code 
C 2 HOH 1  114 2   HOH HOH A . 
C 2 HOH 2  115 4   HOH HOH A . 
C 2 HOH 3  116 5   HOH HOH A . 
C 2 HOH 4  117 6   HOH HOH A . 
C 2 HOH 5  118 8   HOH HOH A . 
C 2 HOH 6  119 10  HOH HOH A . 
C 2 HOH 7  120 11  HOH HOH A . 
C 2 HOH 8  121 12  HOH HOH A . 
C 2 HOH 9  122 14  HOH HOH A . 
C 2 HOH 10 123 15  HOH HOH A . 
C 2 HOH 11 124 24  HOH HOH A . 
C 2 HOH 12 125 25  HOH HOH A . 
C 2 HOH 13 126 27  HOH HOH A . 
C 2 HOH 14 127 28  HOH HOH A . 
C 2 HOH 15 128 29  HOH HOH A . 
C 2 HOH 16 129 31  HOH HOH A . 
C 2 HOH 17 130 37  HOH HOH A . 
C 2 HOH 18 131 45  HOH HOH A . 
C 2 HOH 19 132 47  HOH HOH A . 
C 2 HOH 20 133 48  HOH HOH A . 
C 2 HOH 21 134 49  HOH HOH A . 
C 2 HOH 22 135 50  HOH HOH A . 
C 2 HOH 23 136 51  HOH HOH A . 
C 2 HOH 24 137 54  HOH HOH A . 
C 2 HOH 25 138 56  HOH HOH A . 
C 2 HOH 26 139 57  HOH HOH A . 
C 2 HOH 27 140 60  HOH HOH A . 
C 2 HOH 28 141 63  HOH HOH A . 
C 2 HOH 29 142 68  HOH HOH A . 
C 2 HOH 30 143 76  HOH HOH A . 
C 2 HOH 31 144 77  HOH HOH A . 
C 2 HOH 32 145 79  HOH HOH A . 
C 2 HOH 33 146 83  HOH HOH A . 
C 2 HOH 34 147 84  HOH HOH A . 
C 2 HOH 35 148 87  HOH HOH A . 
C 2 HOH 36 149 92  HOH HOH A . 
C 2 HOH 37 150 95  HOH HOH A . 
C 2 HOH 38 151 96  HOH HOH A . 
C 2 HOH 39 152 101 HOH HOH A . 
C 2 HOH 40 153 102 HOH HOH A . 
C 2 HOH 41 154 105 HOH HOH A . 
C 2 HOH 42 155 106 HOH HOH A . 
C 2 HOH 43 156 112 HOH HOH A . 
C 2 HOH 44 157 114 HOH HOH A . 
D 2 HOH 1  114 1   HOH HOH B . 
D 2 HOH 2  115 3   HOH HOH B . 
D 2 HOH 3  116 7   HOH HOH B . 
D 2 HOH 4  117 9   HOH HOH B . 
D 2 HOH 5  118 13  HOH HOH B . 
D 2 HOH 6  119 16  HOH HOH B . 
D 2 HOH 7  120 17  HOH HOH B . 
D 2 HOH 8  121 18  HOH HOH B . 
D 2 HOH 9  122 19  HOH HOH B . 
D 2 HOH 10 123 23  HOH HOH B . 
D 2 HOH 11 124 26  HOH HOH B . 
D 2 HOH 12 125 30  HOH HOH B . 
D 2 HOH 13 126 32  HOH HOH B . 
D 2 HOH 14 127 33  HOH HOH B . 
D 2 HOH 15 128 34  HOH HOH B . 
D 2 HOH 16 129 35  HOH HOH B . 
D 2 HOH 17 130 36  HOH HOH B . 
D 2 HOH 18 131 38  HOH HOH B . 
D 2 HOH 19 132 39  HOH HOH B . 
D 2 HOH 20 133 40  HOH HOH B . 
D 2 HOH 21 134 41  HOH HOH B . 
D 2 HOH 22 135 42  HOH HOH B . 
D 2 HOH 23 136 43  HOH HOH B . 
D 2 HOH 24 137 44  HOH HOH B . 
D 2 HOH 25 138 46  HOH HOH B . 
D 2 HOH 26 139 52  HOH HOH B . 
D 2 HOH 27 140 53  HOH HOH B . 
D 2 HOH 28 141 55  HOH HOH B . 
D 2 HOH 29 142 58  HOH HOH B . 
D 2 HOH 30 143 59  HOH HOH B . 
D 2 HOH 31 144 62  HOH HOH B . 
D 2 HOH 32 145 64  HOH HOH B . 
D 2 HOH 33 146 65  HOH HOH B . 
D 2 HOH 34 147 66  HOH HOH B . 
D 2 HOH 35 148 69  HOH HOH B . 
D 2 HOH 36 149 70  HOH HOH B . 
D 2 HOH 37 150 71  HOH HOH B . 
D 2 HOH 38 151 72  HOH HOH B . 
D 2 HOH 39 152 74  HOH HOH B . 
D 2 HOH 40 153 75  HOH HOH B . 
D 2 HOH 41 154 78  HOH HOH B . 
D 2 HOH 42 155 85  HOH HOH B . 
D 2 HOH 43 156 89  HOH HOH B . 
D 2 HOH 44 157 91  HOH HOH B . 
D 2 HOH 45 158 93  HOH HOH B . 
D 2 HOH 46 159 98  HOH HOH B . 
D 2 HOH 47 160 99  HOH HOH B . 
D 2 HOH 48 161 100 HOH HOH B . 
D 2 HOH 49 162 103 HOH HOH B . 
D 2 HOH 50 163 104 HOH HOH B . 
D 2 HOH 51 164 109 HOH HOH B . 
D 2 HOH 52 165 118 HOH HOH B . 
D 2 HOH 53 166 120 HOH HOH B . 
D 2 HOH 54 167 122 HOH HOH B . 
# 
loop_
_software.name 
_software.classification 
_software.version 
_software.citation_id 
_software.pdbx_ordinal 
REFMAC refinement       5.2.0005  ? 1 
MOSFLM 'data reduction' .         ? 2 
CCP4   'data scaling'   '(SCALA)' ? 3 
SHELXS phasing          .         ? 4 
# 
_cell.entry_id           2FSD 
_cell.length_a           69.650 
_cell.length_b           69.650 
_cell.length_c           95.356 
_cell.angle_alpha        90.00 
_cell.angle_beta         90.00 
_cell.angle_gamma        120.00 
_cell.Z_PDB              12 
_cell.pdbx_unique_axis   ? 
_cell.length_a_esd       ? 
_cell.length_b_esd       ? 
_cell.length_c_esd       ? 
_cell.angle_alpha_esd    ? 
_cell.angle_beta_esd     ? 
_cell.angle_gamma_esd    ? 
# 
_symmetry.entry_id                         2FSD 
_symmetry.space_group_name_H-M             'P 31 2 1' 
_symmetry.pdbx_full_space_group_name_H-M   ? 
_symmetry.cell_setting                     ? 
_symmetry.Int_Tables_number                152 
_symmetry.space_group_name_Hall            ? 
# 
_exptl.entry_id          2FSD 
_exptl.method            'X-RAY DIFFRACTION' 
_exptl.crystals_number   1 
# 
_exptl_crystal.id                    1 
_exptl_crystal.density_meas          ? 
_exptl_crystal.density_Matthews      2.18 
_exptl_crystal.density_percent_sol   43.65 
_exptl_crystal.description           ? 
_exptl_crystal.F_000                 ? 
_exptl_crystal.preparation           ? 
# 
_exptl_crystal_grow.crystal_id      1 
_exptl_crystal_grow.method          'VAPOR DIFFUSION, SITTING DROP' 
_exptl_crystal_grow.temp            291 
_exptl_crystal_grow.temp_details    ? 
_exptl_crystal_grow.pH              5.5 
_exptl_crystal_grow.pdbx_details    'nanodrop setting (300 nL), pH 5.5, VAPOR DIFFUSION, SITTING DROP, temperature 291K' 
_exptl_crystal_grow.pdbx_pH_range   . 
# 
_diffrn.id                     1 
_diffrn.ambient_temp           100 
_diffrn.ambient_temp_details   ? 
_diffrn.crystal_id             1 
# 
_diffrn_detector.diffrn_id              1 
_diffrn_detector.detector               CCD 
_diffrn_detector.type                   'ADSC QUANTUM 4' 
_diffrn_detector.pdbx_collection_date   2005-09-20 
_diffrn_detector.details                ? 
# 
_diffrn_radiation.diffrn_id                        1 
_diffrn_radiation.wavelength_id                    1 
_diffrn_radiation.pdbx_monochromatic_or_laue_m_l   M 
_diffrn_radiation.monochromator                    ? 
_diffrn_radiation.pdbx_diffrn_protocol             'SINGLE WAVELENGTH' 
_diffrn_radiation.pdbx_scattering_type             x-ray 
# 
_diffrn_radiation_wavelength.id           1 
_diffrn_radiation_wavelength.wavelength   0.93100 
_diffrn_radiation_wavelength.wt           1.0 
# 
_diffrn_source.diffrn_id                   1 
_diffrn_source.source                      SYNCHROTRON 
_diffrn_source.type                        'ESRF BEAMLINE ID14-3' 
_diffrn_source.pdbx_synchrotron_site       ESRF 
_diffrn_source.pdbx_synchrotron_beamline   ID14-3 
_diffrn_source.pdbx_wavelength             ? 
_diffrn_source.pdbx_wavelength_list        0.93100 
# 
_reflns.entry_id                     2FSD 
_reflns.observed_criterion_sigma_I   0 
_reflns.observed_criterion_sigma_F   0 
_reflns.d_resolution_low             32.70 
_reflns.d_resolution_high            2.3 
_reflns.number_obs                   12327 
_reflns.number_all                   12327 
_reflns.percent_possible_obs         99.7 
_reflns.pdbx_Rmerge_I_obs            ? 
_reflns.pdbx_Rsym_value              ? 
_reflns.pdbx_netI_over_sigmaI        ? 
_reflns.B_iso_Wilson_estimate        ? 
_reflns.pdbx_redundancy              ? 
_reflns.R_free_details               ? 
_reflns.limit_h_max                  ? 
_reflns.limit_h_min                  ? 
_reflns.limit_k_max                  ? 
_reflns.limit_k_min                  ? 
_reflns.limit_l_max                  ? 
_reflns.limit_l_min                  ? 
_reflns.observed_criterion_F_max     ? 
_reflns.observed_criterion_F_min     ? 
_reflns.pdbx_chi_squared             ? 
_reflns.pdbx_scaling_rejects         ? 
_reflns.pdbx_diffrn_id               1 
_reflns.pdbx_ordinal                 1 
# 
_reflns_shell.d_res_high             2.30 
_reflns_shell.d_res_low              2.42 
_reflns_shell.percent_possible_all   99.7 
_reflns_shell.Rmerge_I_obs           ? 
_reflns_shell.pdbx_Rsym_value        ? 
_reflns_shell.meanI_over_sigI_obs    ? 
_reflns_shell.pdbx_redundancy        ? 
_reflns_shell.percent_possible_obs   ? 
_reflns_shell.number_unique_all      ? 
_reflns_shell.number_measured_all    ? 
_reflns_shell.number_measured_obs    ? 
_reflns_shell.number_unique_obs      ? 
_reflns_shell.pdbx_chi_squared       ? 
_reflns_shell.pdbx_diffrn_id         ? 
_reflns_shell.pdbx_ordinal           1 
# 
_refine.entry_id                                 2FSD 
_refine.ls_number_reflns_obs                     11702 
_refine.ls_number_reflns_all                     11702 
_refine.pdbx_ls_sigma_I                          ? 
_refine.pdbx_ls_sigma_F                          0 
_refine.pdbx_data_cutoff_high_absF               ? 
_refine.pdbx_data_cutoff_low_absF                ? 
_refine.pdbx_data_cutoff_high_rms_absF           ? 
_refine.ls_d_res_low                             23.8 
_refine.ls_d_res_high                            2.30 
_refine.ls_percent_reflns_obs                    99.72 
_refine.ls_R_factor_obs                          0.24305 
_refine.ls_R_factor_all                          0.24305 
_refine.ls_R_factor_R_work                       0.24176 
_refine.ls_R_factor_R_free                       0.26801 
_refine.ls_R_factor_R_free_error                 ? 
_refine.ls_R_factor_R_free_error_details         ? 
_refine.ls_percent_reflns_R_free                 4.9 
_refine.ls_number_reflns_R_free                  606 
_refine.ls_number_parameters                     ? 
_refine.ls_number_restraints                     ? 
_refine.occupancy_min                            ? 
_refine.occupancy_max                            ? 
_refine.correlation_coeff_Fo_to_Fc               .873 
_refine.correlation_coeff_Fo_to_Fc_free          .860 
_refine.B_iso_mean                               20.229 
_refine.aniso_B[1][1]                            -.06 
_refine.aniso_B[2][2]                            -.06 
_refine.aniso_B[3][3]                            .08 
_refine.aniso_B[1][2]                            -.03 
_refine.aniso_B[1][3]                            .00 
_refine.aniso_B[2][3]                            .00 
_refine.solvent_model_details                    MASK 
_refine.solvent_model_param_ksol                 ? 
_refine.solvent_model_param_bsol                 ? 
_refine.pdbx_solvent_vdw_probe_radii             1.20 
_refine.pdbx_solvent_ion_probe_radii             .80 
_refine.pdbx_solvent_shrinkage_radii             .80 
_refine.pdbx_ls_cross_valid_method               THROUGHOUT 
_refine.details                                  'HYDROGENS HAVE BEEN ADDED IN THE RIDING POSITIONS' 
_refine.pdbx_starting_model                      ? 
_refine.pdbx_method_to_determine_struct          SAD 
_refine.pdbx_isotropic_thermal_model             ? 
_refine.pdbx_stereochemistry_target_values       'MAXIMUM LIKELIHOOD' 
_refine.pdbx_stereochem_target_val_spec_case     ? 
_refine.pdbx_R_Free_selection_details            RANDOM 
_refine.pdbx_overall_ESU_R                       .335 
_refine.pdbx_overall_ESU_R_Free                  .240 
_refine.overall_SU_ML                            .185 
_refine.overall_SU_B                             7.333 
_refine.ls_redundancy_reflns_obs                 ? 
_refine.B_iso_min                                ? 
_refine.B_iso_max                                ? 
_refine.overall_SU_R_Cruickshank_DPI             ? 
_refine.overall_SU_R_free                        ? 
_refine.ls_wR_factor_R_free                      ? 
_refine.ls_wR_factor_R_work                      ? 
_refine.overall_FOM_free_R_set                   ? 
_refine.overall_FOM_work_R_set                   ? 
_refine.pdbx_overall_phase_error                 ? 
_refine.pdbx_refine_id                           'X-RAY DIFFRACTION' 
_refine.pdbx_diffrn_id                           1 
_refine.pdbx_TLS_residual_ADP_flag               ? 
_refine.pdbx_overall_SU_R_free_Cruickshank_DPI   ? 
_refine.pdbx_overall_SU_R_Blow_DPI               ? 
_refine.pdbx_overall_SU_R_free_Blow_DPI          ? 
# 
_refine_analyze.entry_id                        2FSD 
_refine_analyze.Luzzati_coordinate_error_obs    ? 
_refine_analyze.Luzzati_sigma_a_obs             ? 
_refine_analyze.Luzzati_d_res_low_obs           ? 
_refine_analyze.Luzzati_coordinate_error_free   0.240 
_refine_analyze.Luzzati_sigma_a_free            ? 
_refine_analyze.Luzzati_d_res_low_free          ? 
_refine_analyze.number_disordered_residues      ? 
_refine_analyze.occupancy_sum_hydrogen          ? 
_refine_analyze.occupancy_sum_non_hydrogen      ? 
_refine_analyze.pdbx_Luzzati_d_res_high_obs     ? 
_refine_analyze.pdbx_refine_id                  'X-RAY DIFFRACTION' 
# 
_refine_hist.pdbx_refine_id                   'X-RAY DIFFRACTION' 
_refine_hist.cycle_id                         LAST 
_refine_hist.pdbx_number_atoms_protein        1610 
_refine_hist.pdbx_number_atoms_nucleic_acid   0 
_refine_hist.pdbx_number_atoms_ligand         0 
_refine_hist.number_atoms_solvent             98 
_refine_hist.number_atoms_total               1708 
_refine_hist.d_res_high                       2.30 
_refine_hist.d_res_low                        23.8 
# 
loop_
_refine_ls_restr.type 
_refine_ls_restr.dev_ideal 
_refine_ls_restr.dev_ideal_target 
_refine_ls_restr.weight 
_refine_ls_restr.number 
_refine_ls_restr.pdbx_refine_id 
_refine_ls_restr.pdbx_restraint_function 
r_bond_refined_d         .011   .022   ? 1652 'X-RAY DIFFRACTION' ? 
r_bond_other_d           .001   .020   ? 1500 'X-RAY DIFFRACTION' ? 
r_angle_refined_deg      1.218  1.963  ? 2266 'X-RAY DIFFRACTION' ? 
r_angle_other_deg        .779   3.000  ? 3498 'X-RAY DIFFRACTION' ? 
r_dihedral_angle_1_deg   6.531  5.000  ? 218  'X-RAY DIFFRACTION' ? 
r_dihedral_angle_2_deg   36.899 24.667 ? 60   'X-RAY DIFFRACTION' ? 
r_dihedral_angle_3_deg   14.882 15.000 ? 228  'X-RAY DIFFRACTION' ? 
r_dihedral_angle_4_deg   13.955 15.000 ? 6    'X-RAY DIFFRACTION' ? 
r_chiral_restr           .071   .200   ? 264  'X-RAY DIFFRACTION' ? 
r_gen_planes_refined     .004   .020   ? 1862 'X-RAY DIFFRACTION' ? 
r_gen_planes_other       .001   .020   ? 310  'X-RAY DIFFRACTION' ? 
r_nbd_refined            .189   .200   ? 292  'X-RAY DIFFRACTION' ? 
r_nbd_other              .181   .200   ? 1516 'X-RAY DIFFRACTION' ? 
r_nbtor_refined          .172   .200   ? 792  'X-RAY DIFFRACTION' ? 
r_nbtor_other            .086   .200   ? 937  'X-RAY DIFFRACTION' ? 
r_xyhbond_nbd_refined    .199   .200   ? 84   'X-RAY DIFFRACTION' ? 
r_xyhbond_nbd_other      .000   .200   ? 1    'X-RAY DIFFRACTION' ? 
r_symmetry_vdw_refined   .187   .200   ? 8    'X-RAY DIFFRACTION' ? 
r_symmetry_vdw_other     .258   .200   ? 20   'X-RAY DIFFRACTION' ? 
r_symmetry_hbond_refined .116   .200   ? 10   'X-RAY DIFFRACTION' ? 
r_mcbond_it              .651   1.500  ? 1383 'X-RAY DIFFRACTION' ? 
r_mcbond_other           .089   1.500  ? 446  'X-RAY DIFFRACTION' ? 
r_mcangle_it             .777   2.000  ? 1784 'X-RAY DIFFRACTION' ? 
r_scbond_it              .957   3.000  ? 642  'X-RAY DIFFRACTION' ? 
r_scangle_it             1.395  4.500  ? 482  'X-RAY DIFFRACTION' ? 
# 
_refine_ls_shell.pdbx_total_number_of_bins_used   20 
_refine_ls_shell.d_res_high                       2.300 
_refine_ls_shell.d_res_low                        2.359 
_refine_ls_shell.number_reflns_R_work             837 
_refine_ls_shell.R_factor_R_work                  0.255 
_refine_ls_shell.percent_reflns_obs               99.66 
_refine_ls_shell.R_factor_R_free                  0.337 
_refine_ls_shell.R_factor_R_free_error            ? 
_refine_ls_shell.percent_reflns_R_free            ? 
_refine_ls_shell.number_reflns_R_free             52 
_refine_ls_shell.number_reflns_all                ? 
_refine_ls_shell.R_factor_all                     ? 
_refine_ls_shell.number_reflns_obs                ? 
_refine_ls_shell.redundancy_reflns_obs            ? 
_refine_ls_shell.pdbx_refine_id                   'X-RAY DIFFRACTION' 
# 
_struct.entry_id                  2FSD 
_struct.title                     
'A Common Fold for the Receptor Binding Domains of Lactococcal Phages? The Crystal Structure of the Head Domain of Phage bIL170' 
_struct.pdbx_model_details        ? 
_struct.pdbx_CASP_flag            ? 
_struct.pdbx_model_type_details   ? 
# 
_struct_keywords.entry_id        2FSD 
_struct_keywords.pdbx_keywords   'VIRAL PROTEIN' 
_struct_keywords.text            'Phage, Lactococcus lactis, receptor binding protein, head domain, VIRAL PROTEIN' 
# 
loop_
_struct_asym.id 
_struct_asym.pdbx_blank_PDB_chainid_flag 
_struct_asym.pdbx_modified 
_struct_asym.entity_id 
_struct_asym.details 
A N N 1 ? 
B N N 1 ? 
C N N 2 ? 
D N N 2 ? 
# 
_struct_ref.id                         1 
_struct_ref.db_name                    UNP 
_struct_ref.db_code                    O80120_9CAUD 
_struct_ref.pdbx_db_accession          O80120 
_struct_ref.entity_id                  1 
_struct_ref.pdbx_align_begin           137 
_struct_ref.pdbx_seq_one_letter_code   ? 
_struct_ref.pdbx_db_isoform            ? 
# 
loop_
_struct_ref_seq.align_id 
_struct_ref_seq.ref_id 
_struct_ref_seq.pdbx_PDB_id_code 
_struct_ref_seq.pdbx_strand_id 
_struct_ref_seq.seq_align_beg 
_struct_ref_seq.pdbx_seq_align_beg_ins_code 
_struct_ref_seq.seq_align_end 
_struct_ref_seq.pdbx_seq_align_end_ins_code 
_struct_ref_seq.pdbx_db_accession 
_struct_ref_seq.db_align_beg 
_struct_ref_seq.pdbx_db_align_beg_ins_code 
_struct_ref_seq.db_align_end 
_struct_ref_seq.pdbx_db_align_end_ins_code 
_struct_ref_seq.pdbx_auth_seq_align_beg 
_struct_ref_seq.pdbx_auth_seq_align_end 
1 1 2FSD A 30 ? 142 ? O80120 137 ? 267 ? 1 113 
2 1 2FSD B 30 ? 142 ? O80120 137 ? 267 ? 1 113 
# 
loop_
_struct_ref_seq_dif.align_id 
_struct_ref_seq_dif.pdbx_pdb_id_code 
_struct_ref_seq_dif.mon_id 
_struct_ref_seq_dif.pdbx_pdb_strand_id 
_struct_ref_seq_dif.seq_num 
_struct_ref_seq_dif.pdbx_pdb_ins_code 
_struct_ref_seq_dif.pdbx_seq_db_name 
_struct_ref_seq_dif.pdbx_seq_db_accession_code 
_struct_ref_seq_dif.db_mon_id 
_struct_ref_seq_dif.pdbx_seq_db_seq_num 
_struct_ref_seq_dif.details 
_struct_ref_seq_dif.pdbx_auth_seq_num 
_struct_ref_seq_dif.pdbx_ordinal 
1 2FSD MET A 1  ? UNP O80120 ? ? 'cloning artifact' -28 1  
1 2FSD SER A 2  ? UNP O80120 ? ? 'cloning artifact' -27 2  
1 2FSD TYR A 3  ? UNP O80120 ? ? 'cloning artifact' -26 3  
1 2FSD TYR A 4  ? UNP O80120 ? ? 'cloning artifact' -25 4  
1 2FSD HIS A 5  ? UNP O80120 ? ? 'expression tag'   -24 5  
1 2FSD HIS A 6  ? UNP O80120 ? ? 'expression tag'   -23 6  
1 2FSD HIS A 7  ? UNP O80120 ? ? 'expression tag'   -22 7  
1 2FSD HIS A 8  ? UNP O80120 ? ? 'expression tag'   -21 8  
1 2FSD HIS A 9  ? UNP O80120 ? ? 'expression tag'   -20 9  
1 2FSD HIS A 10 ? UNP O80120 ? ? 'expression tag'   -19 10 
1 2FSD LEU A 11 ? UNP O80120 ? ? 'cloning artifact' -18 11 
1 2FSD GLU A 12 ? UNP O80120 ? ? 'cloning artifact' -17 12 
1 2FSD SER A 13 ? UNP O80120 ? ? 'cloning artifact' -16 13 
1 2FSD THR A 14 ? UNP O80120 ? ? 'cloning artifact' -15 14 
1 2FSD SER A 15 ? UNP O80120 ? ? 'cloning artifact' -14 15 
1 2FSD LEU A 16 ? UNP O80120 ? ? 'cloning artifact' -13 16 
1 2FSD TYR A 17 ? UNP O80120 ? ? 'cloning artifact' -12 17 
1 2FSD LYS A 18 ? UNP O80120 ? ? 'cloning artifact' -11 18 
1 2FSD LYS A 19 ? UNP O80120 ? ? 'cloning artifact' -10 19 
1 2FSD ALA A 20 ? UNP O80120 ? ? 'cloning artifact' -9  20 
1 2FSD GLY A 21 ? UNP O80120 ? ? 'cloning artifact' -8  21 
1 2FSD SER A 22 ? UNP O80120 ? ? 'cloning artifact' -7  22 
1 2FSD GLU A 23 ? UNP O80120 ? ? 'cloning artifact' -6  23 
1 2FSD ASN A 24 ? UNP O80120 ? ? 'cloning artifact' -5  24 
1 2FSD LEU A 25 ? UNP O80120 ? ? 'cloning artifact' -4  25 
1 2FSD TYR A 26 ? UNP O80120 ? ? 'cloning artifact' -3  26 
1 2FSD PHE A 27 ? UNP O80120 ? ? 'cloning artifact' -2  27 
1 2FSD GLN A 28 ? UNP O80120 ? ? 'cloning artifact' -1  28 
1 2FSD GLY A 29 ? UNP O80120 ? ? 'cloning artifact' 0   29 
2 2FSD MET B 1  ? UNP O80120 ? ? 'cloning artifact' -28 30 
2 2FSD SER B 2  ? UNP O80120 ? ? 'cloning artifact' -27 31 
2 2FSD TYR B 3  ? UNP O80120 ? ? 'cloning artifact' -26 32 
2 2FSD TYR B 4  ? UNP O80120 ? ? 'cloning artifact' -25 33 
2 2FSD HIS B 5  ? UNP O80120 ? ? 'expression tag'   -24 34 
2 2FSD HIS B 6  ? UNP O80120 ? ? 'expression tag'   -23 35 
2 2FSD HIS B 7  ? UNP O80120 ? ? 'expression tag'   -22 36 
2 2FSD HIS B 8  ? UNP O80120 ? ? 'expression tag'   -21 37 
2 2FSD HIS B 9  ? UNP O80120 ? ? 'expression tag'   -20 38 
2 2FSD HIS B 10 ? UNP O80120 ? ? 'expression tag'   -19 39 
2 2FSD LEU B 11 ? UNP O80120 ? ? 'cloning artifact' -18 40 
2 2FSD GLU B 12 ? UNP O80120 ? ? 'cloning artifact' -17 41 
2 2FSD SER B 13 ? UNP O80120 ? ? 'cloning artifact' -16 42 
2 2FSD THR B 14 ? UNP O80120 ? ? 'cloning artifact' -15 43 
2 2FSD SER B 15 ? UNP O80120 ? ? 'cloning artifact' -14 44 
2 2FSD LEU B 16 ? UNP O80120 ? ? 'cloning artifact' -13 45 
2 2FSD TYR B 17 ? UNP O80120 ? ? 'cloning artifact' -12 46 
2 2FSD LYS B 18 ? UNP O80120 ? ? 'cloning artifact' -11 47 
2 2FSD LYS B 19 ? UNP O80120 ? ? 'cloning artifact' -10 48 
2 2FSD ALA B 20 ? UNP O80120 ? ? 'cloning artifact' -9  49 
2 2FSD GLY B 21 ? UNP O80120 ? ? 'cloning artifact' -8  50 
2 2FSD SER B 22 ? UNP O80120 ? ? 'cloning artifact' -7  51 
2 2FSD GLU B 23 ? UNP O80120 ? ? 'cloning artifact' -6  52 
2 2FSD ASN B 24 ? UNP O80120 ? ? 'cloning artifact' -5  53 
2 2FSD LEU B 25 ? UNP O80120 ? ? 'cloning artifact' -4  54 
2 2FSD TYR B 26 ? UNP O80120 ? ? 'cloning artifact' -3  55 
2 2FSD PHE B 27 ? UNP O80120 ? ? 'cloning artifact' -2  56 
2 2FSD GLN B 28 ? UNP O80120 ? ? 'cloning artifact' -1  57 
2 2FSD GLY B 29 ? UNP O80120 ? ? 'cloning artifact' 0   58 
# 
_pdbx_struct_assembly.id                   1 
_pdbx_struct_assembly.details              author_defined_assembly 
_pdbx_struct_assembly.method_details       ? 
_pdbx_struct_assembly.oligomeric_details   dimeric 
_pdbx_struct_assembly.oligomeric_count     2 
# 
_pdbx_struct_assembly_gen.assembly_id       1 
_pdbx_struct_assembly_gen.oper_expression   1 
_pdbx_struct_assembly_gen.asym_id_list      A,B,C,D 
# 
_pdbx_struct_oper_list.id                   1 
_pdbx_struct_oper_list.type                 'identity operation' 
_pdbx_struct_oper_list.name                 1_555 
_pdbx_struct_oper_list.symmetry_operation   x,y,z 
_pdbx_struct_oper_list.matrix[1][1]         1.0000000000 
_pdbx_struct_oper_list.matrix[1][2]         0.0000000000 
_pdbx_struct_oper_list.matrix[1][3]         0.0000000000 
_pdbx_struct_oper_list.vector[1]            0.0000000000 
_pdbx_struct_oper_list.matrix[2][1]         0.0000000000 
_pdbx_struct_oper_list.matrix[2][2]         1.0000000000 
_pdbx_struct_oper_list.matrix[2][3]         0.0000000000 
_pdbx_struct_oper_list.vector[2]            0.0000000000 
_pdbx_struct_oper_list.matrix[3][1]         0.0000000000 
_pdbx_struct_oper_list.matrix[3][2]         0.0000000000 
_pdbx_struct_oper_list.matrix[3][3]         1.0000000000 
_pdbx_struct_oper_list.vector[3]            0.0000000000 
# 
_struct_biol.id                    1 
_struct_biol.details               'The biological assembly is a trimer. The crystal assymmetric unit contains a dimer' 
_struct_biol.pdbx_parent_biol_id   ? 
# 
loop_
_struct_conf.conf_type_id 
_struct_conf.id 
_struct_conf.pdbx_PDB_helix_id 
_struct_conf.beg_label_comp_id 
_struct_conf.beg_label_asym_id 
_struct_conf.beg_label_seq_id 
_struct_conf.pdbx_beg_PDB_ins_code 
_struct_conf.end_label_comp_id 
_struct_conf.end_label_asym_id 
_struct_conf.end_label_seq_id 
_struct_conf.pdbx_end_PDB_ins_code 
_struct_conf.beg_auth_comp_id 
_struct_conf.beg_auth_asym_id 
_struct_conf.beg_auth_seq_id 
_struct_conf.end_auth_comp_id 
_struct_conf.end_auth_asym_id 
_struct_conf.end_auth_seq_id 
_struct_conf.pdbx_PDB_helix_class 
_struct_conf.details 
_struct_conf.pdbx_PDB_helix_length 
HELX_P HELX_P1 1 PRO A 84 ? GLY A 88 ? PRO A 55 GLY A 59 5 ? 5 
HELX_P HELX_P2 2 PRO B 84 ? GLY B 88 ? PRO B 55 GLY B 59 5 ? 5 
# 
_struct_conf_type.id          HELX_P 
_struct_conf_type.criteria    ? 
_struct_conf_type.reference   ? 
# 
loop_
_struct_sheet.id 
_struct_sheet.type 
_struct_sheet.number_strands 
_struct_sheet.details 
A ? 9 ? 
B ? 9 ? 
# 
loop_
_struct_sheet_order.sheet_id 
_struct_sheet_order.range_id_1 
_struct_sheet_order.range_id_2 
_struct_sheet_order.offset 
_struct_sheet_order.sense 
A 1 2 ? anti-parallel 
A 2 3 ? anti-parallel 
A 3 4 ? anti-parallel 
A 4 5 ? anti-parallel 
A 5 6 ? anti-parallel 
A 6 7 ? anti-parallel 
A 7 8 ? anti-parallel 
A 8 9 ? anti-parallel 
B 1 2 ? anti-parallel 
B 2 3 ? anti-parallel 
B 3 4 ? anti-parallel 
B 4 5 ? anti-parallel 
B 5 6 ? anti-parallel 
B 6 7 ? anti-parallel 
B 7 8 ? anti-parallel 
B 8 9 ? anti-parallel 
# 
loop_
_struct_sheet_range.sheet_id 
_struct_sheet_range.id 
_struct_sheet_range.beg_label_comp_id 
_struct_sheet_range.beg_label_asym_id 
_struct_sheet_range.beg_label_seq_id 
_struct_sheet_range.pdbx_beg_PDB_ins_code 
_struct_sheet_range.end_label_comp_id 
_struct_sheet_range.end_label_asym_id 
_struct_sheet_range.end_label_seq_id 
_struct_sheet_range.pdbx_end_PDB_ins_code 
_struct_sheet_range.beg_auth_comp_id 
_struct_sheet_range.beg_auth_asym_id 
_struct_sheet_range.beg_auth_seq_id 
_struct_sheet_range.end_auth_comp_id 
_struct_sheet_range.end_auth_asym_id 
_struct_sheet_range.end_auth_seq_id 
A 1 ILE A 34  ? ASP A 38  ? ILE A 5   ASP A 9   
A 2 ILE A 50  ? ILE A 56  ? ILE A 21  ILE A 27  
A 3 VAL A 59  ? PRO A 68  ? VAL A 30  PRO A 39  
A 4 THR A 132 ? PRO A 140 ? THR A 103 PRO A 111 
A 5 PHE A 94  ? SER A 102 ? PHE A 65  SER A 73  
A 6 ASN A 105 ? SER A 114 ? ASN A 76  SER A 85  
A 7 GLY A 117 ? GLY A 121 ? GLY A 88  GLY A 92  
A 8 ILE A 77  ? THR A 82  ? ILE A 48  THR A 53  
A 9 ASN A 40  ? ARG A 41  ? ASN A 11  ARG A 12  
B 1 ILE B 34  ? ASP B 38  ? ILE B 5   ASP B 9   
B 2 ILE B 50  ? ILE B 56  ? ILE B 21  ILE B 27  
B 3 VAL B 59  ? PRO B 68  ? VAL B 30  PRO B 39  
B 4 THR B 132 ? PRO B 140 ? THR B 103 PRO B 111 
B 5 PHE B 94  ? SER B 102 ? PHE B 65  SER B 73  
B 6 ASN B 105 ? SER B 114 ? ASN B 76  SER B 85  
B 7 GLY B 117 ? GLY B 121 ? GLY B 88  GLY B 92  
B 8 ILE B 77  ? THR B 82  ? ILE B 48  THR B 53  
B 9 ASN B 40  ? ARG B 41  ? ASN B 11  ARG B 12  
# 
loop_
_pdbx_struct_sheet_hbond.sheet_id 
_pdbx_struct_sheet_hbond.range_id_1 
_pdbx_struct_sheet_hbond.range_id_2 
_pdbx_struct_sheet_hbond.range_1_label_atom_id 
_pdbx_struct_sheet_hbond.range_1_label_comp_id 
_pdbx_struct_sheet_hbond.range_1_label_asym_id 
_pdbx_struct_sheet_hbond.range_1_label_seq_id 
_pdbx_struct_sheet_hbond.range_1_PDB_ins_code 
_pdbx_struct_sheet_hbond.range_1_auth_atom_id 
_pdbx_struct_sheet_hbond.range_1_auth_comp_id 
_pdbx_struct_sheet_hbond.range_1_auth_asym_id 
_pdbx_struct_sheet_hbond.range_1_auth_seq_id 
_pdbx_struct_sheet_hbond.range_2_label_atom_id 
_pdbx_struct_sheet_hbond.range_2_label_comp_id 
_pdbx_struct_sheet_hbond.range_2_label_asym_id 
_pdbx_struct_sheet_hbond.range_2_label_seq_id 
_pdbx_struct_sheet_hbond.range_2_PDB_ins_code 
_pdbx_struct_sheet_hbond.range_2_auth_atom_id 
_pdbx_struct_sheet_hbond.range_2_auth_comp_id 
_pdbx_struct_sheet_hbond.range_2_auth_asym_id 
_pdbx_struct_sheet_hbond.range_2_auth_seq_id 
A 1 2 N THR A 37  ? N THR A 8   O ALA A 53  ? O ALA A 24  
A 2 3 N ARG A 54  ? N ARG A 25  O TYR A 61  ? O TYR A 32  
A 3 4 N VAL A 62  ? N VAL A 33  O LEU A 137 ? O LEU A 108 
A 4 5 O SER A 134 ? O SER A 105 N THR A 99  ? N THR A 70  
A 5 6 N SER A 96  ? N SER A 67  O ILE A 111 ? O ILE A 82  
A 6 7 N ASN A 112 ? N ASN A 83  O ALA A 119 ? O ALA A 90  
A 7 8 O VAL A 120 ? O VAL A 91  N VAL A 78  ? N VAL A 49  
A 8 9 O THR A 82  ? O THR A 53  N ASN A 40  ? N ASN A 11  
B 1 2 N ILE B 34  ? N ILE B 5   O ILE B 55  ? O ILE B 26  
B 2 3 N ARG B 54  ? N ARG B 25  O TYR B 61  ? O TYR B 32  
B 3 4 N VAL B 62  ? N VAL B 33  O LEU B 137 ? O LEU B 108 
B 4 5 O THR B 132 ? O THR B 103 N TYR B 101 ? N TYR B 72  
B 5 6 N SER B 96  ? N SER B 67  O ILE B 111 ? O ILE B 82  
B 6 7 N LEU B 110 ? N LEU B 81  O GLY B 121 ? O GLY B 92  
B 7 8 O VAL B 120 ? O VAL B 91  N VAL B 78  ? N VAL B 49  
B 8 9 O THR B 82  ? O THR B 53  N ASN B 40  ? N ASN B 11  
# 
loop_
_pdbx_validate_close_contact.id 
_pdbx_validate_close_contact.PDB_model_num 
_pdbx_validate_close_contact.auth_atom_id_1 
_pdbx_validate_close_contact.auth_asym_id_1 
_pdbx_validate_close_contact.auth_comp_id_1 
_pdbx_validate_close_contact.auth_seq_id_1 
_pdbx_validate_close_contact.PDB_ins_code_1 
_pdbx_validate_close_contact.label_alt_id_1 
_pdbx_validate_close_contact.auth_atom_id_2 
_pdbx_validate_close_contact.auth_asym_id_2 
_pdbx_validate_close_contact.auth_comp_id_2 
_pdbx_validate_close_contact.auth_seq_id_2 
_pdbx_validate_close_contact.PDB_ins_code_2 
_pdbx_validate_close_contact.label_alt_id_2 
_pdbx_validate_close_contact.dist 
1 1 O B HOH 131 ? ? O B HOH 167 ? ? 2.00 
2 1 O A HOH 135 ? ? O A HOH 146 ? ? 2.17 
# 
loop_
_pdbx_validate_torsion.id 
_pdbx_validate_torsion.PDB_model_num 
_pdbx_validate_torsion.auth_comp_id 
_pdbx_validate_torsion.auth_asym_id 
_pdbx_validate_torsion.auth_seq_id 
_pdbx_validate_torsion.PDB_ins_code 
_pdbx_validate_torsion.label_alt_id 
_pdbx_validate_torsion.phi 
_pdbx_validate_torsion.psi 
1 1 ASN A 46 ? ? 75.35  -1.35  
2 1 ASN A 61 ? ? -79.64 41.10  
3 1 PRO B 55 ? ? -48.51 158.44 
# 
loop_
_pdbx_unobs_or_zero_occ_residues.id 
_pdbx_unobs_or_zero_occ_residues.PDB_model_num 
_pdbx_unobs_or_zero_occ_residues.polymer_flag 
_pdbx_unobs_or_zero_occ_residues.occupancy_flag 
_pdbx_unobs_or_zero_occ_residues.auth_asym_id 
_pdbx_unobs_or_zero_occ_residues.auth_comp_id 
_pdbx_unobs_or_zero_occ_residues.auth_seq_id 
_pdbx_unobs_or_zero_occ_residues.PDB_ins_code 
_pdbx_unobs_or_zero_occ_residues.label_asym_id 
_pdbx_unobs_or_zero_occ_residues.label_comp_id 
_pdbx_unobs_or_zero_occ_residues.label_seq_id 
1  1 Y 1 A MET -28 ? A MET 1  
2  1 Y 1 A SER -27 ? A SER 2  
3  1 Y 1 A TYR -26 ? A TYR 3  
4  1 Y 1 A TYR -25 ? A TYR 4  
5  1 Y 1 A HIS -24 ? A HIS 5  
6  1 Y 1 A HIS -23 ? A HIS 6  
7  1 Y 1 A HIS -22 ? A HIS 7  
8  1 Y 1 A HIS -21 ? A HIS 8  
9  1 Y 1 A HIS -20 ? A HIS 9  
10 1 Y 1 A HIS -19 ? A HIS 10 
11 1 Y 1 A LEU -18 ? A LEU 11 
12 1 Y 1 A GLU -17 ? A GLU 12 
13 1 Y 1 A SER -16 ? A SER 13 
14 1 Y 1 A THR -15 ? A THR 14 
15 1 Y 1 A SER -14 ? A SER 15 
16 1 Y 1 A LEU -13 ? A LEU 16 
17 1 Y 1 A TYR -12 ? A TYR 17 
18 1 Y 1 A LYS -11 ? A LYS 18 
19 1 Y 1 A LYS -10 ? A LYS 19 
20 1 Y 1 A ALA -9  ? A ALA 20 
21 1 Y 1 A GLY -8  ? A GLY 21 
22 1 Y 1 A SER -7  ? A SER 22 
23 1 Y 1 A GLU -6  ? A GLU 23 
24 1 Y 1 A ASN -5  ? A ASN 24 
25 1 Y 1 A LEU -4  ? A LEU 25 
26 1 Y 1 A TYR -3  ? A TYR 26 
27 1 Y 1 A PHE -2  ? A PHE 27 
28 1 Y 1 A GLN -1  ? A GLN 28 
29 1 Y 1 A GLY 0   ? A GLY 29 
30 1 Y 1 A ASN 1   ? A ASN 30 
31 1 Y 1 A LYS 2   ? A LYS 31 
32 1 Y 1 A LYS 3   ? A LYS 32 
33 1 Y 1 B MET -28 ? B MET 1  
34 1 Y 1 B SER -27 ? B SER 2  
35 1 Y 1 B TYR -26 ? B TYR 3  
36 1 Y 1 B TYR -25 ? B TYR 4  
37 1 Y 1 B HIS -24 ? B HIS 5  
38 1 Y 1 B HIS -23 ? B HIS 6  
39 1 Y 1 B HIS -22 ? B HIS 7  
40 1 Y 1 B HIS -21 ? B HIS 8  
41 1 Y 1 B HIS -20 ? B HIS 9  
42 1 Y 1 B HIS -19 ? B HIS 10 
43 1 Y 1 B LEU -18 ? B LEU 11 
44 1 Y 1 B GLU -17 ? B GLU 12 
45 1 Y 1 B SER -16 ? B SER 13 
46 1 Y 1 B THR -15 ? B THR 14 
47 1 Y 1 B SER -14 ? B SER 15 
48 1 Y 1 B LEU -13 ? B LEU 16 
49 1 Y 1 B TYR -12 ? B TYR 17 
50 1 Y 1 B LYS -11 ? B LYS 18 
51 1 Y 1 B LYS -10 ? B LYS 19 
52 1 Y 1 B ALA -9  ? B ALA 20 
53 1 Y 1 B GLY -8  ? B GLY 21 
54 1 Y 1 B SER -7  ? B SER 22 
55 1 Y 1 B GLU -6  ? B GLU 23 
56 1 Y 1 B ASN -5  ? B ASN 24 
57 1 Y 1 B LEU -4  ? B LEU 25 
58 1 Y 1 B TYR -3  ? B TYR 26 
59 1 Y 1 B PHE -2  ? B PHE 27 
60 1 Y 1 B GLN -1  ? B GLN 28 
61 1 Y 1 B GLY 0   ? B GLY 29 
62 1 Y 1 B ASN 1   ? B ASN 30 
63 1 Y 1 B LYS 2   ? B LYS 31 
64 1 Y 1 B LYS 3   ? B LYS 32 
# 
loop_
_chem_comp_atom.comp_id 
_chem_comp_atom.atom_id 
_chem_comp_atom.type_symbol 
_chem_comp_atom.pdbx_aromatic_flag 
_chem_comp_atom.pdbx_stereo_config 
_chem_comp_atom.pdbx_ordinal 
ALA N    N N N 1   
ALA CA   C N S 2   
ALA C    C N N 3   
ALA O    O N N 4   
ALA CB   C N N 5   
ALA OXT  O N N 6   
ALA H    H N N 7   
ALA H2   H N N 8   
ALA HA   H N N 9   
ALA HB1  H N N 10  
ALA HB2  H N N 11  
ALA HB3  H N N 12  
ALA HXT  H N N 13  
ARG N    N N N 14  
ARG CA   C N S 15  
ARG C    C N N 16  
ARG O    O N N 17  
ARG CB   C N N 18  
ARG CG   C N N 19  
ARG CD   C N N 20  
ARG NE   N N N 21  
ARG CZ   C N N 22  
ARG NH1  N N N 23  
ARG NH2  N N N 24  
ARG OXT  O N N 25  
ARG H    H N N 26  
ARG H2   H N N 27  
ARG HA   H N N 28  
ARG HB2  H N N 29  
ARG HB3  H N N 30  
ARG HG2  H N N 31  
ARG HG3  H N N 32  
ARG HD2  H N N 33  
ARG HD3  H N N 34  
ARG HE   H N N 35  
ARG HH11 H N N 36  
ARG HH12 H N N 37  
ARG HH21 H N N 38  
ARG HH22 H N N 39  
ARG HXT  H N N 40  
ASN N    N N N 41  
ASN CA   C N S 42  
ASN C    C N N 43  
ASN O    O N N 44  
ASN CB   C N N 45  
ASN CG   C N N 46  
ASN OD1  O N N 47  
ASN ND2  N N N 48  
ASN OXT  O N N 49  
ASN H    H N N 50  
ASN H2   H N N 51  
ASN HA   H N N 52  
ASN HB2  H N N 53  
ASN HB3  H N N 54  
ASN HD21 H N N 55  
ASN HD22 H N N 56  
ASN HXT  H N N 57  
ASP N    N N N 58  
ASP CA   C N S 59  
ASP C    C N N 60  
ASP O    O N N 61  
ASP CB   C N N 62  
ASP CG   C N N 63  
ASP OD1  O N N 64  
ASP OD2  O N N 65  
ASP OXT  O N N 66  
ASP H    H N N 67  
ASP H2   H N N 68  
ASP HA   H N N 69  
ASP HB2  H N N 70  
ASP HB3  H N N 71  
ASP HD2  H N N 72  
ASP HXT  H N N 73  
GLN N    N N N 74  
GLN CA   C N S 75  
GLN C    C N N 76  
GLN O    O N N 77  
GLN CB   C N N 78  
GLN CG   C N N 79  
GLN CD   C N N 80  
GLN OE1  O N N 81  
GLN NE2  N N N 82  
GLN OXT  O N N 83  
GLN H    H N N 84  
GLN H2   H N N 85  
GLN HA   H N N 86  
GLN HB2  H N N 87  
GLN HB3  H N N 88  
GLN HG2  H N N 89  
GLN HG3  H N N 90  
GLN HE21 H N N 91  
GLN HE22 H N N 92  
GLN HXT  H N N 93  
GLU N    N N N 94  
GLU CA   C N S 95  
GLU C    C N N 96  
GLU O    O N N 97  
GLU CB   C N N 98  
GLU CG   C N N 99  
GLU CD   C N N 100 
GLU OE1  O N N 101 
GLU OE2  O N N 102 
GLU OXT  O N N 103 
GLU H    H N N 104 
GLU H2   H N N 105 
GLU HA   H N N 106 
GLU HB2  H N N 107 
GLU HB3  H N N 108 
GLU HG2  H N N 109 
GLU HG3  H N N 110 
GLU HE2  H N N 111 
GLU HXT  H N N 112 
GLY N    N N N 113 
GLY CA   C N N 114 
GLY C    C N N 115 
GLY O    O N N 116 
GLY OXT  O N N 117 
GLY H    H N N 118 
GLY H2   H N N 119 
GLY HA2  H N N 120 
GLY HA3  H N N 121 
GLY HXT  H N N 122 
HIS N    N N N 123 
HIS CA   C N S 124 
HIS C    C N N 125 
HIS O    O N N 126 
HIS CB   C N N 127 
HIS CG   C Y N 128 
HIS ND1  N Y N 129 
HIS CD2  C Y N 130 
HIS CE1  C Y N 131 
HIS NE2  N Y N 132 
HIS OXT  O N N 133 
HIS H    H N N 134 
HIS H2   H N N 135 
HIS HA   H N N 136 
HIS HB2  H N N 137 
HIS HB3  H N N 138 
HIS HD1  H N N 139 
HIS HD2  H N N 140 
HIS HE1  H N N 141 
HIS HE2  H N N 142 
HIS HXT  H N N 143 
HOH O    O N N 144 
HOH H1   H N N 145 
HOH H2   H N N 146 
ILE N    N N N 147 
ILE CA   C N S 148 
ILE C    C N N 149 
ILE O    O N N 150 
ILE CB   C N S 151 
ILE CG1  C N N 152 
ILE CG2  C N N 153 
ILE CD1  C N N 154 
ILE OXT  O N N 155 
ILE H    H N N 156 
ILE H2   H N N 157 
ILE HA   H N N 158 
ILE HB   H N N 159 
ILE HG12 H N N 160 
ILE HG13 H N N 161 
ILE HG21 H N N 162 
ILE HG22 H N N 163 
ILE HG23 H N N 164 
ILE HD11 H N N 165 
ILE HD12 H N N 166 
ILE HD13 H N N 167 
ILE HXT  H N N 168 
LEU N    N N N 169 
LEU CA   C N S 170 
LEU C    C N N 171 
LEU O    O N N 172 
LEU CB   C N N 173 
LEU CG   C N N 174 
LEU CD1  C N N 175 
LEU CD2  C N N 176 
LEU OXT  O N N 177 
LEU H    H N N 178 
LEU H2   H N N 179 
LEU HA   H N N 180 
LEU HB2  H N N 181 
LEU HB3  H N N 182 
LEU HG   H N N 183 
LEU HD11 H N N 184 
LEU HD12 H N N 185 
LEU HD13 H N N 186 
LEU HD21 H N N 187 
LEU HD22 H N N 188 
LEU HD23 H N N 189 
LEU HXT  H N N 190 
LYS N    N N N 191 
LYS CA   C N S 192 
LYS C    C N N 193 
LYS O    O N N 194 
LYS CB   C N N 195 
LYS CG   C N N 196 
LYS CD   C N N 197 
LYS CE   C N N 198 
LYS NZ   N N N 199 
LYS OXT  O N N 200 
LYS H    H N N 201 
LYS H2   H N N 202 
LYS HA   H N N 203 
LYS HB2  H N N 204 
LYS HB3  H N N 205 
LYS HG2  H N N 206 
LYS HG3  H N N 207 
LYS HD2  H N N 208 
LYS HD3  H N N 209 
LYS HE2  H N N 210 
LYS HE3  H N N 211 
LYS HZ1  H N N 212 
LYS HZ2  H N N 213 
LYS HZ3  H N N 214 
LYS HXT  H N N 215 
MET N    N N N 216 
MET CA   C N S 217 
MET C    C N N 218 
MET O    O N N 219 
MET CB   C N N 220 
MET CG   C N N 221 
MET SD   S N N 222 
MET CE   C N N 223 
MET OXT  O N N 224 
MET H    H N N 225 
MET H2   H N N 226 
MET HA   H N N 227 
MET HB2  H N N 228 
MET HB3  H N N 229 
MET HG2  H N N 230 
MET HG3  H N N 231 
MET HE1  H N N 232 
MET HE2  H N N 233 
MET HE3  H N N 234 
MET HXT  H N N 235 
PHE N    N N N 236 
PHE CA   C N S 237 
PHE C    C N N 238 
PHE O    O N N 239 
PHE CB   C N N 240 
PHE CG   C Y N 241 
PHE CD1  C Y N 242 
PHE CD2  C Y N 243 
PHE CE1  C Y N 244 
PHE CE2  C Y N 245 
PHE CZ   C Y N 246 
PHE OXT  O N N 247 
PHE H    H N N 248 
PHE H2   H N N 249 
PHE HA   H N N 250 
PHE HB2  H N N 251 
PHE HB3  H N N 252 
PHE HD1  H N N 253 
PHE HD2  H N N 254 
PHE HE1  H N N 255 
PHE HE2  H N N 256 
PHE HZ   H N N 257 
PHE HXT  H N N 258 
PRO N    N N N 259 
PRO CA   C N S 260 
PRO C    C N N 261 
PRO O    O N N 262 
PRO CB   C N N 263 
PRO CG   C N N 264 
PRO CD   C N N 265 
PRO OXT  O N N 266 
PRO H    H N N 267 
PRO HA   H N N 268 
PRO HB2  H N N 269 
PRO HB3  H N N 270 
PRO HG2  H N N 271 
PRO HG3  H N N 272 
PRO HD2  H N N 273 
PRO HD3  H N N 274 
PRO HXT  H N N 275 
SER N    N N N 276 
SER CA   C N S 277 
SER C    C N N 278 
SER O    O N N 279 
SER CB   C N N 280 
SER OG   O N N 281 
SER OXT  O N N 282 
SER H    H N N 283 
SER H2   H N N 284 
SER HA   H N N 285 
SER HB2  H N N 286 
SER HB3  H N N 287 
SER HG   H N N 288 
SER HXT  H N N 289 
THR N    N N N 290 
THR CA   C N S 291 
THR C    C N N 292 
THR O    O N N 293 
THR CB   C N R 294 
THR OG1  O N N 295 
THR CG2  C N N 296 
THR OXT  O N N 297 
THR H    H N N 298 
THR H2   H N N 299 
THR HA   H N N 300 
THR HB   H N N 301 
THR HG1  H N N 302 
THR HG21 H N N 303 
THR HG22 H N N 304 
THR HG23 H N N 305 
THR HXT  H N N 306 
TRP N    N N N 307 
TRP CA   C N S 308 
TRP C    C N N 309 
TRP O    O N N 310 
TRP CB   C N N 311 
TRP CG   C Y N 312 
TRP CD1  C Y N 313 
TRP CD2  C Y N 314 
TRP NE1  N Y N 315 
TRP CE2  C Y N 316 
TRP CE3  C Y N 317 
TRP CZ2  C Y N 318 
TRP CZ3  C Y N 319 
TRP CH2  C Y N 320 
TRP OXT  O N N 321 
TRP H    H N N 322 
TRP H2   H N N 323 
TRP HA   H N N 324 
TRP HB2  H N N 325 
TRP HB3  H N N 326 
TRP HD1  H N N 327 
TRP HE1  H N N 328 
TRP HE3  H N N 329 
TRP HZ2  H N N 330 
TRP HZ3  H N N 331 
TRP HH2  H N N 332 
TRP HXT  H N N 333 
TYR N    N N N 334 
TYR CA   C N S 335 
TYR C    C N N 336 
TYR O    O N N 337 
TYR CB   C N N 338 
TYR CG   C Y N 339 
TYR CD1  C Y N 340 
TYR CD2  C Y N 341 
TYR CE1  C Y N 342 
TYR CE2  C Y N 343 
TYR CZ   C Y N 344 
TYR OH   O N N 345 
TYR OXT  O N N 346 
TYR H    H N N 347 
TYR H2   H N N 348 
TYR HA   H N N 349 
TYR HB2  H N N 350 
TYR HB3  H N N 351 
TYR HD1  H N N 352 
TYR HD2  H N N 353 
TYR HE1  H N N 354 
TYR HE2  H N N 355 
TYR HH   H N N 356 
TYR HXT  H N N 357 
VAL N    N N N 358 
VAL CA   C N S 359 
VAL C    C N N 360 
VAL O    O N N 361 
VAL CB   C N N 362 
VAL CG1  C N N 363 
VAL CG2  C N N 364 
VAL OXT  O N N 365 
VAL H    H N N 366 
VAL H2   H N N 367 
VAL HA   H N N 368 
VAL HB   H N N 369 
VAL HG11 H N N 370 
VAL HG12 H N N 371 
VAL HG13 H N N 372 
VAL HG21 H N N 373 
VAL HG22 H N N 374 
VAL HG23 H N N 375 
VAL HXT  H N N 376 
# 
loop_
_chem_comp_bond.comp_id 
_chem_comp_bond.atom_id_1 
_chem_comp_bond.atom_id_2 
_chem_comp_bond.value_order 
_chem_comp_bond.pdbx_aromatic_flag 
_chem_comp_bond.pdbx_stereo_config 
_chem_comp_bond.pdbx_ordinal 
ALA N   CA   sing N N 1   
ALA N   H    sing N N 2   
ALA N   H2   sing N N 3   
ALA CA  C    sing N N 4   
ALA CA  CB   sing N N 5   
ALA CA  HA   sing N N 6   
ALA C   O    doub N N 7   
ALA C   OXT  sing N N 8   
ALA CB  HB1  sing N N 9   
ALA CB  HB2  sing N N 10  
ALA CB  HB3  sing N N 11  
ALA OXT HXT  sing N N 12  
ARG N   CA   sing N N 13  
ARG N   H    sing N N 14  
ARG N   H2   sing N N 15  
ARG CA  C    sing N N 16  
ARG CA  CB   sing N N 17  
ARG CA  HA   sing N N 18  
ARG C   O    doub N N 19  
ARG C   OXT  sing N N 20  
ARG CB  CG   sing N N 21  
ARG CB  HB2  sing N N 22  
ARG CB  HB3  sing N N 23  
ARG CG  CD   sing N N 24  
ARG CG  HG2  sing N N 25  
ARG CG  HG3  sing N N 26  
ARG CD  NE   sing N N 27  
ARG CD  HD2  sing N N 28  
ARG CD  HD3  sing N N 29  
ARG NE  CZ   sing N N 30  
ARG NE  HE   sing N N 31  
ARG CZ  NH1  sing N N 32  
ARG CZ  NH2  doub N N 33  
ARG NH1 HH11 sing N N 34  
ARG NH1 HH12 sing N N 35  
ARG NH2 HH21 sing N N 36  
ARG NH2 HH22 sing N N 37  
ARG OXT HXT  sing N N 38  
ASN N   CA   sing N N 39  
ASN N   H    sing N N 40  
ASN N   H2   sing N N 41  
ASN CA  C    sing N N 42  
ASN CA  CB   sing N N 43  
ASN CA  HA   sing N N 44  
ASN C   O    doub N N 45  
ASN C   OXT  sing N N 46  
ASN CB  CG   sing N N 47  
ASN CB  HB2  sing N N 48  
ASN CB  HB3  sing N N 49  
ASN CG  OD1  doub N N 50  
ASN CG  ND2  sing N N 51  
ASN ND2 HD21 sing N N 52  
ASN ND2 HD22 sing N N 53  
ASN OXT HXT  sing N N 54  
ASP N   CA   sing N N 55  
ASP N   H    sing N N 56  
ASP N   H2   sing N N 57  
ASP CA  C    sing N N 58  
ASP CA  CB   sing N N 59  
ASP CA  HA   sing N N 60  
ASP C   O    doub N N 61  
ASP C   OXT  sing N N 62  
ASP CB  CG   sing N N 63  
ASP CB  HB2  sing N N 64  
ASP CB  HB3  sing N N 65  
ASP CG  OD1  doub N N 66  
ASP CG  OD2  sing N N 67  
ASP OD2 HD2  sing N N 68  
ASP OXT HXT  sing N N 69  
GLN N   CA   sing N N 70  
GLN N   H    sing N N 71  
GLN N   H2   sing N N 72  
GLN CA  C    sing N N 73  
GLN CA  CB   sing N N 74  
GLN CA  HA   sing N N 75  
GLN C   O    doub N N 76  
GLN C   OXT  sing N N 77  
GLN CB  CG   sing N N 78  
GLN CB  HB2  sing N N 79  
GLN CB  HB3  sing N N 80  
GLN CG  CD   sing N N 81  
GLN CG  HG2  sing N N 82  
GLN CG  HG3  sing N N 83  
GLN CD  OE1  doub N N 84  
GLN CD  NE2  sing N N 85  
GLN NE2 HE21 sing N N 86  
GLN NE2 HE22 sing N N 87  
GLN OXT HXT  sing N N 88  
GLU N   CA   sing N N 89  
GLU N   H    sing N N 90  
GLU N   H2   sing N N 91  
GLU CA  C    sing N N 92  
GLU CA  CB   sing N N 93  
GLU CA  HA   sing N N 94  
GLU C   O    doub N N 95  
GLU C   OXT  sing N N 96  
GLU CB  CG   sing N N 97  
GLU CB  HB2  sing N N 98  
GLU CB  HB3  sing N N 99  
GLU CG  CD   sing N N 100 
GLU CG  HG2  sing N N 101 
GLU CG  HG3  sing N N 102 
GLU CD  OE1  doub N N 103 
GLU CD  OE2  sing N N 104 
GLU OE2 HE2  sing N N 105 
GLU OXT HXT  sing N N 106 
GLY N   CA   sing N N 107 
GLY N   H    sing N N 108 
GLY N   H2   sing N N 109 
GLY CA  C    sing N N 110 
GLY CA  HA2  sing N N 111 
GLY CA  HA3  sing N N 112 
GLY C   O    doub N N 113 
GLY C   OXT  sing N N 114 
GLY OXT HXT  sing N N 115 
HIS N   CA   sing N N 116 
HIS N   H    sing N N 117 
HIS N   H2   sing N N 118 
HIS CA  C    sing N N 119 
HIS CA  CB   sing N N 120 
HIS CA  HA   sing N N 121 
HIS C   O    doub N N 122 
HIS C   OXT  sing N N 123 
HIS CB  CG   sing N N 124 
HIS CB  HB2  sing N N 125 
HIS CB  HB3  sing N N 126 
HIS CG  ND1  sing Y N 127 
HIS CG  CD2  doub Y N 128 
HIS ND1 CE1  doub Y N 129 
HIS ND1 HD1  sing N N 130 
HIS CD2 NE2  sing Y N 131 
HIS CD2 HD2  sing N N 132 
HIS CE1 NE2  sing Y N 133 
HIS CE1 HE1  sing N N 134 
HIS NE2 HE2  sing N N 135 
HIS OXT HXT  sing N N 136 
HOH O   H1   sing N N 137 
HOH O   H2   sing N N 138 
ILE N   CA   sing N N 139 
ILE N   H    sing N N 140 
ILE N   H2   sing N N 141 
ILE CA  C    sing N N 142 
ILE CA  CB   sing N N 143 
ILE CA  HA   sing N N 144 
ILE C   O    doub N N 145 
ILE C   OXT  sing N N 146 
ILE CB  CG1  sing N N 147 
ILE CB  CG2  sing N N 148 
ILE CB  HB   sing N N 149 
ILE CG1 CD1  sing N N 150 
ILE CG1 HG12 sing N N 151 
ILE CG1 HG13 sing N N 152 
ILE CG2 HG21 sing N N 153 
ILE CG2 HG22 sing N N 154 
ILE CG2 HG23 sing N N 155 
ILE CD1 HD11 sing N N 156 
ILE CD1 HD12 sing N N 157 
ILE CD1 HD13 sing N N 158 
ILE OXT HXT  sing N N 159 
LEU N   CA   sing N N 160 
LEU N   H    sing N N 161 
LEU N   H2   sing N N 162 
LEU CA  C    sing N N 163 
LEU CA  CB   sing N N 164 
LEU CA  HA   sing N N 165 
LEU C   O    doub N N 166 
LEU C   OXT  sing N N 167 
LEU CB  CG   sing N N 168 
LEU CB  HB2  sing N N 169 
LEU CB  HB3  sing N N 170 
LEU CG  CD1  sing N N 171 
LEU CG  CD2  sing N N 172 
LEU CG  HG   sing N N 173 
LEU CD1 HD11 sing N N 174 
LEU CD1 HD12 sing N N 175 
LEU CD1 HD13 sing N N 176 
LEU CD2 HD21 sing N N 177 
LEU CD2 HD22 sing N N 178 
LEU CD2 HD23 sing N N 179 
LEU OXT HXT  sing N N 180 
LYS N   CA   sing N N 181 
LYS N   H    sing N N 182 
LYS N   H2   sing N N 183 
LYS CA  C    sing N N 184 
LYS CA  CB   sing N N 185 
LYS CA  HA   sing N N 186 
LYS C   O    doub N N 187 
LYS C   OXT  sing N N 188 
LYS CB  CG   sing N N 189 
LYS CB  HB2  sing N N 190 
LYS CB  HB3  sing N N 191 
LYS CG  CD   sing N N 192 
LYS CG  HG2  sing N N 193 
LYS CG  HG3  sing N N 194 
LYS CD  CE   sing N N 195 
LYS CD  HD2  sing N N 196 
LYS CD  HD3  sing N N 197 
LYS CE  NZ   sing N N 198 
LYS CE  HE2  sing N N 199 
LYS CE  HE3  sing N N 200 
LYS NZ  HZ1  sing N N 201 
LYS NZ  HZ2  sing N N 202 
LYS NZ  HZ3  sing N N 203 
LYS OXT HXT  sing N N 204 
MET N   CA   sing N N 205 
MET N   H    sing N N 206 
MET N   H2   sing N N 207 
MET CA  C    sing N N 208 
MET CA  CB   sing N N 209 
MET CA  HA   sing N N 210 
MET C   O    doub N N 211 
MET C   OXT  sing N N 212 
MET CB  CG   sing N N 213 
MET CB  HB2  sing N N 214 
MET CB  HB3  sing N N 215 
MET CG  SD   sing N N 216 
MET CG  HG2  sing N N 217 
MET CG  HG3  sing N N 218 
MET SD  CE   sing N N 219 
MET CE  HE1  sing N N 220 
MET CE  HE2  sing N N 221 
MET CE  HE3  sing N N 222 
MET OXT HXT  sing N N 223 
PHE N   CA   sing N N 224 
PHE N   H    sing N N 225 
PHE N   H2   sing N N 226 
PHE CA  C    sing N N 227 
PHE CA  CB   sing N N 228 
PHE CA  HA   sing N N 229 
PHE C   O    doub N N 230 
PHE C   OXT  sing N N 231 
PHE CB  CG   sing N N 232 
PHE CB  HB2  sing N N 233 
PHE CB  HB3  sing N N 234 
PHE CG  CD1  doub Y N 235 
PHE CG  CD2  sing Y N 236 
PHE CD1 CE1  sing Y N 237 
PHE CD1 HD1  sing N N 238 
PHE CD2 CE2  doub Y N 239 
PHE CD2 HD2  sing N N 240 
PHE CE1 CZ   doub Y N 241 
PHE CE1 HE1  sing N N 242 
PHE CE2 CZ   sing Y N 243 
PHE CE2 HE2  sing N N 244 
PHE CZ  HZ   sing N N 245 
PHE OXT HXT  sing N N 246 
PRO N   CA   sing N N 247 
PRO N   CD   sing N N 248 
PRO N   H    sing N N 249 
PRO CA  C    sing N N 250 
PRO CA  CB   sing N N 251 
PRO CA  HA   sing N N 252 
PRO C   O    doub N N 253 
PRO C   OXT  sing N N 254 
PRO CB  CG   sing N N 255 
PRO CB  HB2  sing N N 256 
PRO CB  HB3  sing N N 257 
PRO CG  CD   sing N N 258 
PRO CG  HG2  sing N N 259 
PRO CG  HG3  sing N N 260 
PRO CD  HD2  sing N N 261 
PRO CD  HD3  sing N N 262 
PRO OXT HXT  sing N N 263 
SER N   CA   sing N N 264 
SER N   H    sing N N 265 
SER N   H2   sing N N 266 
SER CA  C    sing N N 267 
SER CA  CB   sing N N 268 
SER CA  HA   sing N N 269 
SER C   O    doub N N 270 
SER C   OXT  sing N N 271 
SER CB  OG   sing N N 272 
SER CB  HB2  sing N N 273 
SER CB  HB3  sing N N 274 
SER OG  HG   sing N N 275 
SER OXT HXT  sing N N 276 
THR N   CA   sing N N 277 
THR N   H    sing N N 278 
THR N   H2   sing N N 279 
THR CA  C    sing N N 280 
THR CA  CB   sing N N 281 
THR CA  HA   sing N N 282 
THR C   O    doub N N 283 
THR C   OXT  sing N N 284 
THR CB  OG1  sing N N 285 
THR CB  CG2  sing N N 286 
THR CB  HB   sing N N 287 
THR OG1 HG1  sing N N 288 
THR CG2 HG21 sing N N 289 
THR CG2 HG22 sing N N 290 
THR CG2 HG23 sing N N 291 
THR OXT HXT  sing N N 292 
TRP N   CA   sing N N 293 
TRP N   H    sing N N 294 
TRP N   H2   sing N N 295 
TRP CA  C    sing N N 296 
TRP CA  CB   sing N N 297 
TRP CA  HA   sing N N 298 
TRP C   O    doub N N 299 
TRP C   OXT  sing N N 300 
TRP CB  CG   sing N N 301 
TRP CB  HB2  sing N N 302 
TRP CB  HB3  sing N N 303 
TRP CG  CD1  doub Y N 304 
TRP CG  CD2  sing Y N 305 
TRP CD1 NE1  sing Y N 306 
TRP CD1 HD1  sing N N 307 
TRP CD2 CE2  doub Y N 308 
TRP CD2 CE3  sing Y N 309 
TRP NE1 CE2  sing Y N 310 
TRP NE1 HE1  sing N N 311 
TRP CE2 CZ2  sing Y N 312 
TRP CE3 CZ3  doub Y N 313 
TRP CE3 HE3  sing N N 314 
TRP CZ2 CH2  doub Y N 315 
TRP CZ2 HZ2  sing N N 316 
TRP CZ3 CH2  sing Y N 317 
TRP CZ3 HZ3  sing N N 318 
TRP CH2 HH2  sing N N 319 
TRP OXT HXT  sing N N 320 
TYR N   CA   sing N N 321 
TYR N   H    sing N N 322 
TYR N   H2   sing N N 323 
TYR CA  C    sing N N 324 
TYR CA  CB   sing N N 325 
TYR CA  HA   sing N N 326 
TYR C   O    doub N N 327 
TYR C   OXT  sing N N 328 
TYR CB  CG   sing N N 329 
TYR CB  HB2  sing N N 330 
TYR CB  HB3  sing N N 331 
TYR CG  CD1  doub Y N 332 
TYR CG  CD2  sing Y N 333 
TYR CD1 CE1  sing Y N 334 
TYR CD1 HD1  sing N N 335 
TYR CD2 CE2  doub Y N 336 
TYR CD2 HD2  sing N N 337 
TYR CE1 CZ   doub Y N 338 
TYR CE1 HE1  sing N N 339 
TYR CE2 CZ   sing Y N 340 
TYR CE2 HE2  sing N N 341 
TYR CZ  OH   sing N N 342 
TYR OH  HH   sing N N 343 
TYR OXT HXT  sing N N 344 
VAL N   CA   sing N N 345 
VAL N   H    sing N N 346 
VAL N   H2   sing N N 347 
VAL CA  C    sing N N 348 
VAL CA  CB   sing N N 349 
VAL CA  HA   sing N N 350 
VAL C   O    doub N N 351 
VAL C   OXT  sing N N 352 
VAL CB  CG1  sing N N 353 
VAL CB  CG2  sing N N 354 
VAL CB  HB   sing N N 355 
VAL CG1 HG11 sing N N 356 
VAL CG1 HG12 sing N N 357 
VAL CG1 HG13 sing N N 358 
VAL CG2 HG21 sing N N 359 
VAL CG2 HG22 sing N N 360 
VAL CG2 HG23 sing N N 361 
VAL OXT HXT  sing N N 362 
# 
_atom_sites.entry_id                    2FSD 
_atom_sites.fract_transf_matrix[1][1]   0.01582437 
_atom_sites.fract_transf_matrix[1][2]   -0.00134327 
_atom_sites.fract_transf_matrix[1][3]   -0.00475560 
_atom_sites.fract_transf_matrix[2][1]   0.00454270 
_atom_sites.fract_transf_matrix[2][2]   0.00491262 
_atom_sites.fract_transf_matrix[2][3]   -0.01516883 
_atom_sites.fract_transf_matrix[3][1]   0.00192704 
_atom_sites.fract_transf_matrix[3][2]   0.00962386 
_atom_sites.fract_transf_matrix[3][3]   0.00369391 
_atom_sites.fract_transf_vector[1]      0.485655 
_atom_sites.fract_transf_vector[2]      -0.012511 
_atom_sites.fract_transf_vector[3]      0.154433 
# 
loop_
_atom_type.symbol 
C 
N 
O 
S 
# 
loop_
_atom_site.group_PDB 
_atom_site.id 
_atom_site.type_symbol 
_atom_site.label_atom_id 
_atom_site.label_alt_id 
_atom_site.label_comp_id 
_atom_site.label_asym_id 
_atom_site.label_entity_id 
_atom_site.label_seq_id 
_atom_site.pdbx_PDB_ins_code 
_atom_site.Cartn_x 
_atom_site.Cartn_y 
_atom_site.Cartn_z 
_atom_site.occupancy 
_atom_site.B_iso_or_equiv 
_atom_site.pdbx_formal_charge 
_atom_site.auth_seq_id 
_atom_site.auth_comp_id 
_atom_site.auth_asym_id 
_atom_site.auth_atom_id 
_atom_site.pdbx_PDB_model_num 
ATOM   1    N N   . ASP A 1 33  ? 23.354  1.884   7.194   1.00 26.89 ? 4   ASP A N   1 
ATOM   2    C CA  . ASP A 1 33  ? 22.033  2.507   7.543   1.00 26.42 ? 4   ASP A CA  1 
ATOM   3    C C   . ASP A 1 33  ? 21.936  3.951   7.066   1.00 26.02 ? 4   ASP A C   1 
ATOM   4    O O   . ASP A 1 33  ? 22.755  4.782   7.434   1.00 26.34 ? 4   ASP A O   1 
ATOM   5    C CB  . ASP A 1 33  ? 21.759  2.445   9.058   1.00 26.52 ? 4   ASP A CB  1 
ATOM   6    C CG  . ASP A 1 33  ? 21.106  1.129   9.496   1.00 26.87 ? 4   ASP A CG  1 
ATOM   7    O OD1 . ASP A 1 33  ? 21.068  0.154   8.718   1.00 27.19 ? 4   ASP A OD1 1 
ATOM   8    O OD2 . ASP A 1 33  ? 20.629  1.071   10.641  1.00 28.28 ? 4   ASP A OD2 1 
ATOM   9    N N   . ILE A 1 34  ? 20.902  4.237   6.279   1.00 25.28 ? 5   ILE A N   1 
ATOM   10   C CA  . ILE A 1 34  ? 20.691  5.555   5.704   1.00 24.74 ? 5   ILE A CA  1 
ATOM   11   C C   . ILE A 1 34  ? 19.598  6.263   6.513   1.00 24.17 ? 5   ILE A C   1 
ATOM   12   O O   . ILE A 1 34  ? 18.486  5.739   6.642   1.00 24.40 ? 5   ILE A O   1 
ATOM   13   C CB  . ILE A 1 34  ? 20.232  5.453   4.231   1.00 24.58 ? 5   ILE A CB  1 
ATOM   14   C CG1 . ILE A 1 34  ? 21.199  4.596   3.399   1.00 24.46 ? 5   ILE A CG1 1 
ATOM   15   C CG2 . ILE A 1 34  ? 20.080  6.838   3.607   1.00 25.18 ? 5   ILE A CG2 1 
ATOM   16   C CD1 . ILE A 1 34  ? 22.502  5.278   3.041   1.00 24.05 ? 5   ILE A CD1 1 
ATOM   17   N N   . PRO A 1 35  ? 19.891  7.466   7.044   1.00 23.41 ? 6   PRO A N   1 
ATOM   18   C CA  . PRO A 1 35  ? 18.815  8.198   7.732   1.00 22.72 ? 6   PRO A CA  1 
ATOM   19   C C   . PRO A 1 35  ? 17.729  8.688   6.758   1.00 21.88 ? 6   PRO A C   1 
ATOM   20   O O   . PRO A 1 35  ? 17.855  8.527   5.532   1.00 21.04 ? 6   PRO A O   1 
ATOM   21   C CB  . PRO A 1 35  ? 19.546  9.384   8.370   1.00 22.53 ? 6   PRO A CB  1 
ATOM   22   C CG  . PRO A 1 35  ? 20.748  9.579   7.537   1.00 23.16 ? 6   PRO A CG  1 
ATOM   23   C CD  . PRO A 1 35  ? 21.159  8.222   7.050   1.00 23.16 ? 6   PRO A CD  1 
ATOM   24   N N   . TRP A 1 36  ? 16.666  9.257   7.317   1.00 21.17 ? 7   TRP A N   1 
ATOM   25   C CA  . TRP A 1 36  ? 15.616  9.867   6.529   1.00 20.75 ? 7   TRP A CA  1 
ATOM   26   C C   . TRP A 1 36  ? 16.253  10.847  5.542   1.00 20.72 ? 7   TRP A C   1 
ATOM   27   O O   . TRP A 1 36  ? 17.034  11.733  5.940   1.00 21.32 ? 7   TRP A O   1 
ATOM   28   C CB  . TRP A 1 36  ? 14.624  10.599  7.422   1.00 20.62 ? 7   TRP A CB  1 
ATOM   29   C CG  . TRP A 1 36  ? 13.562  9.739   8.102   1.00 20.47 ? 7   TRP A CG  1 
ATOM   30   C CD1 . TRP A 1 36  ? 13.251  9.732   9.430   1.00 19.86 ? 7   TRP A CD1 1 
ATOM   31   C CD2 . TRP A 1 36  ? 12.649  8.822   7.477   1.00 20.81 ? 7   TRP A CD2 1 
ATOM   32   N NE1 . TRP A 1 36  ? 12.216  8.867   9.679   1.00 19.95 ? 7   TRP A NE1 1 
ATOM   33   C CE2 . TRP A 1 36  ? 11.826  8.290   8.501   1.00 21.18 ? 7   TRP A CE2 1 
ATOM   34   C CE3 . TRP A 1 36  ? 12.439  8.401   6.155   1.00 20.74 ? 7   TRP A CE3 1 
ATOM   35   C CZ2 . TRP A 1 36  ? 10.819  7.347   8.244   1.00 20.54 ? 7   TRP A CZ2 1 
ATOM   36   C CZ3 . TRP A 1 36  ? 11.441  7.467   5.898   1.00 20.16 ? 7   TRP A CZ3 1 
ATOM   37   C CH2 . TRP A 1 36  ? 10.645  6.948   6.941   1.00 20.54 ? 7   TRP A CH2 1 
ATOM   38   N N   . THR A 1 37  ? 15.940  10.650  4.260   1.00 20.29 ? 8   THR A N   1 
ATOM   39   C CA  . THR A 1 37  ? 16.491  11.422  3.152   1.00 20.01 ? 8   THR A CA  1 
ATOM   40   C C   . THR A 1 37  ? 15.353  11.748  2.193   1.00 19.85 ? 8   THR A C   1 
ATOM   41   O O   . THR A 1 37  ? 14.548  10.880  1.883   1.00 18.67 ? 8   THR A O   1 
ATOM   42   C CB  . THR A 1 37  ? 17.549  10.608  2.396   1.00 19.93 ? 8   THR A CB  1 
ATOM   43   O OG1 . THR A 1 37  ? 18.520  10.108  3.323   1.00 20.73 ? 8   THR A OG1 1 
ATOM   44   C CG2 . THR A 1 37  ? 18.243  11.437  1.319   1.00 19.70 ? 8   THR A CG2 1 
ATOM   45   N N   . ASP A 1 38  ? 15.289  13.005  1.747   1.00 19.83 ? 9   ASP A N   1 
ATOM   46   C CA  . ASP A 1 38  ? 14.333  13.417  0.726   1.00 19.66 ? 9   ASP A CA  1 
ATOM   47   C C   . ASP A 1 38  ? 14.658  12.741  -0.607  1.00 19.42 ? 9   ASP A C   1 
ATOM   48   O O   . ASP A 1 38  ? 15.815  12.695  -1.029  1.00 19.13 ? 9   ASP A O   1 
ATOM   49   C CB  . ASP A 1 38  ? 14.366  14.940  0.524   1.00 19.69 ? 9   ASP A CB  1 
ATOM   50   C CG  . ASP A 1 38  ? 13.937  15.710  1.753   1.00 21.27 ? 9   ASP A CG  1 
ATOM   51   O OD1 . ASP A 1 38  ? 12.981  15.284  2.457   1.00 20.34 ? 9   ASP A OD1 1 
ATOM   52   O OD2 . ASP A 1 38  ? 14.574  16.759  2.015   1.00 24.58 ? 9   ASP A OD2 1 
ATOM   53   N N   . LEU A 1 39  ? 13.636  12.228  -1.280  1.00 19.37 ? 10  LEU A N   1 
ATOM   54   C CA  . LEU A 1 39  ? 13.815  11.761  -2.641  1.00 19.58 ? 10  LEU A CA  1 
ATOM   55   C C   . LEU A 1 39  ? 13.896  12.991  -3.531  1.00 19.87 ? 10  LEU A C   1 
ATOM   56   O O   . LEU A 1 39  ? 13.452  14.077  -3.138  1.00 19.63 ? 10  LEU A O   1 
ATOM   57   C CB  . LEU A 1 39  ? 12.664  10.876  -3.100  1.00 19.43 ? 10  LEU A CB  1 
ATOM   58   C CG  . LEU A 1 39  ? 12.677  9.420   -2.651  1.00 19.20 ? 10  LEU A CG  1 
ATOM   59   C CD1 . LEU A 1 39  ? 12.559  9.323   -1.139  1.00 19.34 ? 10  LEU A CD1 1 
ATOM   60   C CD2 . LEU A 1 39  ? 11.540  8.660   -3.346  1.00 19.29 ? 10  LEU A CD2 1 
ATOM   61   N N   . ASN A 1 40  ? 14.484  12.805  -4.709  1.00 19.92 ? 11  ASN A N   1 
ATOM   62   C CA  . ASN A 1 40  ? 14.431  13.801  -5.781  1.00 20.33 ? 11  ASN A CA  1 
ATOM   63   C C   . ASN A 1 40  ? 13.102  13.639  -6.498  1.00 20.08 ? 11  ASN A C   1 
ATOM   64   O O   . ASN A 1 40  ? 12.740  12.528  -6.882  1.00 19.95 ? 11  ASN A O   1 
ATOM   65   C CB  . ASN A 1 40  ? 15.614  13.621  -6.756  1.00 20.13 ? 11  ASN A CB  1 
ATOM   66   C CG  . ASN A 1 40  ? 16.974  13.627  -6.032  1.00 20.59 ? 11  ASN A CG  1 
ATOM   67   O OD1 . ASN A 1 40  ? 17.226  14.487  -5.190  1.00 19.74 ? 11  ASN A OD1 1 
ATOM   68   N ND2 . ASN A 1 40  ? 17.830  12.647  -6.337  1.00 19.27 ? 11  ASN A ND2 1 
ATOM   69   N N   . ARG A 1 41  ? 12.372  14.734  -6.654  1.00 20.02 ? 12  ARG A N   1 
ATOM   70   C CA  . ARG A 1 41  ? 11.064  14.691  -7.296  1.00 20.65 ? 12  ARG A CA  1 
ATOM   71   C C   . ARG A 1 41  ? 11.160  14.850  -8.812  1.00 20.51 ? 12  ARG A C   1 
ATOM   72   O O   . ARG A 1 41  ? 11.907  15.707  -9.324  1.00 19.79 ? 12  ARG A O   1 
ATOM   73   C CB  . ARG A 1 41  ? 10.143  15.768  -6.729  1.00 20.90 ? 12  ARG A CB  1 
ATOM   74   C CG  . ARG A 1 41  ? 9.792   15.570  -5.266  1.00 21.56 ? 12  ARG A CG  1 
ATOM   75   C CD  . ARG A 1 41  ? 9.557   16.896  -4.612  1.00 21.19 ? 12  ARG A CD  1 
ATOM   76   N NE  . ARG A 1 41  ? 9.385   16.805  -3.161  1.00 21.35 ? 12  ARG A NE  1 
ATOM   77   C CZ  . ARG A 1 41  ? 8.228   16.936  -2.513  1.00 21.19 ? 12  ARG A CZ  1 
ATOM   78   N NH1 . ARG A 1 41  ? 7.092   17.137  -3.167  1.00 21.42 ? 12  ARG A NH1 1 
ATOM   79   N NH2 . ARG A 1 41  ? 8.207   16.875  -1.188  1.00 21.51 ? 12  ARG A NH2 1 
ATOM   80   N N   . ALA A 1 42  ? 10.368  14.031  -9.510  1.00 20.78 ? 13  ALA A N   1 
ATOM   81   C CA  . ALA A 1 42  ? 10.309  14.021  -10.977 1.00 20.92 ? 13  ALA A CA  1 
ATOM   82   C C   . ALA A 1 42  ? 9.645   15.297  -11.468 1.00 21.06 ? 13  ALA A C   1 
ATOM   83   O O   . ALA A 1 42  ? 9.001   16.006  -10.697 1.00 20.87 ? 13  ALA A O   1 
ATOM   84   C CB  . ALA A 1 42  ? 9.534   12.778  -11.468 1.00 20.80 ? 13  ALA A CB  1 
ATOM   85   N N   . SER A 1 43  ? 9.790   15.598  -12.753 1.00 21.82 ? 14  SER A N   1 
ATOM   86   C CA  . SER A 1 43  ? 9.169   16.795  -13.310 1.00 21.65 ? 14  SER A CA  1 
ATOM   87   C C   . SER A 1 43  ? 7.641   16.803  -13.117 1.00 21.73 ? 14  SER A C   1 
ATOM   88   O O   . SER A 1 43  ? 6.985   15.756  -13.072 1.00 21.29 ? 14  SER A O   1 
ATOM   89   C CB  . SER A 1 43  ? 9.530   16.971  -14.789 1.00 22.22 ? 14  SER A CB  1 
ATOM   90   O OG  . SER A 1 43  ? 9.658   15.740  -15.463 1.00 22.93 ? 14  SER A OG  1 
ATOM   91   N N   . GLY A 1 44  ? 7.092   18.003  -12.960 1.00 21.55 ? 15  GLY A N   1 
ATOM   92   C CA  . GLY A 1 44  ? 5.657   18.179  -12.794 1.00 21.91 ? 15  GLY A CA  1 
ATOM   93   C C   . GLY A 1 44  ? 5.177   17.947  -11.376 1.00 22.02 ? 15  GLY A C   1 
ATOM   94   O O   . GLY A 1 44  ? 4.028   18.260  -11.039 1.00 21.85 ? 15  GLY A O   1 
ATOM   95   N N   . VAL A 1 45  ? 6.052   17.403  -10.537 1.00 22.16 ? 16  VAL A N   1 
ATOM   96   C CA  . VAL A 1 45  ? 5.689   17.066  -9.170  1.00 22.25 ? 16  VAL A CA  1 
ATOM   97   C C   . VAL A 1 45  ? 5.855   18.324  -8.351  1.00 22.21 ? 16  VAL A C   1 
ATOM   98   O O   . VAL A 1 45  ? 6.843   19.049  -8.519  1.00 22.70 ? 16  VAL A O   1 
ATOM   99   C CB  . VAL A 1 45  ? 6.578   15.930  -8.621  1.00 22.40 ? 16  VAL A CB  1 
ATOM   100  C CG1 . VAL A 1 45  ? 6.309   15.687  -7.124  1.00 22.42 ? 16  VAL A CG1 1 
ATOM   101  C CG2 . VAL A 1 45  ? 6.344   14.668  -9.436  1.00 22.35 ? 16  VAL A CG2 1 
ATOM   102  N N   . GLY A 1 46  ? 4.894   18.586  -7.475  1.00 22.07 ? 17  GLY A N   1 
ATOM   103  C CA  . GLY A 1 46  ? 4.938   19.774  -6.625  1.00 21.69 ? 17  GLY A CA  1 
ATOM   104  C C   . GLY A 1 46  ? 6.057   19.749  -5.595  1.00 21.40 ? 17  GLY A C   1 
ATOM   105  O O   . GLY A 1 46  ? 6.670   18.709  -5.347  1.00 20.54 ? 17  GLY A O   1 
ATOM   106  N N   . SER A 1 47  ? 6.298   20.908  -4.985  1.00 21.31 ? 18  SER A N   1 
ATOM   107  C CA  . SER A 1 47  ? 7.377   21.104  -4.012  1.00 21.02 ? 18  SER A CA  1 
ATOM   108  C C   . SER A 1 47  ? 6.925   20.939  -2.548  1.00 21.06 ? 18  SER A C   1 
ATOM   109  O O   . SER A 1 47  ? 7.757   20.759  -1.647  1.00 21.03 ? 18  SER A O   1 
ATOM   110  C CB  . SER A 1 47  ? 7.968   22.494  -4.206  1.00 20.77 ? 18  SER A CB  1 
ATOM   111  O OG  . SER A 1 47  ? 6.932   23.458  -4.147  1.00 20.79 ? 18  SER A OG  1 
ATOM   112  N N   . THR A 1 48  ? 5.620   21.015  -2.303  1.00 21.18 ? 19  THR A N   1 
ATOM   113  C CA  . THR A 1 48  ? 5.088   20.934  -0.938  1.00 20.80 ? 19  THR A CA  1 
ATOM   114  C C   . THR A 1 48  ? 4.951   19.465  -0.515  1.00 20.71 ? 19  THR A C   1 
ATOM   115  O O   . THR A 1 48  ? 5.078   18.553  -1.340  1.00 20.45 ? 19  THR A O   1 
ATOM   116  C CB  . THR A 1 48  ? 3.720   21.657  -0.798  1.00 20.75 ? 19  THR A CB  1 
ATOM   117  O OG1 . THR A 1 48  ? 2.715   20.998  -1.590  1.00 20.21 ? 19  THR A OG1 1 
ATOM   118  C CG2 . THR A 1 48  ? 3.838   23.121  -1.230  1.00 21.69 ? 19  THR A CG2 1 
ATOM   119  N N   . GLY A 1 49  ? 4.670   19.244  0.766   1.00 20.44 ? 20  GLY A N   1 
ATOM   120  C CA  . GLY A 1 49  ? 4.539   17.881  1.297   1.00 20.24 ? 20  GLY A CA  1 
ATOM   121  C C   . GLY A 1 49  ? 5.905   17.263  1.475   1.00 19.63 ? 20  GLY A C   1 
ATOM   122  O O   . GLY A 1 49  ? 6.917   17.914  1.234   1.00 19.87 ? 20  GLY A O   1 
ATOM   123  N N   . ILE A 1 50  ? 5.950   16.015  1.910   1.00 19.51 ? 21  ILE A N   1 
ATOM   124  C CA  . ILE A 1 50  ? 7.241   15.389  2.232   1.00 19.44 ? 21  ILE A CA  1 
ATOM   125  C C   . ILE A 1 50  ? 7.357   13.988  1.621   1.00 19.01 ? 21  ILE A C   1 
ATOM   126  O O   . ILE A 1 50  ? 6.423   13.196  1.676   1.00 19.05 ? 21  ILE A O   1 
ATOM   127  C CB  . ILE A 1 50  ? 7.517   15.422  3.765   1.00 19.39 ? 21  ILE A CB  1 
ATOM   128  C CG1 . ILE A 1 50  ? 7.610   16.887  4.237   1.00 19.46 ? 21  ILE A CG1 1 
ATOM   129  C CG2 . ILE A 1 50  ? 8.817   14.697  4.126   1.00 19.56 ? 21  ILE A CG2 1 
ATOM   130  C CD1 . ILE A 1 50  ? 7.867   17.053  5.718   1.00 20.03 ? 21  ILE A CD1 1 
ATOM   131  N N   . LEU A 1 51  ? 8.510   13.728  1.008   1.00 18.66 ? 22  LEU A N   1 
ATOM   132  C CA  . LEU A 1 51  ? 8.789   12.473  0.312   1.00 18.66 ? 22  LEU A CA  1 
ATOM   133  C C   . LEU A 1 51  ? 10.197  12.053  0.653   1.00 18.25 ? 22  LEU A C   1 
ATOM   134  O O   . LEU A 1 51  ? 11.161  12.676  0.216   1.00 18.16 ? 22  LEU A O   1 
ATOM   135  C CB  . LEU A 1 51  ? 8.665   12.638  -1.206  1.00 18.47 ? 22  LEU A CB  1 
ATOM   136  C CG  . LEU A 1 51  ? 9.002   11.396  -2.025  1.00 19.00 ? 22  LEU A CG  1 
ATOM   137  C CD1 . LEU A 1 51  ? 8.071   10.205  -1.714  1.00 18.83 ? 22  LEU A CD1 1 
ATOM   138  C CD2 . LEU A 1 51  ? 8.991   11.726  -3.524  1.00 19.18 ? 22  LEU A CD2 1 
ATOM   139  N N   . GLN A 1 52  ? 10.310  11.002  1.451   1.00 18.16 ? 23  GLN A N   1 
ATOM   140  C CA  . GLN A 1 52  ? 11.593  10.587  1.984   1.00 18.21 ? 23  GLN A CA  1 
ATOM   141  C C   . GLN A 1 52  ? 11.679  9.071   2.234   1.00 17.70 ? 23  GLN A C   1 
ATOM   142  O O   . GLN A 1 52  ? 10.671  8.375   2.321   1.00 17.01 ? 23  GLN A O   1 
ATOM   143  C CB  . GLN A 1 52  ? 11.888  11.375  3.267   1.00 18.32 ? 23  GLN A CB  1 
ATOM   144  C CG  . GLN A 1 52  ? 10.717  11.426  4.230   1.00 19.14 ? 23  GLN A CG  1 
ATOM   145  C CD  . GLN A 1 52  ? 11.044  12.068  5.556   1.00 18.57 ? 23  GLN A CD  1 
ATOM   146  O OE1 . GLN A 1 52  ? 12.150  12.523  5.784   1.00 20.78 ? 23  GLN A OE1 1 
ATOM   147  N NE2 . GLN A 1 52  ? 10.071  12.101  6.440   1.00 19.34 ? 23  GLN A NE2 1 
ATOM   148  N N   . ALA A 1 53  ? 12.909  8.584   2.328   1.00 18.02 ? 24  ALA A N   1 
ATOM   149  C CA  . ALA A 1 53  ? 13.190  7.183   2.574   1.00 18.64 ? 24  ALA A CA  1 
ATOM   150  C C   . ALA A 1 53  ? 14.386  7.007   3.536   1.00 19.29 ? 24  ALA A C   1 
ATOM   151  O O   . ALA A 1 53  ? 15.226  7.913   3.689   1.00 19.26 ? 24  ALA A O   1 
ATOM   152  C CB  . ALA A 1 53  ? 13.433  6.459   1.266   1.00 18.23 ? 24  ALA A CB  1 
ATOM   153  N N   . ARG A 1 54  ? 14.432  5.847   4.197   1.00 19.75 ? 25  ARG A N   1 
ATOM   154  C CA  . ARG A 1 54  ? 15.510  5.489   5.134   1.00 20.23 ? 25  ARG A CA  1 
ATOM   155  C C   . ARG A 1 54  ? 15.775  3.976   5.070   1.00 20.13 ? 25  ARG A C   1 
ATOM   156  O O   . ARG A 1 54  ? 14.907  3.199   4.660   1.00 19.36 ? 25  ARG A O   1 
ATOM   157  C CB  . ARG A 1 54  ? 15.132  5.895   6.565   1.00 20.25 ? 25  ARG A CB  1 
ATOM   158  C CG  . ARG A 1 54  ? 14.336  4.835   7.296   1.00 21.17 ? 25  ARG A CG  1 
ATOM   159  C CD  . ARG A 1 54  ? 13.646  5.323   8.547   1.00 22.48 ? 25  ARG A CD  1 
ATOM   160  N NE  . ARG A 1 54  ? 14.569  5.822   9.554   1.00 24.65 ? 25  ARG A NE  1 
ATOM   161  C CZ  . ARG A 1 54  ? 14.255  6.073   10.825  1.00 24.78 ? 25  ARG A CZ  1 
ATOM   162  N NH1 . ARG A 1 54  ? 13.035  5.860   11.293  1.00 26.56 ? 25  ARG A NH1 1 
ATOM   163  N NH2 . ARG A 1 54  ? 15.187  6.540   11.635  1.00 25.34 ? 25  ARG A NH2 1 
ATOM   164  N N   . ILE A 1 55  ? 16.973  3.566   5.473   1.00 20.58 ? 26  ILE A N   1 
ATOM   165  C CA  . ILE A 1 55  ? 17.310  2.141   5.572   1.00 20.80 ? 26  ILE A CA  1 
ATOM   166  C C   . ILE A 1 55  ? 17.781  1.847   6.990   1.00 21.31 ? 26  ILE A C   1 
ATOM   167  O O   . ILE A 1 55  ? 18.751  2.461   7.470   1.00 22.38 ? 26  ILE A O   1 
ATOM   168  C CB  . ILE A 1 55  ? 18.389  1.718   4.558   1.00 21.03 ? 26  ILE A CB  1 
ATOM   169  C CG1 . ILE A 1 55  ? 17.871  1.898   3.130   1.00 21.00 ? 26  ILE A CG1 1 
ATOM   170  C CG2 . ILE A 1 55  ? 18.815  0.241   4.781   1.00 20.88 ? 26  ILE A CG2 1 
ATOM   171  C CD1 . ILE A 1 55  ? 18.939  1.823   2.066   1.00 20.96 ? 26  ILE A CD1 1 
ATOM   172  N N   . ILE A 1 56  ? 17.072  0.948   7.673   1.00 21.04 ? 27  ILE A N   1 
ATOM   173  C CA  . ILE A 1 56  ? 17.476  0.476   8.991   1.00 20.80 ? 27  ILE A CA  1 
ATOM   174  C C   . ILE A 1 56  ? 17.537  -1.050  8.968   1.00 20.57 ? 27  ILE A C   1 
ATOM   175  O O   . ILE A 1 56  ? 16.528  -1.724  8.744   1.00 20.63 ? 27  ILE A O   1 
ATOM   176  C CB  . ILE A 1 56  ? 16.496  0.885   10.096  1.00 21.25 ? 27  ILE A CB  1 
ATOM   177  C CG1 . ILE A 1 56  ? 16.018  2.321   9.926   1.00 20.70 ? 27  ILE A CG1 1 
ATOM   178  C CG2 . ILE A 1 56  ? 17.142  0.672   11.494  1.00 21.39 ? 27  ILE A CG2 1 
ATOM   179  C CD1 . ILE A 1 56  ? 14.776  2.590   10.694  1.00 21.21 ? 27  ILE A CD1 1 
ATOM   180  N N   . ASN A 1 57  ? 18.724  -1.591  9.192   1.00 20.35 ? 28  ASN A N   1 
ATOM   181  C CA  . ASN A 1 57  ? 18.911  -3.041  9.246   1.00 20.13 ? 28  ASN A CA  1 
ATOM   182  C C   . ASN A 1 57  ? 18.393  -3.820  8.022   1.00 19.33 ? 28  ASN A C   1 
ATOM   183  O O   . ASN A 1 57  ? 17.610  -4.748  8.153   1.00 19.02 ? 28  ASN A O   1 
ATOM   184  C CB  . ASN A 1 57  ? 18.287  -3.588  10.540  1.00 20.53 ? 28  ASN A CB  1 
ATOM   185  C CG  . ASN A 1 57  ? 19.000  -4.841  11.055  1.00 21.05 ? 28  ASN A CG  1 
ATOM   186  O OD1 . ASN A 1 57  ? 19.954  -5.321  10.446  1.00 20.10 ? 28  ASN A OD1 1 
ATOM   187  N ND2 . ASN A 1 57  ? 18.534  -5.364  12.184  1.00 20.65 ? 28  ASN A ND2 1 
ATOM   188  N N   . GLY A 1 58  ? 18.845  -3.434  6.832   1.00 19.11 ? 29  GLY A N   1 
ATOM   189  C CA  . GLY A 1 58  ? 18.523  -4.163  5.592   1.00 18.63 ? 29  GLY A CA  1 
ATOM   190  C C   . GLY A 1 58  ? 17.118  -3.980  5.046   1.00 18.37 ? 29  GLY A C   1 
ATOM   191  O O   . GLY A 1 58  ? 16.727  -4.652  4.084   1.00 17.87 ? 29  GLY A O   1 
ATOM   192  N N   . VAL A 1 59  ? 16.369  -3.053  5.653   1.00 18.24 ? 30  VAL A N   1 
ATOM   193  C CA  . VAL A 1 59  ? 14.968  -2.775  5.307   1.00 17.41 ? 30  VAL A CA  1 
ATOM   194  C C   . VAL A 1 59  ? 14.824  -1.292  4.950   1.00 17.28 ? 30  VAL A C   1 
ATOM   195  O O   . VAL A 1 59  ? 15.241  -0.399  5.712   1.00 16.52 ? 30  VAL A O   1 
ATOM   196  C CB  . VAL A 1 59  ? 14.027  -3.091  6.491   1.00 17.35 ? 30  VAL A CB  1 
ATOM   197  C CG1 . VAL A 1 59  ? 12.585  -2.672  6.185   1.00 16.71 ? 30  VAL A CG1 1 
ATOM   198  C CG2 . VAL A 1 59  ? 14.089  -4.584  6.851   1.00 17.14 ? 30  VAL A CG2 1 
ATOM   199  N N   . ILE A 1 60  ? 14.228  -1.039  3.789   1.00 16.99 ? 31  ILE A N   1 
ATOM   200  C CA  . ILE A 1 60  ? 13.960  0.315   3.350   1.00 16.66 ? 31  ILE A CA  1 
ATOM   201  C C   . ILE A 1 60  ? 12.512  0.694   3.689   1.00 16.43 ? 31  ILE A C   1 
ATOM   202  O O   . ILE A 1 60  ? 11.593  -0.112  3.514   1.00 16.70 ? 31  ILE A O   1 
ATOM   203  C CB  . ILE A 1 60  ? 14.264  0.485   1.838   1.00 16.79 ? 31  ILE A CB  1 
ATOM   204  C CG1 . ILE A 1 60  ? 14.209  1.968   1.441   1.00 17.01 ? 31  ILE A CG1 1 
ATOM   205  C CG2 . ILE A 1 60  ? 13.313  -0.348  0.971   1.00 18.01 ? 31  ILE A CG2 1 
ATOM   206  C CD1 . ILE A 1 60  ? 14.685  2.252   0.029   1.00 16.39 ? 31  ILE A CD1 1 
ATOM   207  N N   . TYR A 1 61  ? 12.340  1.918   4.188   1.00 16.13 ? 32  TYR A N   1 
ATOM   208  C CA  . TYR A 1 61  ? 11.049  2.517   4.486   1.00 16.08 ? 32  TYR A CA  1 
ATOM   209  C C   . TYR A 1 61  ? 10.889  3.756   3.620   1.00 15.87 ? 32  TYR A C   1 
ATOM   210  O O   . TYR A 1 61  ? 11.796  4.570   3.529   1.00 15.62 ? 32  TYR A O   1 
ATOM   211  C CB  . TYR A 1 61  ? 10.961  2.940   5.960   1.00 16.45 ? 32  TYR A CB  1 
ATOM   212  C CG  . TYR A 1 61  ? 11.201  1.814   6.930   1.00 16.54 ? 32  TYR A CG  1 
ATOM   213  C CD1 . TYR A 1 61  ? 10.140  1.184   7.561   1.00 17.20 ? 32  TYR A CD1 1 
ATOM   214  C CD2 . TYR A 1 61  ? 12.486  1.363   7.200   1.00 17.16 ? 32  TYR A CD2 1 
ATOM   215  C CE1 . TYR A 1 61  ? 10.346  0.131   8.437   1.00 17.31 ? 32  TYR A CE1 1 
ATOM   216  C CE2 . TYR A 1 61  ? 12.702  0.303   8.070   1.00 17.77 ? 32  TYR A CE2 1 
ATOM   217  C CZ  . TYR A 1 61  ? 11.621  -0.306  8.685   1.00 16.80 ? 32  TYR A CZ  1 
ATOM   218  O OH  . TYR A 1 61  ? 11.812  -1.343  9.553   1.00 16.92 ? 32  TYR A OH  1 
ATOM   219  N N   . VAL A 1 62  ? 9.730   3.901   2.995   1.00 15.76 ? 33  VAL A N   1 
ATOM   220  C CA  . VAL A 1 62  ? 9.441   5.072   2.185   1.00 15.76 ? 33  VAL A CA  1 
ATOM   221  C C   . VAL A 1 62  ? 8.082   5.616   2.609   1.00 15.87 ? 33  VAL A C   1 
ATOM   222  O O   . VAL A 1 62  ? 7.134   4.861   2.811   1.00 15.23 ? 33  VAL A O   1 
ATOM   223  C CB  . VAL A 1 62  ? 9.442   4.755   0.674   1.00 15.31 ? 33  VAL A CB  1 
ATOM   224  C CG1 . VAL A 1 62  ? 9.586   6.033   -0.139  1.00 15.50 ? 33  VAL A CG1 1 
ATOM   225  C CG2 . VAL A 1 62  ? 10.549  3.778   0.315   1.00 15.01 ? 33  VAL A CG2 1 
ATOM   226  N N   . ARG A 1 63  ? 8.001   6.934   2.756   1.00 16.44 ? 34  ARG A N   1 
ATOM   227  C CA  . ARG A 1 63  ? 6.729   7.588   3.055   1.00 16.57 ? 34  ARG A CA  1 
ATOM   228  C C   . ARG A 1 63  ? 6.532   8.861   2.249   1.00 16.35 ? 34  ARG A C   1 
ATOM   229  O O   . ARG A 1 63  ? 7.479   9.563   1.933   1.00 15.77 ? 34  ARG A O   1 
ATOM   230  C CB  . ARG A 1 63  ? 6.609   7.893   4.546   1.00 16.64 ? 34  ARG A CB  1 
ATOM   231  C CG  . ARG A 1 63  ? 7.765   8.676   5.118   1.00 17.10 ? 34  ARG A CG  1 
ATOM   232  C CD  . ARG A 1 63  ? 7.416   9.129   6.519   1.00 17.24 ? 34  ARG A CD  1 
ATOM   233  N NE  . ARG A 1 63  ? 8.543   9.774   7.178   1.00 17.02 ? 34  ARG A NE  1 
ATOM   234  C CZ  . ARG A 1 63  ? 8.652   9.926   8.496   1.00 16.73 ? 34  ARG A CZ  1 
ATOM   235  N NH1 . ARG A 1 63  ? 7.716   9.472   9.317   1.00 17.08 ? 34  ARG A NH1 1 
ATOM   236  N NH2 . ARG A 1 63  ? 9.718   10.521  9.002   1.00 16.82 ? 34  ARG A NH2 1 
ATOM   237  N N   . GLY A 1 64  ? 5.271   9.129   1.928   1.00 16.77 ? 35  GLY A N   1 
ATOM   238  C CA  . GLY A 1 64  ? 4.865   10.343  1.265   1.00 17.00 ? 35  GLY A CA  1 
ATOM   239  C C   . GLY A 1 64  ? 3.745   10.965  2.068   1.00 17.26 ? 35  GLY A C   1 
ATOM   240  O O   . GLY A 1 64  ? 2.860   10.262  2.574   1.00 16.42 ? 35  GLY A O   1 
ATOM   241  N N   . ASN A 1 65  ? 3.805   12.282  2.207   1.00 17.87 ? 36  ASN A N   1 
ATOM   242  C CA  . ASN A 1 65  ? 2.770   13.027  2.883   1.00 18.49 ? 36  ASN A CA  1 
ATOM   243  C C   . ASN A 1 65  ? 2.379   14.286  2.082   1.00 18.84 ? 36  ASN A C   1 
ATOM   244  O O   . ASN A 1 65  ? 3.178   15.210  1.913   1.00 18.19 ? 36  ASN A O   1 
ATOM   245  C CB  . ASN A 1 65  ? 3.218   13.363  4.315   1.00 18.86 ? 36  ASN A CB  1 
ATOM   246  C CG  . ASN A 1 65  ? 2.094   13.881  5.157   1.00 19.70 ? 36  ASN A CG  1 
ATOM   247  O OD1 . ASN A 1 65  ? 1.630   14.998  4.961   1.00 24.78 ? 36  ASN A OD1 1 
ATOM   248  N ND2 . ASN A 1 65  ? 1.627   13.069  6.090   1.00 23.55 ? 36  ASN A ND2 1 
ATOM   249  N N   . SER A 1 66  ? 1.146   14.268  1.576   1.00 19.46 ? 37  SER A N   1 
ATOM   250  C CA  . SER A 1 66  ? 0.552   15.354  0.816   1.00 20.02 ? 37  SER A CA  1 
ATOM   251  C C   . SER A 1 66  ? 1.475   15.817  -0.297  1.00 20.49 ? 37  SER A C   1 
ATOM   252  O O   . SER A 1 66  ? 1.823   16.986  -0.389  1.00 20.92 ? 37  SER A O   1 
ATOM   253  C CB  . SER A 1 66  ? 0.168   16.521  1.733   1.00 20.39 ? 37  SER A CB  1 
ATOM   254  O OG  . SER A 1 66  ? -0.880  16.163  2.620   1.00 19.82 ? 37  SER A OG  1 
ATOM   255  N N   . ILE A 1 67  ? 1.866   14.883  -1.152  1.00 21.11 ? 38  ILE A N   1 
ATOM   256  C CA  . ILE A 1 67  ? 2.724   15.212  -2.280  1.00 21.06 ? 38  ILE A CA  1 
ATOM   257  C C   . ILE A 1 67  ? 1.849   15.563  -3.481  1.00 21.03 ? 38  ILE A C   1 
ATOM   258  O O   . ILE A 1 67  ? 1.094   14.722  -3.950  1.00 20.99 ? 38  ILE A O   1 
ATOM   259  C CB  . ILE A 1 67  ? 3.653   14.068  -2.634  1.00 20.94 ? 38  ILE A CB  1 
ATOM   260  C CG1 . ILE A 1 67  ? 4.539   13.734  -1.427  1.00 21.88 ? 38  ILE A CG1 1 
ATOM   261  C CG2 . ILE A 1 67  ? 4.521   14.457  -3.836  1.00 21.71 ? 38  ILE A CG2 1 
ATOM   262  C CD1 . ILE A 1 67  ? 5.129   12.336  -1.466  1.00 21.62 ? 38  ILE A CD1 1 
ATOM   263  N N   . PRO A 1 68  ? 1.953   16.809  -3.985  1.00 20.92 ? 39  PRO A N   1 
ATOM   264  C CA  . PRO A 1 68  ? 1.185   17.170  -5.169  1.00 20.79 ? 39  PRO A CA  1 
ATOM   265  C C   . PRO A 1 68  ? 1.713   16.463  -6.418  1.00 20.54 ? 39  PRO A C   1 
ATOM   266  O O   . PRO A 1 68  ? 2.878   16.629  -6.762  1.00 19.72 ? 39  PRO A O   1 
ATOM   267  C CB  . PRO A 1 68  ? 1.392   18.693  -5.274  1.00 21.44 ? 39  PRO A CB  1 
ATOM   268  C CG  . PRO A 1 68  ? 2.063   19.119  -3.984  1.00 20.99 ? 39  PRO A CG  1 
ATOM   269  C CD  . PRO A 1 68  ? 2.797   17.926  -3.523  1.00 21.07 ? 39  PRO A CD  1 
ATOM   270  N N   . VAL A 1 69  ? 0.860   15.680  -7.082  1.00 20.60 ? 40  VAL A N   1 
ATOM   271  C CA  . VAL A 1 69  ? 1.241   14.986  -8.327  1.00 20.49 ? 40  VAL A CA  1 
ATOM   272  C C   . VAL A 1 69  ? 0.471   15.466  -9.585  1.00 20.52 ? 40  VAL A C   1 
ATOM   273  O O   . VAL A 1 69  ? -0.597  16.075  -9.480  1.00 20.27 ? 40  VAL A O   1 
ATOM   274  C CB  . VAL A 1 69  ? 1.119   13.437  -8.174  1.00 20.69 ? 40  VAL A CB  1 
ATOM   275  C CG1 . VAL A 1 69  ? 2.209   12.915  -7.202  1.00 20.09 ? 40  VAL A CG1 1 
ATOM   276  C CG2 . VAL A 1 69  ? -0.303  13.010  -7.694  1.00 20.26 ? 40  VAL A CG2 1 
ATOM   277  N N   . PRO A 1 70  ? 1.041   15.226  -10.787 1.00 21.04 ? 41  PRO A N   1 
ATOM   278  C CA  . PRO A 1 70  ? 0.318   15.469  -12.050 1.00 21.07 ? 41  PRO A CA  1 
ATOM   279  C C   . PRO A 1 70  ? -0.977  14.648  -12.210 1.00 21.60 ? 41  PRO A C   1 
ATOM   280  O O   . PRO A 1 70  ? -1.112  13.539  -11.636 1.00 21.42 ? 41  PRO A O   1 
ATOM   281  C CB  . PRO A 1 70  ? 1.319   15.049  -13.123 1.00 21.12 ? 41  PRO A CB  1 
ATOM   282  C CG  . PRO A 1 70  ? 2.663   15.038  -12.453 1.00 21.07 ? 41  PRO A CG  1 
ATOM   283  C CD  . PRO A 1 70  ? 2.430   14.772  -11.012 1.00 20.84 ? 41  PRO A CD  1 
ATOM   284  N N   . ASN A 1 71  ? -1.916  15.201  -12.980 1.00 21.25 ? 42  ASN A N   1 
ATOM   285  C CA  . ASN A 1 71  ? -3.095  14.463  -13.418 1.00 21.19 ? 42  ASN A CA  1 
ATOM   286  C C   . ASN A 1 71  ? -2.709  13.087  -13.931 1.00 20.86 ? 42  ASN A C   1 
ATOM   287  O O   . ASN A 1 71  ? -1.783  12.952  -14.726 1.00 20.51 ? 42  ASN A O   1 
ATOM   288  C CB  . ASN A 1 71  ? -3.788  15.193  -14.566 1.00 21.72 ? 42  ASN A CB  1 
ATOM   289  C CG  . ASN A 1 71  ? -4.181  16.603  -14.214 1.00 21.53 ? 42  ASN A CG  1 
ATOM   290  O OD1 . ASN A 1 71  ? -4.360  16.935  -13.055 1.00 21.50 ? 42  ASN A OD1 1 
ATOM   291  N ND2 . ASN A 1 71  ? -4.319  17.444  -15.228 1.00 24.50 ? 42  ASN A ND2 1 
ATOM   292  N N   . VAL A 1 72  ? -3.430  12.071  -13.477 1.00 21.14 ? 43  VAL A N   1 
ATOM   293  C CA  . VAL A 1 72  ? -3.186  10.691  -13.886 1.00 21.24 ? 43  VAL A CA  1 
ATOM   294  C C   . VAL A 1 72  ? -4.482  10.126  -14.428 1.00 21.30 ? 43  VAL A C   1 
ATOM   295  O O   . VAL A 1 72  ? -5.493  10.109  -13.727 1.00 21.32 ? 43  VAL A O   1 
ATOM   296  C CB  . VAL A 1 72  ? -2.748  9.779   -12.684 1.00 21.23 ? 43  VAL A CB  1 
ATOM   297  C CG1 . VAL A 1 72  ? -2.060  8.515   -13.194 1.00 21.63 ? 43  VAL A CG1 1 
ATOM   298  C CG2 . VAL A 1 72  ? -1.862  10.524  -11.702 1.00 20.70 ? 43  VAL A CG2 1 
ATOM   299  N N   . ALA A 1 73  ? -4.435  9.642   -15.668 1.00 21.60 ? 44  ALA A N   1 
ATOM   300  C CA  . ALA A 1 73  ? -5.574  8.981   -16.296 1.00 21.63 ? 44  ALA A CA  1 
ATOM   301  C C   . ALA A 1 73  ? -5.725  7.580   -15.734 1.00 21.42 ? 44  ALA A C   1 
ATOM   302  O O   . ALA A 1 73  ? -4.760  7.021   -15.225 1.00 21.64 ? 44  ALA A O   1 
ATOM   303  C CB  . ALA A 1 73  ? -5.393  8.916   -17.840 1.00 21.66 ? 44  ALA A CB  1 
ATOM   304  N N   . PRO A 1 74  ? -6.936  7.005   -15.829 1.00 21.34 ? 45  PRO A N   1 
ATOM   305  C CA  . PRO A 1 74  ? -7.164  5.638   -15.378 1.00 21.49 ? 45  PRO A CA  1 
ATOM   306  C C   . PRO A 1 74  ? -6.195  4.645   -16.018 1.00 21.36 ? 45  PRO A C   1 
ATOM   307  O O   . PRO A 1 74  ? -6.089  4.597   -17.238 1.00 21.64 ? 45  PRO A O   1 
ATOM   308  C CB  . PRO A 1 74  ? -8.611  5.369   -15.822 1.00 21.43 ? 45  PRO A CB  1 
ATOM   309  C CG  . PRO A 1 74  ? -9.238  6.692   -15.788 1.00 21.41 ? 45  PRO A CG  1 
ATOM   310  C CD  . PRO A 1 74  ? -8.183  7.619   -16.317 1.00 21.23 ? 45  PRO A CD  1 
ATOM   311  N N   . ASN A 1 75  ? -5.495  3.869   -15.192 1.00 21.39 ? 46  ASN A N   1 
ATOM   312  C CA  . ASN A 1 75  ? -4.511  2.872   -15.661 1.00 21.76 ? 46  ASN A CA  1 
ATOM   313  C C   . ASN A 1 75  ? -3.170  3.425   -16.153 1.00 21.57 ? 46  ASN A C   1 
ATOM   314  O O   . ASN A 1 75  ? -2.297  2.652   -16.549 1.00 21.98 ? 46  ASN A O   1 
ATOM   315  C CB  . ASN A 1 75  ? -5.106  1.947   -16.747 1.00 22.43 ? 46  ASN A CB  1 
ATOM   316  C CG  . ASN A 1 75  ? -5.431  0.563   -16.222 1.00 24.81 ? 46  ASN A CG  1 
ATOM   317  O OD1 . ASN A 1 75  ? -4.531  -0.244  -15.954 1.00 26.12 ? 46  ASN A OD1 1 
ATOM   318  N ND2 . ASN A 1 75  ? -6.729  0.274   -16.088 1.00 27.85 ? 46  ASN A ND2 1 
ATOM   319  N N   . PHE A 1 76  ? -2.998  4.744   -16.150 1.00 21.02 ? 47  PHE A N   1 
ATOM   320  C CA  . PHE A 1 76  ? -1.704  5.326   -16.504 1.00 20.35 ? 47  PHE A CA  1 
ATOM   321  C C   . PHE A 1 76  ? -0.859  5.609   -15.255 1.00 19.91 ? 47  PHE A C   1 
ATOM   322  O O   . PHE A 1 76  ? -1.369  5.601   -14.128 1.00 19.74 ? 47  PHE A O   1 
ATOM   323  C CB  . PHE A 1 76  ? -1.892  6.577   -17.352 1.00 20.26 ? 47  PHE A CB  1 
ATOM   324  C CG  . PHE A 1 76  ? -2.072  6.299   -18.823 1.00 19.36 ? 47  PHE A CG  1 
ATOM   325  C CD1 . PHE A 1 76  ? -3.272  5.799   -19.307 1.00 20.96 ? 47  PHE A CD1 1 
ATOM   326  C CD2 . PHE A 1 76  ? -1.046  6.555   -19.723 1.00 19.88 ? 47  PHE A CD2 1 
ATOM   327  C CE1 . PHE A 1 76  ? -3.450  5.543   -20.681 1.00 20.52 ? 47  PHE A CE1 1 
ATOM   328  C CE2 . PHE A 1 76  ? -1.205  6.321   -21.095 1.00 20.32 ? 47  PHE A CE2 1 
ATOM   329  C CZ  . PHE A 1 76  ? -2.413  5.813   -21.575 1.00 20.90 ? 47  PHE A CZ  1 
ATOM   330  N N   . ILE A 1 77  ? 0.436   5.830   -15.465 1.00 19.43 ? 48  ILE A N   1 
ATOM   331  C CA  . ILE A 1 77  ? 1.391   5.994   -14.369 1.00 19.00 ? 48  ILE A CA  1 
ATOM   332  C C   . ILE A 1 77  ? 2.178   7.306   -14.510 1.00 18.59 ? 48  ILE A C   1 
ATOM   333  O O   . ILE A 1 77  ? 2.639   7.680   -15.597 1.00 17.92 ? 48  ILE A O   1 
ATOM   334  C CB  . ILE A 1 77  ? 2.322   4.758   -14.229 1.00 18.99 ? 48  ILE A CB  1 
ATOM   335  C CG1 . ILE A 1 77  ? 1.491   3.483   -13.975 1.00 19.99 ? 48  ILE A CG1 1 
ATOM   336  C CG2 . ILE A 1 77  ? 3.276   4.928   -13.042 1.00 19.48 ? 48  ILE A CG2 1 
ATOM   337  C CD1 . ILE A 1 77  ? 2.109   2.193   -14.489 1.00 19.90 ? 48  ILE A CD1 1 
ATOM   338  N N   . VAL A 1 78  ? 2.294   8.016   -13.394 1.00 18.29 ? 49  VAL A N   1 
ATOM   339  C CA  . VAL A 1 78  ? 2.998   9.278   -13.333 1.00 17.99 ? 49  VAL A CA  1 
ATOM   340  C C   . VAL A 1 78  ? 4.189   9.131   -12.371 1.00 17.87 ? 49  VAL A C   1 
ATOM   341  O O   . VAL A 1 78  ? 4.002   8.711   -11.218 1.00 17.34 ? 49  VAL A O   1 
ATOM   342  C CB  . VAL A 1 78  ? 2.035   10.374  -12.862 1.00 17.93 ? 49  VAL A CB  1 
ATOM   343  C CG1 . VAL A 1 78  ? 2.773   11.563  -12.367 1.00 18.25 ? 49  VAL A CG1 1 
ATOM   344  C CG2 . VAL A 1 78  ? 1.086   10.770  -14.013 1.00 17.63 ? 49  VAL A CG2 1 
ATOM   345  N N   . PRO A 1 79  ? 5.418   9.460   -12.841 1.00 17.76 ? 50  PRO A N   1 
ATOM   346  C CA  . PRO A 1 79  ? 6.586   9.493   -11.942 1.00 17.92 ? 50  PRO A CA  1 
ATOM   347  C C   . PRO A 1 79  ? 6.467   10.520  -10.832 1.00 17.96 ? 50  PRO A C   1 
ATOM   348  O O   . PRO A 1 79  ? 5.909   11.609  -11.036 1.00 18.51 ? 50  PRO A O   1 
ATOM   349  C CB  . PRO A 1 79  ? 7.754   9.841   -12.873 1.00 17.75 ? 50  PRO A CB  1 
ATOM   350  C CG  . PRO A 1 79  ? 7.277   9.536   -14.245 1.00 17.74 ? 50  PRO A CG  1 
ATOM   351  C CD  . PRO A 1 79  ? 5.801   9.776   -14.232 1.00 17.80 ? 50  PRO A CD  1 
ATOM   352  N N   . VAL A 1 80  ? 6.966   10.162  -9.649  1.00 18.22 ? 51  VAL A N   1 
ATOM   353  C CA  . VAL A 1 80  ? 6.873   11.035  -8.471  1.00 18.20 ? 51  VAL A CA  1 
ATOM   354  C C   . VAL A 1 80  ? 8.266   11.398  -7.957  1.00 18.27 ? 51  VAL A C   1 
ATOM   355  O O   . VAL A 1 80  ? 8.613   12.580  -7.888  1.00 18.56 ? 51  VAL A O   1 
ATOM   356  C CB  . VAL A 1 80  ? 6.037   10.381  -7.340  1.00 18.13 ? 51  VAL A CB  1 
ATOM   357  C CG1 . VAL A 1 80  ? 5.801   11.378  -6.185  1.00 16.99 ? 51  VAL A CG1 1 
ATOM   358  C CG2 . VAL A 1 80  ? 4.708   9.876   -7.894  1.00 18.41 ? 51  VAL A CG2 1 
ATOM   359  N N   . GLY A 1 81  ? 9.060   10.392  -7.600  1.00 18.15 ? 52  GLY A N   1 
ATOM   360  C CA  . GLY A 1 81  ? 10.410  10.642  -7.101  1.00 18.46 ? 52  GLY A CA  1 
ATOM   361  C C   . GLY A 1 81  ? 11.412  9.568   -7.460  1.00 18.54 ? 52  GLY A C   1 
ATOM   362  O O   . GLY A 1 81  ? 11.046  8.525   -7.993  1.00 18.09 ? 52  GLY A O   1 
ATOM   363  N N   . THR A 1 82  ? 12.687  9.850   -7.202  1.00 18.65 ? 53  THR A N   1 
ATOM   364  C CA  . THR A 1 82  ? 13.755  8.875   -7.397  1.00 19.27 ? 53  THR A CA  1 
ATOM   365  C C   . THR A 1 82  ? 14.643  8.807   -6.139  1.00 19.41 ? 53  THR A C   1 
ATOM   366  O O   . THR A 1 82  ? 14.777  9.790   -5.390  1.00 18.91 ? 53  THR A O   1 
ATOM   367  C CB  . THR A 1 82  ? 14.651  9.199   -8.647  1.00 19.29 ? 53  THR A CB  1 
ATOM   368  O OG1 . THR A 1 82  ? 15.155  10.535  -8.561  1.00 19.41 ? 53  THR A OG1 1 
ATOM   369  C CG2 . THR A 1 82  ? 13.883  9.034   -9.951  1.00 19.89 ? 53  THR A CG2 1 
ATOM   370  N N   . PHE A 1 83  ? 15.257  7.652   -5.911  1.00 19.62 ? 54  PHE A N   1 
ATOM   371  C CA  . PHE A 1 83  ? 16.149  7.508   -4.751  1.00 20.35 ? 54  PHE A CA  1 
ATOM   372  C C   . PHE A 1 83  ? 17.532  8.104   -5.052  1.00 20.82 ? 54  PHE A C   1 
ATOM   373  O O   . PHE A 1 83  ? 18.085  7.883   -6.142  1.00 20.73 ? 54  PHE A O   1 
ATOM   374  C CB  . PHE A 1 83  ? 16.282  6.047   -4.346  1.00 19.62 ? 54  PHE A CB  1 
ATOM   375  C CG  . PHE A 1 83  ? 14.981  5.416   -3.939  1.00 20.25 ? 54  PHE A CG  1 
ATOM   376  C CD1 . PHE A 1 83  ? 14.424  5.696   -2.690  1.00 19.35 ? 54  PHE A CD1 1 
ATOM   377  C CD2 . PHE A 1 83  ? 14.298  4.551   -4.807  1.00 18.71 ? 54  PHE A CD2 1 
ATOM   378  C CE1 . PHE A 1 83  ? 13.213  5.135   -2.308  1.00 19.09 ? 54  PHE A CE1 1 
ATOM   379  C CE2 . PHE A 1 83  ? 13.086  3.974   -4.420  1.00 19.09 ? 54  PHE A CE2 1 
ATOM   380  C CZ  . PHE A 1 83  ? 12.545  4.266   -3.175  1.00 19.22 ? 54  PHE A CZ  1 
ATOM   381  N N   . PRO A 1 84  ? 18.087  8.890   -4.108  1.00 21.84 ? 55  PRO A N   1 
ATOM   382  C CA  . PRO A 1 84  ? 19.511  9.216   -4.227  1.00 22.72 ? 55  PRO A CA  1 
ATOM   383  C C   . PRO A 1 84  ? 20.373  7.942   -4.293  1.00 23.62 ? 55  PRO A C   1 
ATOM   384  O O   . PRO A 1 84  ? 19.966  6.907   -3.751  1.00 23.13 ? 55  PRO A O   1 
ATOM   385  C CB  . PRO A 1 84  ? 19.791  10.012  -2.955  1.00 22.51 ? 55  PRO A CB  1 
ATOM   386  C CG  . PRO A 1 84  ? 18.468  10.620  -2.606  1.00 22.24 ? 55  PRO A CG  1 
ATOM   387  C CD  . PRO A 1 84  ? 17.472  9.557   -2.944  1.00 21.75 ? 55  PRO A CD  1 
ATOM   388  N N   . PRO A 1 85  ? 21.526  8.000   -5.002  1.00 24.98 ? 56  PRO A N   1 
ATOM   389  C CA  . PRO A 1 85  ? 22.493  6.892   -5.124  1.00 25.70 ? 56  PRO A CA  1 
ATOM   390  C C   . PRO A 1 85  ? 22.994  6.282   -3.814  1.00 26.55 ? 56  PRO A C   1 
ATOM   391  O O   . PRO A 1 85  ? 23.618  5.230   -3.845  1.00 27.58 ? 56  PRO A O   1 
ATOM   392  C CB  . PRO A 1 85  ? 23.681  7.531   -5.854  1.00 25.57 ? 56  PRO A CB  1 
ATOM   393  C CG  . PRO A 1 85  ? 23.144  8.664   -6.560  1.00 25.88 ? 56  PRO A CG  1 
ATOM   394  C CD  . PRO A 1 85  ? 21.942  9.164   -5.802  1.00 25.20 ? 56  PRO A CD  1 
ATOM   395  N N   . ALA A 1 86  ? 22.771  6.945   -2.687  1.00 27.51 ? 57  ALA A N   1 
ATOM   396  C CA  . ALA A 1 86  ? 23.120  6.369   -1.401  1.00 28.16 ? 57  ALA A CA  1 
ATOM   397  C C   . ALA A 1 86  ? 22.336  5.073   -1.144  1.00 29.00 ? 57  ALA A C   1 
ATOM   398  O O   . ALA A 1 86  ? 22.877  4.140   -0.541  1.00 29.46 ? 57  ALA A O   1 
ATOM   399  C CB  . ALA A 1 86  ? 22.878  7.385   -0.270  1.00 28.44 ? 57  ALA A CB  1 
ATOM   400  N N   . PHE A 1 87  ? 21.083  5.012   -1.612  1.00 29.29 ? 58  PHE A N   1 
ATOM   401  C CA  . PHE A 1 87  ? 20.203  3.855   -1.359  1.00 29.61 ? 58  PHE A CA  1 
ATOM   402  C C   . PHE A 1 87  ? 20.560  2.623   -2.193  1.00 30.23 ? 58  PHE A C   1 
ATOM   403  O O   . PHE A 1 87  ? 20.113  1.522   -1.885  1.00 30.74 ? 58  PHE A O   1 
ATOM   404  C CB  . PHE A 1 87  ? 18.719  4.219   -1.555  1.00 29.36 ? 58  PHE A CB  1 
ATOM   405  C CG  . PHE A 1 87  ? 18.194  5.166   -0.514  1.00 28.91 ? 58  PHE A CG  1 
ATOM   406  C CD1 . PHE A 1 87  ? 17.424  4.704   0.540   1.00 28.07 ? 58  PHE A CD1 1 
ATOM   407  C CD2 . PHE A 1 87  ? 18.506  6.526   -0.571  1.00 28.85 ? 58  PHE A CD2 1 
ATOM   408  C CE1 . PHE A 1 87  ? 16.959  5.583   1.521   1.00 28.46 ? 58  PHE A CE1 1 
ATOM   409  C CE2 . PHE A 1 87  ? 18.042  7.409   0.399   1.00 28.90 ? 58  PHE A CE2 1 
ATOM   410  C CZ  . PHE A 1 87  ? 17.266  6.934   1.443   1.00 28.81 ? 58  PHE A CZ  1 
ATOM   411  N N   . GLY A 1 88  ? 21.343  2.811   -3.255  1.00 30.93 ? 59  GLY A N   1 
ATOM   412  C CA  . GLY A 1 88  ? 21.901  1.693   -4.008  1.00 30.96 ? 59  GLY A CA  1 
ATOM   413  C C   . GLY A 1 88  ? 20.972  1.111   -5.054  1.00 31.42 ? 59  GLY A C   1 
ATOM   414  O O   . GLY A 1 88  ? 20.045  1.771   -5.519  1.00 31.59 ? 59  GLY A O   1 
ATOM   415  N N   . THR A 1 89  ? 21.235  -0.145  -5.407  1.00 31.72 ? 60  THR A N   1 
ATOM   416  C CA  . THR A 1 89  ? 20.653  -0.816  -6.579  1.00 31.68 ? 60  THR A CA  1 
ATOM   417  C C   . THR A 1 89  ? 19.624  -1.881  -6.189  1.00 31.59 ? 60  THR A C   1 
ATOM   418  O O   . THR A 1 89  ? 18.631  -2.105  -6.887  1.00 31.17 ? 60  THR A O   1 
ATOM   419  C CB  . THR A 1 89  ? 21.809  -1.465  -7.416  1.00 31.96 ? 60  THR A CB  1 
ATOM   420  O OG1 . THR A 1 89  ? 22.237  -0.548  -8.428  1.00 32.35 ? 60  THR A OG1 1 
ATOM   421  C CG2 . THR A 1 89  ? 21.404  -2.790  -8.078  1.00 32.42 ? 60  THR A CG2 1 
ATOM   422  N N   . ASN A 1 90  ? 19.871  -2.508  -5.046  1.00 31.51 ? 61  ASN A N   1 
ATOM   423  C CA  . ASN A 1 90  ? 19.157  -3.698  -4.601  1.00 31.21 ? 61  ASN A CA  1 
ATOM   424  C C   . ASN A 1 90  ? 17.771  -3.432  -3.974  1.00 30.89 ? 61  ASN A C   1 
ATOM   425  O O   . ASN A 1 90  ? 17.385  -4.068  -2.970  1.00 30.75 ? 61  ASN A O   1 
ATOM   426  C CB  . ASN A 1 90  ? 20.054  -4.412  -3.592  1.00 31.50 ? 61  ASN A CB  1 
ATOM   427  C CG  . ASN A 1 90  ? 20.461  -3.506  -2.447  1.00 32.97 ? 61  ASN A CG  1 
ATOM   428  O OD1 . ASN A 1 90  ? 20.172  -2.300  -2.462  1.00 34.99 ? 61  ASN A OD1 1 
ATOM   429  N ND2 . ASN A 1 90  ? 21.143  -4.070  -1.453  1.00 35.52 ? 61  ASN A ND2 1 
ATOM   430  N N   . LEU A 1 91  ? 17.015  -2.514  -4.573  1.00 30.11 ? 62  LEU A N   1 
ATOM   431  C CA  . LEU A 1 91  ? 15.740  -2.109  -4.008  1.00 29.51 ? 62  LEU A CA  1 
ATOM   432  C C   . LEU A 1 91  ? 14.668  -3.079  -4.485  1.00 28.86 ? 62  LEU A C   1 
ATOM   433  O O   . LEU A 1 91  ? 14.809  -3.654  -5.555  1.00 29.16 ? 62  LEU A O   1 
ATOM   434  C CB  . LEU A 1 91  ? 15.389  -0.666  -4.394  1.00 29.54 ? 62  LEU A CB  1 
ATOM   435  C CG  . LEU A 1 91  ? 16.464  0.405   -4.162  1.00 29.48 ? 62  LEU A CG  1 
ATOM   436  C CD1 . LEU A 1 91  ? 15.847  1.775   -4.399  1.00 29.67 ? 62  LEU A CD1 1 
ATOM   437  C CD2 . LEU A 1 91  ? 17.091  0.323   -2.762  1.00 28.49 ? 62  LEU A CD2 1 
ATOM   438  N N   . PRO A 1 92  ? 13.618  -3.290  -3.674  1.00 28.04 ? 63  PRO A N   1 
ATOM   439  C CA  . PRO A 1 92  ? 12.524  -4.188  -4.049  1.00 27.77 ? 63  PRO A CA  1 
ATOM   440  C C   . PRO A 1 92  ? 11.525  -3.584  -5.047  1.00 27.34 ? 63  PRO A C   1 
ATOM   441  O O   . PRO A 1 92  ? 11.525  -2.369  -5.280  1.00 27.38 ? 63  PRO A O   1 
ATOM   442  C CB  . PRO A 1 92  ? 11.839  -4.482  -2.698  1.00 27.54 ? 63  PRO A CB  1 
ATOM   443  C CG  . PRO A 1 92  ? 12.119  -3.304  -1.852  1.00 27.35 ? 63  PRO A CG  1 
ATOM   444  C CD  . PRO A 1 92  ? 13.429  -2.722  -2.320  1.00 27.86 ? 63  PRO A CD  1 
ATOM   445  N N   . GLN A 1 93  ? 10.681  -4.438  -5.620  1.00 26.91 ? 64  GLN A N   1 
ATOM   446  C CA  . GLN A 1 93  ? 9.586   -3.995  -6.478  1.00 26.71 ? 64  GLN A CA  1 
ATOM   447  C C   . GLN A 1 93  ? 8.255   -4.511  -5.965  1.00 26.40 ? 64  GLN A C   1 
ATOM   448  O O   . GLN A 1 93  ? 8.081   -5.724  -5.784  1.00 26.65 ? 64  GLN A O   1 
ATOM   449  C CB  . GLN A 1 93  ? 9.765   -4.473  -7.928  1.00 27.12 ? 64  GLN A CB  1 
ATOM   450  C CG  . GLN A 1 93  ? 8.446   -4.477  -8.782  1.00 27.85 ? 64  GLN A CG  1 
ATOM   451  C CD  . GLN A 1 93  ? 8.067   -3.101  -9.335  1.00 29.43 ? 64  GLN A CD  1 
ATOM   452  O OE1 . GLN A 1 93  ? 8.758   -2.580  -10.202 1.00 30.37 ? 64  GLN A OE1 1 
ATOM   453  N NE2 . GLN A 1 93  ? 6.959   -2.522  -8.849  1.00 29.65 ? 64  GLN A NE2 1 
ATOM   454  N N   . PHE A 1 94  ? 7.302   -3.595  -5.780  1.00 25.31 ? 65  PHE A N   1 
ATOM   455  C CA  . PHE A 1 94  ? 5.913   -3.972  -5.542  1.00 24.71 ? 65  PHE A CA  1 
ATOM   456  C C   . PHE A 1 94  ? 4.994   -2.769  -5.707  1.00 24.13 ? 65  PHE A C   1 
ATOM   457  O O   . PHE A 1 94  ? 5.440   -1.622  -5.611  1.00 23.52 ? 65  PHE A O   1 
ATOM   458  C CB  . PHE A 1 94  ? 5.733   -4.617  -4.150  1.00 24.43 ? 65  PHE A CB  1 
ATOM   459  C CG  . PHE A 1 94  ? 6.205   -3.764  -3.010  1.00 24.19 ? 65  PHE A CG  1 
ATOM   460  C CD1 . PHE A 1 94  ? 5.353   -2.828  -2.426  1.00 23.79 ? 65  PHE A CD1 1 
ATOM   461  C CD2 . PHE A 1 94  ? 7.495   -3.907  -2.506  1.00 23.21 ? 65  PHE A CD2 1 
ATOM   462  C CE1 . PHE A 1 94  ? 5.782   -2.039  -1.361  1.00 24.13 ? 65  PHE A CE1 1 
ATOM   463  C CE2 . PHE A 1 94  ? 7.931   -3.117  -1.449  1.00 23.91 ? 65  PHE A CE2 1 
ATOM   464  C CZ  . PHE A 1 94  ? 7.073   -2.184  -0.871  1.00 23.59 ? 65  PHE A CZ  1 
ATOM   465  N N   . ASP A 1 95  ? 3.724   -3.042  -5.992  1.00 23.55 ? 66  ASP A N   1 
ATOM   466  C CA  . ASP A 1 95  ? 2.694   -2.021  -6.000  1.00 23.44 ? 66  ASP A CA  1 
ATOM   467  C C   . ASP A 1 95  ? 1.892   -2.134  -4.696  1.00 23.17 ? 66  ASP A C   1 
ATOM   468  O O   . ASP A 1 95  ? 1.498   -3.227  -4.290  1.00 23.13 ? 66  ASP A O   1 
ATOM   469  C CB  . ASP A 1 95  ? 1.767   -2.171  -7.209  1.00 23.50 ? 66  ASP A CB  1 
ATOM   470  C CG  . ASP A 1 95  ? 2.438   -1.806  -8.544  1.00 24.08 ? 66  ASP A CG  1 
ATOM   471  O OD1 . ASP A 1 95  ? 3.570   -1.269  -8.570  1.00 25.80 ? 66  ASP A OD1 1 
ATOM   472  O OD2 . ASP A 1 95  ? 1.815   -2.067  -9.587  1.00 22.64 ? 66  ASP A OD2 1 
ATOM   473  N N   . SER A 1 96  ? 1.681   -1.000  -4.035  1.00 22.99 ? 67  SER A N   1 
ATOM   474  C CA  . SER A 1 96  ? 0.818   -0.936  -2.852  1.00 22.71 ? 67  SER A CA  1 
ATOM   475  C C   . SER A 1 96  ? -0.205  0.194   -2.990  1.00 22.68 ? 67  SER A C   1 
ATOM   476  O O   . SER A 1 96  ? -0.274  0.851   -4.027  1.00 22.98 ? 67  SER A O   1 
ATOM   477  C CB  . SER A 1 96  ? 1.644   -0.810  -1.562  1.00 22.26 ? 67  SER A CB  1 
ATOM   478  O OG  . SER A 1 96  ? 2.533   0.293   -1.542  1.00 20.15 ? 67  SER A OG  1 
ATOM   479  N N   . SER A 1 97  ? -1.034  0.360   -1.967  1.00 22.85 ? 68  SER A N   1 
ATOM   480  C CA  . SER A 1 97  ? -2.030  1.418   -1.914  1.00 22.81 ? 68  SER A CA  1 
ATOM   481  C C   . SER A 1 97  ? -1.504  2.678   -1.248  1.00 22.89 ? 68  SER A C   1 
ATOM   482  O O   . SER A 1 97  ? -0.643  2.637   -0.362  1.00 22.57 ? 68  SER A O   1 
ATOM   483  C CB  . SER A 1 97  ? -3.246  0.952   -1.121  1.00 23.01 ? 68  SER A CB  1 
ATOM   484  O OG  . SER A 1 97  ? -3.841  -0.177  -1.712  1.00 23.22 ? 68  SER A OG  1 
ATOM   485  N N   . GLY A 1 98  ? -2.042  3.804   -1.702  1.00 23.03 ? 69  GLY A N   1 
ATOM   486  C CA  . GLY A 1 98  ? -1.917  5.078   -1.017  1.00 23.09 ? 69  GLY A CA  1 
ATOM   487  C C   . GLY A 1 98  ? -3.254  5.774   -1.156  1.00 23.18 ? 69  GLY A C   1 
ATOM   488  O O   . GLY A 1 98  ? -4.274  5.138   -1.455  1.00 23.31 ? 69  GLY A O   1 
ATOM   489  N N   . THR A 1 99  ? -3.258  7.083   -0.957  1.00 23.49 ? 70  THR A N   1 
ATOM   490  C CA  . THR A 1 99  ? -4.459  7.874   -1.194  1.00 23.69 ? 70  THR A CA  1 
ATOM   491  C C   . THR A 1 99  ? -4.190  9.016   -2.180  1.00 23.69 ? 70  THR A C   1 
ATOM   492  O O   . THR A 1 99  ? -3.067  9.505   -2.274  1.00 22.91 ? 70  THR A O   1 
ATOM   493  C CB  . THR A 1 99  ? -5.022  8.429   0.122   1.00 23.55 ? 70  THR A CB  1 
ATOM   494  O OG1 . THR A 1 99  ? -3.985  9.096   0.853   1.00 22.59 ? 70  THR A OG1 1 
ATOM   495  C CG2 . THR A 1 99  ? -5.605  7.293   0.956   1.00 23.94 ? 70  THR A CG2 1 
ATOM   496  N N   . PHE A 1 100 ? -5.216  9.364   -2.962  1.00 24.24 ? 71  PHE A N   1 
ATOM   497  C CA  . PHE A 1 100 ? -5.288  10.673  -3.621  1.00 24.86 ? 71  PHE A CA  1 
ATOM   498  C C   . PHE A 1 100 ? -6.142  11.556  -2.724  1.00 25.42 ? 71  PHE A C   1 
ATOM   499  O O   . PHE A 1 100 ? -7.002  11.066  -1.983  1.00 25.33 ? 71  PHE A O   1 
ATOM   500  C CB  . PHE A 1 100 ? -5.961  10.609  -5.001  1.00 24.20 ? 71  PHE A CB  1 
ATOM   501  C CG  . PHE A 1 100 ? -5.166  9.895   -6.064  1.00 23.26 ? 71  PHE A CG  1 
ATOM   502  C CD1 . PHE A 1 100 ? -4.019  10.469  -6.602  1.00 22.79 ? 71  PHE A CD1 1 
ATOM   503  C CD2 . PHE A 1 100 ? -5.601  8.676   -6.570  1.00 23.19 ? 71  PHE A CD2 1 
ATOM   504  C CE1 . PHE A 1 100 ? -3.302  9.817   -7.602  1.00 22.32 ? 71  PHE A CE1 1 
ATOM   505  C CE2 . PHE A 1 100 ? -4.888  8.020   -7.577  1.00 22.91 ? 71  PHE A CE2 1 
ATOM   506  C CZ  . PHE A 1 100 ? -3.743  8.593   -8.092  1.00 22.94 ? 71  PHE A CZ  1 
ATOM   507  N N   . TYR A 1 101 ? -5.917  12.859  -2.813  1.00 27.00 ? 72  TYR A N   1 
ATOM   508  C CA  . TYR A 1 101 ? -6.663  13.816  -2.024  1.00 27.47 ? 72  TYR A CA  1 
ATOM   509  C C   . TYR A 1 101 ? -6.806  15.179  -2.701  1.00 28.00 ? 72  TYR A C   1 
ATOM   510  O O   . TYR A 1 101 ? -5.826  15.773  -3.120  1.00 28.20 ? 72  TYR A O   1 
ATOM   511  C CB  . TYR A 1 101 ? -5.991  14.031  -0.663  1.00 28.20 ? 72  TYR A CB  1 
ATOM   512  C CG  . TYR A 1 101 ? -6.679  15.134  0.095   1.00 28.30 ? 72  TYR A CG  1 
ATOM   513  C CD1 . TYR A 1 101 ? -7.870  14.887  0.761   1.00 28.43 ? 72  TYR A CD1 1 
ATOM   514  C CD2 . TYR A 1 101 ? -6.183  16.440  0.079   1.00 29.53 ? 72  TYR A CD2 1 
ATOM   515  C CE1 . TYR A 1 101 ? -8.522  15.881  1.425   1.00 29.10 ? 72  TYR A CE1 1 
ATOM   516  C CE2 . TYR A 1 101 ? -6.847  17.460  0.743   1.00 28.90 ? 72  TYR A CE2 1 
ATOM   517  C CZ  . TYR A 1 101 ? -8.012  17.164  1.420   1.00 29.58 ? 72  TYR A CZ  1 
ATOM   518  O OH  . TYR A 1 101 ? -8.698  18.146  2.097   1.00 30.82 ? 72  TYR A OH  1 
ATOM   519  N N   . SER A 1 102 ? -8.036  15.672  -2.772  1.00 28.81 ? 73  SER A N   1 
ATOM   520  C CA  . SER A 1 102 ? -8.299  17.089  -3.045  1.00 29.46 ? 73  SER A CA  1 
ATOM   521  C C   . SER A 1 102 ? -9.671  17.432  -2.491  1.00 30.28 ? 73  SER A C   1 
ATOM   522  O O   . SER A 1 102 ? -10.534 16.558  -2.381  1.00 30.80 ? 73  SER A O   1 
ATOM   523  C CB  . SER A 1 102 ? -8.259  17.404  -4.546  1.00 29.34 ? 73  SER A CB  1 
ATOM   524  O OG  . SER A 1 102 ? -9.448  16.973  -5.182  1.00 27.83 ? 73  SER A OG  1 
ATOM   525  N N   . HIS A 1 103 ? -9.862  18.703  -2.144  1.00 31.36 ? 74  HIS A N   1 
ATOM   526  C CA  . HIS A 1 103 ? -11.172 19.226  -1.739  1.00 31.69 ? 74  HIS A CA  1 
ATOM   527  C C   . HIS A 1 103 ? -11.908 18.319  -0.750  1.00 31.97 ? 74  HIS A C   1 
ATOM   528  O O   . HIS A 1 103 ? -13.079 18.016  -0.933  1.00 32.00 ? 74  HIS A O   1 
ATOM   529  C CB  . HIS A 1 103 ? -12.048 19.477  -2.976  1.00 32.19 ? 74  HIS A CB  1 
ATOM   530  C CG  . HIS A 1 103 ? -11.454 20.456  -3.942  1.00 33.30 ? 74  HIS A CG  1 
ATOM   531  N ND1 . HIS A 1 103 ? -11.440 20.242  -5.306  1.00 34.30 ? 74  HIS A ND1 1 
ATOM   532  C CD2 . HIS A 1 103 ? -10.830 21.642  -3.738  1.00 33.43 ? 74  HIS A CD2 1 
ATOM   533  C CE1 . HIS A 1 103 ? -10.847 21.263  -5.900  1.00 34.13 ? 74  HIS A CE1 1 
ATOM   534  N NE2 . HIS A 1 103 ? -10.467 22.126  -4.972  1.00 33.73 ? 74  HIS A NE2 1 
ATOM   535  N N   . GLY A 1 104 ? -11.199 17.886  0.291   1.00 32.30 ? 75  GLY A N   1 
ATOM   536  C CA  . GLY A 1 104 ? -11.804 17.151  1.397   1.00 32.03 ? 75  GLY A CA  1 
ATOM   537  C C   . GLY A 1 104 ? -12.266 15.753  1.037   1.00 32.09 ? 75  GLY A C   1 
ATOM   538  O O   . GLY A 1 104 ? -13.079 15.171  1.750   1.00 32.23 ? 75  GLY A O   1 
ATOM   539  N N   . ASN A 1 105 ? -11.742 15.210  -0.066  1.00 31.98 ? 76  ASN A N   1 
ATOM   540  C CA  . ASN A 1 105 ? -12.147 13.893  -0.560  1.00 31.20 ? 76  ASN A CA  1 
ATOM   541  C C   . ASN A 1 105 ? -10.932 12.998  -0.834  1.00 30.55 ? 76  ASN A C   1 
ATOM   542  O O   . ASN A 1 105 ? -9.963  13.431  -1.457  1.00 30.68 ? 76  ASN A O   1 
ATOM   543  C CB  . ASN A 1 105 ? -13.018 14.049  -1.817  1.00 31.51 ? 76  ASN A CB  1 
ATOM   544  C CG  . ASN A 1 105 ? -14.375 14.719  -1.519  1.00 32.94 ? 76  ASN A CG  1 
ATOM   545  O OD1 . ASN A 1 105 ? -15.390 14.045  -1.330  1.00 34.05 ? 76  ASN A OD1 1 
ATOM   546  N ND2 . ASN A 1 105 ? -14.384 16.047  -1.470  1.00 34.91 ? 76  ASN A ND2 1 
ATOM   547  N N   . LEU A 1 106 ? -10.990 11.756  -0.357  1.00 29.77 ? 77  LEU A N   1 
ATOM   548  C CA  . LEU A 1 106 ? -9.911  10.780  -0.554  1.00 29.09 ? 77  LEU A CA  1 
ATOM   549  C C   . LEU A 1 106 ? -10.339 9.669   -1.508  1.00 28.25 ? 77  LEU A C   1 
ATOM   550  O O   . LEU A 1 106 ? -11.466 9.195   -1.459  1.00 28.13 ? 77  LEU A O   1 
ATOM   551  C CB  . LEU A 1 106 ? -9.487  10.151  0.779   1.00 29.10 ? 77  LEU A CB  1 
ATOM   552  C CG  . LEU A 1 106 ? -8.802  11.068  1.794   1.00 29.42 ? 77  LEU A CG  1 
ATOM   553  C CD1 . LEU A 1 106 ? -9.056  10.586  3.221   1.00 30.46 ? 77  LEU A CD1 1 
ATOM   554  C CD2 . LEU A 1 106 ? -7.313  11.170  1.523   1.00 29.56 ? 77  LEU A CD2 1 
ATOM   555  N N   . SER A 1 107 ? -9.418  9.253   -2.366  1.00 27.49 ? 78  SER A N   1 
ATOM   556  C CA  . SER A 1 107 ? -9.644  8.132   -3.271  1.00 26.99 ? 78  SER A CA  1 
ATOM   557  C C   . SER A 1 107 ? -8.448  7.174   -3.252  1.00 25.92 ? 78  SER A C   1 
ATOM   558  O O   . SER A 1 107 ? -7.355  7.551   -2.839  1.00 25.60 ? 78  SER A O   1 
ATOM   559  C CB  . SER A 1 107 ? -9.914  8.656   -4.689  1.00 26.84 ? 78  SER A CB  1 
ATOM   560  O OG  . SER A 1 107 ? -9.363  9.956   -4.843  1.00 28.39 ? 78  SER A OG  1 
ATOM   561  N N   . LEU A 1 108 ? -8.680  5.941   -3.700  1.00 25.22 ? 79  LEU A N   1 
ATOM   562  C CA  . LEU A 1 108 ? -7.626  4.934   -3.830  1.00 24.81 ? 79  LEU A CA  1 
ATOM   563  C C   . LEU A 1 108 ? -6.598  5.303   -4.910  1.00 23.91 ? 79  LEU A C   1 
ATOM   564  O O   . LEU A 1 108 ? -6.938  5.424   -6.092  1.00 23.98 ? 79  LEU A O   1 
ATOM   565  C CB  . LEU A 1 108 ? -8.225  3.550   -4.152  1.00 24.63 ? 79  LEU A CB  1 
ATOM   566  C CG  . LEU A 1 108 ? -7.226  2.372   -4.175  1.00 25.29 ? 79  LEU A CG  1 
ATOM   567  C CD1 . LEU A 1 108 ? -6.717  2.068   -2.781  1.00 26.23 ? 79  LEU A CD1 1 
ATOM   568  C CD2 . LEU A 1 108 ? -7.818  1.102   -4.787  1.00 25.40 ? 79  LEU A CD2 1 
ATOM   569  N N   . SER A 1 109 ? -5.345  5.480   -4.488  1.00 22.93 ? 80  SER A N   1 
ATOM   570  C CA  . SER A 1 109 ? -4.211  5.529   -5.417  1.00 22.15 ? 80  SER A CA  1 
ATOM   571  C C   . SER A 1 109 ? -3.436  4.225   -5.355  1.00 21.50 ? 80  SER A C   1 
ATOM   572  O O   . SER A 1 109 ? -3.535  3.473   -4.384  1.00 21.50 ? 80  SER A O   1 
ATOM   573  C CB  . SER A 1 109 ? -3.288  6.726   -5.126  1.00 21.68 ? 80  SER A CB  1 
ATOM   574  O OG  . SER A 1 109 ? -2.451  6.518   -4.001  1.00 21.36 ? 80  SER A OG  1 
ATOM   575  N N   . LEU A 1 110 ? -2.680  3.965   -6.416  1.00 20.98 ? 81  LEU A N   1 
ATOM   576  C CA  . LEU A 1 110 ? -1.726  2.878   -6.464  1.00 20.61 ? 81  LEU A CA  1 
ATOM   577  C C   . LEU A 1 110 ? -0.325  3.479   -6.353  1.00 20.26 ? 81  LEU A C   1 
ATOM   578  O O   . LEU A 1 110 ? -0.033  4.483   -6.999  1.00 20.01 ? 81  LEU A O   1 
ATOM   579  C CB  . LEU A 1 110 ? -1.882  2.101   -7.779  1.00 20.42 ? 81  LEU A CB  1 
ATOM   580  C CG  . LEU A 1 110 ? -0.878  0.979   -8.074  1.00 20.19 ? 81  LEU A CG  1 
ATOM   581  C CD1 . LEU A 1 110 ? -1.543  -0.137  -8.849  1.00 20.88 ? 81  LEU A CD1 1 
ATOM   582  C CD2 . LEU A 1 110 ? 0.339   1.501   -8.845  1.00 19.78 ? 81  LEU A CD2 1 
ATOM   583  N N   . ILE A 1 111 ? 0.524   2.857   -5.532  1.00 19.82 ? 82  ILE A N   1 
ATOM   584  C CA  . ILE A 1 111 ? 1.919   3.276   -5.355  1.00 19.83 ? 82  ILE A CA  1 
ATOM   585  C C   . ILE A 1 111 ? 2.872   2.264   -5.978  1.00 19.65 ? 82  ILE A C   1 
ATOM   586  O O   . ILE A 1 111 ? 2.907   1.104   -5.585  1.00 19.72 ? 82  ILE A O   1 
ATOM   587  C CB  . ILE A 1 111 ? 2.289   3.436   -3.869  1.00 19.52 ? 82  ILE A CB  1 
ATOM   588  C CG1 . ILE A 1 111 ? 1.325   4.408   -3.171  1.00 19.68 ? 82  ILE A CG1 1 
ATOM   589  C CG2 . ILE A 1 111 ? 3.745   3.904   -3.735  1.00 19.58 ? 82  ILE A CG2 1 
ATOM   590  C CD1 . ILE A 1 111 ? 1.442   5.887   -3.620  1.00 18.89 ? 82  ILE A CD1 1 
ATOM   591  N N   . ASN A 1 112 ? 3.648   2.722   -6.950  1.00 19.88 ? 83  ASN A N   1 
ATOM   592  C CA  . ASN A 1 112 ? 4.625   1.880   -7.655  1.00 19.85 ? 83  ASN A CA  1 
ATOM   593  C C   . ASN A 1 112 ? 6.041   2.058   -7.057  1.00 19.47 ? 83  ASN A C   1 
ATOM   594  O O   . ASN A 1 112 ? 6.619   3.147   -7.103  1.00 18.01 ? 83  ASN A O   1 
ATOM   595  C CB  . ASN A 1 112 ? 4.594   2.248   -9.151  1.00 20.17 ? 83  ASN A CB  1 
ATOM   596  C CG  . ASN A 1 112 ? 5.363   1.279   -10.017 1.00 19.91 ? 83  ASN A CG  1 
ATOM   597  O OD1 . ASN A 1 112 ? 6.537   0.985   -9.769  1.00 20.21 ? 83  ASN A OD1 1 
ATOM   598  N ND2 . ASN A 1 112 ? 4.702   0.777   -11.051 1.00 22.06 ? 83  ASN A ND2 1 
ATOM   599  N N   . MET A 1 113 ? 6.568   0.977   -6.475  1.00 19.71 ? 84  MET A N   1 
ATOM   600  C CA  . MET A 1 113 ? 7.904   0.964   -5.872  1.00 20.07 ? 84  MET A CA  1 
ATOM   601  C C   . MET A 1 113 ? 8.832   0.100   -6.727  1.00 20.40 ? 84  MET A C   1 
ATOM   602  O O   . MET A 1 113 ? 8.448   -0.984  -7.156  1.00 21.35 ? 84  MET A O   1 
ATOM   603  C CB  . MET A 1 113 ? 7.838   0.431   -4.435  1.00 19.90 ? 84  MET A CB  1 
ATOM   604  C CG  . MET A 1 113 ? 9.187   0.148   -3.790  1.00 19.79 ? 84  MET A CG  1 
ATOM   605  S SD  . MET A 1 113 ? 10.217  1.606   -3.463  1.00 20.01 ? 84  MET A SD  1 
ATOM   606  C CE  . MET A 1 113 ? 11.756  0.806   -3.010  1.00 20.39 ? 84  MET A CE  1 
ATOM   607  N N   . SER A 1 114 ? 10.040  0.603   -6.988  1.00 20.31 ? 85  SER A N   1 
ATOM   608  C CA  . SER A 1 114 ? 11.067  -0.125  -7.739  1.00 19.78 ? 85  SER A CA  1 
ATOM   609  C C   . SER A 1 114 ? 12.439  0.501   -7.486  1.00 19.61 ? 85  SER A C   1 
ATOM   610  O O   . SER A 1 114 ? 12.540  1.518   -6.778  1.00 19.59 ? 85  SER A O   1 
ATOM   611  C CB  . SER A 1 114 ? 10.742  -0.131  -9.235  1.00 19.98 ? 85  SER A CB  1 
ATOM   612  O OG  . SER A 1 114 ? 10.673  1.180   -9.760  1.00 20.35 ? 85  SER A OG  1 
ATOM   613  N N   . PRO A 1 115 ? 13.512  -0.138  -7.996  1.00 19.27 ? 86  PRO A N   1 
ATOM   614  C CA  . PRO A 1 115 ? 14.792  0.566   -8.133  1.00 18.95 ? 86  PRO A CA  1 
ATOM   615  C C   . PRO A 1 115 ? 14.663  1.943   -8.794  1.00 18.37 ? 86  PRO A C   1 
ATOM   616  O O   . PRO A 1 115 ? 15.426  2.842   -8.477  1.00 17.88 ? 86  PRO A O   1 
ATOM   617  C CB  . PRO A 1 115 ? 15.611  -0.389  -9.009  1.00 18.74 ? 86  PRO A CB  1 
ATOM   618  C CG  . PRO A 1 115 ? 15.101  -1.736  -8.633  1.00 18.72 ? 86  PRO A CG  1 
ATOM   619  C CD  . PRO A 1 115 ? 13.622  -1.554  -8.408  1.00 19.31 ? 86  PRO A CD  1 
ATOM   620  N N   . SER A 1 116 ? 13.681  2.103   -9.682  1.00 18.77 ? 87  SER A N   1 
ATOM   621  C CA  . SER A 1 116 ? 13.503  3.342   -10.447 1.00 19.04 ? 87  SER A CA  1 
ATOM   622  C C   . SER A 1 116 ? 12.877  4.492   -9.679  1.00 18.85 ? 87  SER A C   1 
ATOM   623  O O   . SER A 1 116 ? 12.852  5.620   -10.179 1.00 19.01 ? 87  SER A O   1 
ATOM   624  C CB  . SER A 1 116 ? 12.663  3.070   -11.685 1.00 19.18 ? 87  SER A CB  1 
ATOM   625  O OG  . SER A 1 116 ? 13.251  2.027   -12.428 1.00 21.36 ? 87  SER A OG  1 
ATOM   626  N N   . GLY A 1 117 ? 12.361  4.208   -8.483  1.00 18.89 ? 88  GLY A N   1 
ATOM   627  C CA  . GLY A 1 117 ? 11.815  5.232   -7.611  1.00 18.73 ? 88  GLY A CA  1 
ATOM   628  C C   . GLY A 1 117 ? 10.391  4.955   -7.191  1.00 18.69 ? 88  GLY A C   1 
ATOM   629  O O   . GLY A 1 117 ? 9.996   3.797   -7.017  1.00 19.06 ? 88  GLY A O   1 
ATOM   630  N N   . ILE A 1 118 ? 9.645   6.038   -6.991  1.00 18.24 ? 89  ILE A N   1 
ATOM   631  C CA  . ILE A 1 118 ? 8.231   6.005   -6.646  1.00 18.37 ? 89  ILE A CA  1 
ATOM   632  C C   . ILE A 1 118 ? 7.460   6.618   -7.808  1.00 18.37 ? 89  ILE A C   1 
ATOM   633  O O   . ILE A 1 118 ? 7.870   7.620   -8.376  1.00 18.36 ? 89  ILE A O   1 
ATOM   634  C CB  . ILE A 1 118 ? 7.927   6.810   -5.334  1.00 18.30 ? 89  ILE A CB  1 
ATOM   635  C CG1 . ILE A 1 118 ? 8.649   6.195   -4.118  1.00 16.71 ? 89  ILE A CG1 1 
ATOM   636  C CG2 . ILE A 1 118 ? 6.403   6.908   -5.074  1.00 18.05 ? 89  ILE A CG2 1 
ATOM   637  C CD1 . ILE A 1 118 ? 8.113   4.860   -3.672  1.00 15.92 ? 89  ILE A CD1 1 
ATOM   638  N N   . ALA A 1 119 ? 6.362   5.978   -8.175  1.00 18.67 ? 90  ALA A N   1 
ATOM   639  C CA  . ALA A 1 119 ? 5.474   6.475   -9.217  1.00 19.22 ? 90  ALA A CA  1 
ATOM   640  C C   . ALA A 1 119 ? 4.038   6.177   -8.783  1.00 19.49 ? 90  ALA A C   1 
ATOM   641  O O   . ALA A 1 119 ? 3.802   5.303   -7.943  1.00 19.69 ? 90  ALA A O   1 
ATOM   642  C CB  . ALA A 1 119 ? 5.802   5.822   -10.558 1.00 19.37 ? 90  ALA A CB  1 
ATOM   643  N N   . VAL A 1 120 ? 3.081   6.912   -9.328  1.00 20.06 ? 91  VAL A N   1 
ATOM   644  C CA  . VAL A 1 120 ? 1.706   6.795   -8.847  1.00 20.04 ? 91  VAL A CA  1 
ATOM   645  C C   . VAL A 1 120 ? 0.735   6.400   -9.967  1.00 20.16 ? 91  VAL A C   1 
ATOM   646  O O   . VAL A 1 120 ? 0.801   6.922   -11.067 1.00 20.00 ? 91  VAL A O   1 
ATOM   647  C CB  . VAL A 1 120 ? 1.279   8.073   -8.045  1.00 20.05 ? 91  VAL A CB  1 
ATOM   648  C CG1 . VAL A 1 120 ? 1.313   9.332   -8.909  1.00 19.54 ? 91  VAL A CG1 1 
ATOM   649  C CG2 . VAL A 1 120 ? -0.080  7.874   -7.392  1.00 20.64 ? 91  VAL A CG2 1 
ATOM   650  N N   . GLY A 1 121 ? -0.144  5.442   -9.659  1.00 20.43 ? 92  GLY A N   1 
ATOM   651  C CA  . GLY A 1 121 ? -1.135  4.932   -10.602 1.00 20.34 ? 92  GLY A CA  1 
ATOM   652  C C   . GLY A 1 121 ? -2.559  5.222   -10.174 1.00 20.32 ? 92  GLY A C   1 
ATOM   653  O O   . GLY A 1 121 ? -2.821  5.482   -9.001  1.00 19.66 ? 92  GLY A O   1 
ATOM   654  N N   . ASN A 1 122 ? -3.469  5.196   -11.148 1.00 20.64 ? 93  ASN A N   1 
ATOM   655  C CA  . ASN A 1 122 ? -4.880  5.486   -10.926 1.00 21.33 ? 93  ASN A CA  1 
ATOM   656  C C   . ASN A 1 122 ? -5.770  4.264   -11.182 1.00 21.88 ? 93  ASN A C   1 
ATOM   657  O O   . ASN A 1 122 ? -6.055  3.938   -12.347 1.00 21.39 ? 93  ASN A O   1 
ATOM   658  C CB  . ASN A 1 122 ? -5.345  6.631   -11.822 1.00 21.20 ? 93  ASN A CB  1 
ATOM   659  C CG  . ASN A 1 122 ? -6.763  7.030   -11.543 1.00 20.53 ? 93  ASN A CG  1 
ATOM   660  O OD1 . ASN A 1 122 ? -7.419  6.446   -10.682 1.00 18.71 ? 93  ASN A OD1 1 
ATOM   661  N ND2 . ASN A 1 122 ? -7.254  8.032   -12.265 1.00 21.09 ? 93  ASN A ND2 1 
ATOM   662  N N   . PRO A 1 123 ? -6.229  3.603   -10.095 1.00 22.41 ? 94  PRO A N   1 
ATOM   663  C CA  . PRO A 1 123 ? -7.073  2.419   -10.209 1.00 23.03 ? 94  PRO A CA  1 
ATOM   664  C C   . PRO A 1 123 ? -8.557  2.760   -10.376 1.00 23.70 ? 94  PRO A C   1 
ATOM   665  O O   . PRO A 1 123 ? -9.388  1.856   -10.471 1.00 24.31 ? 94  PRO A O   1 
ATOM   666  C CB  . PRO A 1 123 ? -6.827  1.698   -8.886  1.00 22.76 ? 94  PRO A CB  1 
ATOM   667  C CG  . PRO A 1 123 ? -6.590  2.786   -7.920  1.00 22.64 ? 94  PRO A CG  1 
ATOM   668  C CD  . PRO A 1 123 ? -5.980  3.946   -8.683  1.00 22.47 ? 94  PRO A CD  1 
ATOM   669  N N   . ASN A 1 124 ? -8.863  4.052   -10.434 1.00 24.11 ? 95  ASN A N   1 
ATOM   670  C CA  . ASN A 1 124 ? -10.218 4.554   -10.598 1.00 24.45 ? 95  ASN A CA  1 
ATOM   671  C C   . ASN A 1 124 ? -10.537 4.749   -12.071 1.00 24.69 ? 95  ASN A C   1 
ATOM   672  O O   . ASN A 1 124 ? -9.634  4.928   -12.876 1.00 24.50 ? 95  ASN A O   1 
ATOM   673  C CB  . ASN A 1 124 ? -10.354 5.885   -9.852  1.00 24.33 ? 95  ASN A CB  1 
ATOM   674  C CG  . ASN A 1 124 ? -10.004 5.755   -8.391  1.00 25.76 ? 95  ASN A CG  1 
ATOM   675  O OD1 . ASN A 1 124 ? -10.600 4.940   -7.679  1.00 27.26 ? 95  ASN A OD1 1 
ATOM   676  N ND2 . ASN A 1 124 ? -9.021  6.531   -7.932  1.00 26.54 ? 95  ASN A ND2 1 
ATOM   677  N N   . ASN A 1 125 ? -11.824 4.734   -12.416 1.00 25.05 ? 96  ASN A N   1 
ATOM   678  C CA  . ASN A 1 125 ? -12.249 4.859   -13.813 1.00 25.11 ? 96  ASN A CA  1 
ATOM   679  C C   . ASN A 1 125 ? -12.373 6.313   -14.319 1.00 25.18 ? 96  ASN A C   1 
ATOM   680  O O   . ASN A 1 125 ? -12.694 6.539   -15.485 1.00 25.03 ? 96  ASN A O   1 
ATOM   681  C CB  . ASN A 1 125 ? -13.544 4.053   -14.058 1.00 25.19 ? 96  ASN A CB  1 
ATOM   682  C CG  . ASN A 1 125 ? -14.795 4.699   -13.457 1.00 25.62 ? 96  ASN A CG  1 
ATOM   683  O OD1 . ASN A 1 125 ? -14.760 5.793   -12.892 1.00 27.18 ? 96  ASN A OD1 1 
ATOM   684  N ND2 . ASN A 1 125 ? -15.918 4.015   -13.603 1.00 26.00 ? 96  ASN A ND2 1 
ATOM   685  N N   . THR A 1 126 ? -12.123 7.282   -13.438 1.00 25.36 ? 97  THR A N   1 
ATOM   686  C CA  . THR A 1 126 ? -12.001 8.700   -13.823 1.00 25.10 ? 97  THR A CA  1 
ATOM   687  C C   . THR A 1 126 ? -10.571 9.164   -13.569 1.00 24.71 ? 97  THR A C   1 
ATOM   688  O O   . THR A 1 126 ? -9.838  8.544   -12.789 1.00 24.87 ? 97  THR A O   1 
ATOM   689  C CB  . THR A 1 126 ? -12.942 9.625   -13.026 1.00 25.35 ? 97  THR A CB  1 
ATOM   690  O OG1 . THR A 1 126 ? -12.800 10.965  -13.508 1.00 28.41 ? 97  THR A OG1 1 
ATOM   691  C CG2 . THR A 1 126 ? -12.593 9.653   -11.540 1.00 25.96 ? 97  THR A CG2 1 
ATOM   692  N N   . SER A 1 127 ? -10.180 10.252  -14.226 1.00 24.00 ? 98  SER A N   1 
ATOM   693  C CA  . SER A 1 127 ? -8.836  10.809  -14.066 1.00 23.62 ? 98  SER A CA  1 
ATOM   694  C C   . SER A 1 127 ? -8.684  11.421  -12.675 1.00 22.74 ? 98  SER A C   1 
ATOM   695  O O   . SER A 1 127 ? -9.608  12.041  -12.164 1.00 23.11 ? 98  SER A O   1 
ATOM   696  C CB  . SER A 1 127 ? -8.541  11.862  -15.144 1.00 23.47 ? 98  SER A CB  1 
ATOM   697  O OG  . SER A 1 127 ? -7.258  12.452  -14.941 1.00 24.80 ? 98  SER A OG  1 
ATOM   698  N N   . MET A 1 128 ? -7.522  11.241  -12.065 1.00 22.12 ? 99  MET A N   1 
ATOM   699  C CA  . MET A 1 128 ? -7.245  11.836  -10.753 1.00 21.87 ? 99  MET A CA  1 
ATOM   700  C C   . MET A 1 128 ? -6.467  13.114  -10.936 1.00 21.16 ? 99  MET A C   1 
ATOM   701  O O   . MET A 1 128 ? -5.306  13.091  -11.315 1.00 21.31 ? 99  MET A O   1 
ATOM   702  C CB  . MET A 1 128 ? -6.494  10.841  -9.873  1.00 21.77 ? 99  MET A CB  1 
ATOM   703  C CG  . MET A 1 128 ? -7.376  9.690   -9.445  1.00 21.90 ? 99  MET A CG  1 
ATOM   704  S SD  . MET A 1 128 ? -8.663  10.185  -8.307  1.00 24.10 ? 99  MET A SD  1 
ATOM   705  C CE  . MET A 1 128 ? -10.153 10.193  -9.294  1.00 22.94 ? 99  MET A CE  1 
ATOM   706  N N   . ASN A 1 129 ? -7.125  14.232  -10.681 1.00 21.27 ? 100 ASN A N   1 
ATOM   707  C CA  . ASN A 1 129 ? -6.620  15.549  -11.077 1.00 21.35 ? 100 ASN A CA  1 
ATOM   708  C C   . ASN A 1 129 ? -6.466  16.450  -9.855  1.00 21.27 ? 100 ASN A C   1 
ATOM   709  O O   . ASN A 1 129 ? -7.324  16.467  -8.997  1.00 21.56 ? 100 ASN A O   1 
ATOM   710  C CB  . ASN A 1 129 ? -7.605  16.248  -12.038 1.00 21.13 ? 100 ASN A CB  1 
ATOM   711  C CG  . ASN A 1 129 ? -7.893  15.463  -13.312 1.00 20.13 ? 100 ASN A CG  1 
ATOM   712  O OD1 . ASN A 1 129 ? -8.987  15.569  -13.850 1.00 21.25 ? 100 ASN A OD1 1 
ATOM   713  N ND2 . ASN A 1 129 ? -6.926  14.711  -13.813 1.00 18.60 ? 100 ASN A ND2 1 
ATOM   714  N N   . GLY A 1 130 ? -5.404  17.244  -9.807  1.00 21.24 ? 101 GLY A N   1 
ATOM   715  C CA  . GLY A 1 130 ? -5.219  18.193  -8.709  1.00 21.07 ? 101 GLY A CA  1 
ATOM   716  C C   . GLY A 1 130 ? -5.055  17.506  -7.364  1.00 21.11 ? 101 GLY A C   1 
ATOM   717  O O   . GLY A 1 130 ? -5.414  18.065  -6.325  1.00 21.44 ? 101 GLY A O   1 
ATOM   718  N N   . LYS A 1 131 ? -4.487  16.302  -7.376  1.00 20.98 ? 102 LYS A N   1 
ATOM   719  C CA  . LYS A 1 131 ? -4.403  15.490  -6.170  1.00 20.76 ? 102 LYS A CA  1 
ATOM   720  C C   . LYS A 1 131 ? -3.042  15.620  -5.471  1.00 20.86 ? 102 LYS A C   1 
ATOM   721  O O   . LYS A 1 131 ? -2.029  15.922  -6.111  1.00 20.67 ? 102 LYS A O   1 
ATOM   722  C CB  . LYS A 1 131 ? -4.707  14.025  -6.501  1.00 20.79 ? 102 LYS A CB  1 
ATOM   723  C CG  . LYS A 1 131 ? -6.077  13.783  -7.205  1.00 20.26 ? 102 LYS A CG  1 
ATOM   724  C CD  . LYS A 1 131 ? -7.250  14.240  -6.360  1.00 18.85 ? 102 LYS A CD  1 
ATOM   725  C CE  . LYS A 1 131 ? -8.571  14.017  -7.034  1.00 19.88 ? 102 LYS A CE  1 
ATOM   726  N NZ  . LYS A 1 131 ? -9.724  14.266  -6.092  1.00 19.64 ? 102 LYS A NZ  1 
ATOM   727  N N   . THR A 1 132 ? -3.052  15.441  -4.145  1.00 20.78 ? 103 THR A N   1 
ATOM   728  C CA  . THR A 1 132 ? -1.836  15.212  -3.361  1.00 20.37 ? 103 THR A CA  1 
ATOM   729  C C   . THR A 1 132 ? -1.879  13.751  -2.958  1.00 20.11 ? 103 THR A C   1 
ATOM   730  O O   . THR A 1 132 ? -2.964  13.208  -2.739  1.00 20.71 ? 103 THR A O   1 
ATOM   731  C CB  . THR A 1 132 ? -1.763  16.082  -2.063  1.00 20.06 ? 103 THR A CB  1 
ATOM   732  O OG1 . THR A 1 132 ? -2.977  15.931  -1.310  1.00 21.57 ? 103 THR A OG1 1 
ATOM   733  C CG2 . THR A 1 132 ? -1.553  17.545  -2.372  1.00 19.26 ? 103 THR A CG2 1 
ATOM   734  N N   . ILE A 1 133 ? -0.721  13.107  -2.854  1.00 20.04 ? 104 ILE A N   1 
ATOM   735  C CA  . ILE A 1 133 ? -0.673  11.703  -2.395  1.00 19.88 ? 104 ILE A CA  1 
ATOM   736  C C   . ILE A 1 133 ? 0.044   11.507  -1.042  1.00 19.09 ? 104 ILE A C   1 
ATOM   737  O O   . ILE A 1 133 ? 1.022   12.183  -0.727  1.00 18.42 ? 104 ILE A O   1 
ATOM   738  C CB  . ILE A 1 133 ? -0.059  10.744  -3.476  1.00 20.12 ? 104 ILE A CB  1 
ATOM   739  C CG1 . ILE A 1 133 ? 1.402   11.101  -3.778  1.00 20.12 ? 104 ILE A CG1 1 
ATOM   740  C CG2 . ILE A 1 133 ? -0.897  10.794  -4.749  1.00 20.50 ? 104 ILE A CG2 1 
ATOM   741  C CD1 . ILE A 1 133 ? 2.137   10.046  -4.567  1.00 20.10 ? 104 ILE A CD1 1 
ATOM   742  N N   . SER A 1 134 ? -0.491  10.575  -0.262  1.00 18.74 ? 105 SER A N   1 
ATOM   743  C CA  . SER A 1 134 ? 0.098   10.117  0.976   1.00 18.64 ? 105 SER A CA  1 
ATOM   744  C C   . SER A 1 134 ? 0.175   8.590   0.948   1.00 18.36 ? 105 SER A C   1 
ATOM   745  O O   . SER A 1 134 ? -0.729  7.905   0.443   1.00 17.76 ? 105 SER A O   1 
ATOM   746  C CB  . SER A 1 134 ? -0.730  10.573  2.190   1.00 18.72 ? 105 SER A CB  1 
ATOM   747  O OG  . SER A 1 134 ? -0.708  11.988  2.357   1.00 18.50 ? 105 SER A OG  1 
ATOM   748  N N   . PHE A 1 135 ? 1.277   8.062   1.484   1.00 18.28 ? 106 PHE A N   1 
ATOM   749  C CA  . PHE A 1 135 ? 1.491   6.622   1.552   1.00 18.18 ? 106 PHE A CA  1 
ATOM   750  C C   . PHE A 1 135 ? 2.619   6.298   2.516   1.00 18.10 ? 106 PHE A C   1 
ATOM   751  O O   . PHE A 1 135 ? 3.389   7.174   2.908   1.00 17.54 ? 106 PHE A O   1 
ATOM   752  C CB  . PHE A 1 135 ? 1.819   6.047   0.169   1.00 17.93 ? 106 PHE A CB  1 
ATOM   753  C CG  . PHE A 1 135 ? 3.157   6.487   -0.369  1.00 17.98 ? 106 PHE A CG  1 
ATOM   754  C CD1 . PHE A 1 135 ? 4.298   5.713   -0.150  1.00 18.80 ? 106 PHE A CD1 1 
ATOM   755  C CD2 . PHE A 1 135 ? 3.279   7.668   -1.084  1.00 17.17 ? 106 PHE A CD2 1 
ATOM   756  C CE1 . PHE A 1 135 ? 5.538   6.119   -0.633  1.00 19.14 ? 106 PHE A CE1 1 
ATOM   757  C CE2 . PHE A 1 135 ? 4.507   8.081   -1.570  1.00 17.41 ? 106 PHE A CE2 1 
ATOM   758  C CZ  . PHE A 1 135 ? 5.640   7.312   -1.346  1.00 18.22 ? 106 PHE A CZ  1 
ATOM   759  N N   . ALA A 1 136 ? 2.714   5.019   2.871   1.00 18.03 ? 107 ALA A N   1 
ATOM   760  C CA  . ALA A 1 136 ? 3.866   4.498   3.590   1.00 18.39 ? 107 ALA A CA  1 
ATOM   761  C C   . ALA A 1 136 ? 4.112   3.040   3.189   1.00 18.46 ? 107 ALA A C   1 
ATOM   762  O O   . ALA A 1 136 ? 3.179   2.231   3.060   1.00 18.97 ? 107 ALA A O   1 
ATOM   763  C CB  . ALA A 1 136 ? 3.680   4.635   5.097   1.00 18.31 ? 107 ALA A CB  1 
ATOM   764  N N   . LEU A 1 137 ? 5.368   2.708   2.968   1.00 18.31 ? 108 LEU A N   1 
ATOM   765  C CA  . LEU A 1 137 ? 5.708   1.345   2.610   1.00 18.76 ? 108 LEU A CA  1 
ATOM   766  C C   . LEU A 1 137 ? 7.083   0.959   3.125   1.00 18.53 ? 108 LEU A C   1 
ATOM   767  O O   . LEU A 1 137 ? 7.870   1.814   3.529   1.00 18.01 ? 108 LEU A O   1 
ATOM   768  C CB  . LEU A 1 137 ? 5.593   1.130   1.096   1.00 18.50 ? 108 LEU A CB  1 
ATOM   769  C CG  . LEU A 1 137 ? 6.415   2.001   0.147   1.00 18.63 ? 108 LEU A CG  1 
ATOM   770  C CD1 . LEU A 1 137 ? 7.906   1.608   0.114   1.00 18.32 ? 108 LEU A CD1 1 
ATOM   771  C CD2 . LEU A 1 137 ? 5.809   1.904   -1.240  1.00 19.03 ? 108 LEU A CD2 1 
ATOM   772  N N   . SER A 1 138 ? 7.332   -0.345  3.136   1.00 19.05 ? 109 SER A N   1 
ATOM   773  C CA  . SER A 1 138 ? 8.621   -0.885  3.534   1.00 19.65 ? 109 SER A CA  1 
ATOM   774  C C   . SER A 1 138 ? 8.770   -2.352  3.107   1.00 19.93 ? 109 SER A C   1 
ATOM   775  O O   . SER A 1 138 ? 7.795   -3.092  3.032   1.00 18.99 ? 109 SER A O   1 
ATOM   776  C CB  . SER A 1 138 ? 8.829   -0.746  5.043   1.00 19.48 ? 109 SER A CB  1 
ATOM   777  O OG  . SER A 1 138 ? 7.959   -1.583  5.767   1.00 18.87 ? 109 SER A OG  1 
ATOM   778  N N   . ALA A 1 139 ? 10.002  -2.732  2.793   1.00 20.68 ? 110 ALA A N   1 
ATOM   779  C CA  . ALA A 1 139 ? 10.358  -4.121  2.548   1.00 21.35 ? 110 ALA A CA  1 
ATOM   780  C C   . ALA A 1 139 ? 11.858  -4.321  2.765   1.00 22.15 ? 110 ALA A C   1 
ATOM   781  O O   . ALA A 1 139 ? 12.637  -3.358  2.719   1.00 21.80 ? 110 ALA A O   1 
ATOM   782  C CB  . ALA A 1 139 ? 9.968   -4.532  1.155   1.00 21.40 ? 110 ALA A CB  1 
ATOM   783  N N   . PRO A 1 140 ? 12.273  -5.576  3.012   1.00 23.37 ? 111 PRO A N   1 
ATOM   784  C CA  . PRO A 1 140 ? 13.708  -5.854  3.055   1.00 24.17 ? 111 PRO A CA  1 
ATOM   785  C C   . PRO A 1 140 ? 14.395  -5.557  1.717   1.00 24.93 ? 111 PRO A C   1 
ATOM   786  O O   . PRO A 1 140 ? 13.787  -5.701  0.653   1.00 25.13 ? 111 PRO A O   1 
ATOM   787  C CB  . PRO A 1 140 ? 13.777  -7.361  3.385   1.00 24.62 ? 111 PRO A CB  1 
ATOM   788  C CG  . PRO A 1 140 ? 12.397  -7.912  3.122   1.00 24.09 ? 111 PRO A CG  1 
ATOM   789  C CD  . PRO A 1 140 ? 11.445  -6.775  3.268   1.00 23.32 ? 111 PRO A CD  1 
ATOM   790  N N   . LEU A 1 141 ? 15.650  -5.130  1.769   1.00 25.89 ? 112 LEU A N   1 
ATOM   791  C CA  . LEU A 1 141 ? 16.445  -5.006  0.549   1.00 26.82 ? 112 LEU A CA  1 
ATOM   792  C C   . LEU A 1 141 ? 16.570  -6.376  -0.118  1.00 27.70 ? 112 LEU A C   1 
ATOM   793  O O   . LEU A 1 141 ? 16.377  -7.411  0.536   1.00 28.55 ? 112 LEU A O   1 
ATOM   794  C CB  . LEU A 1 141 ? 17.831  -4.403  0.834   1.00 26.80 ? 112 LEU A CB  1 
ATOM   795  C CG  . LEU A 1 141 ? 17.827  -2.942  1.314   1.00 26.73 ? 112 LEU A CG  1 
ATOM   796  C CD1 . LEU A 1 141 ? 19.238  -2.445  1.631   1.00 26.40 ? 112 LEU A CD1 1 
ATOM   797  C CD2 . LEU A 1 141 ? 17.162  -2.040  0.294   1.00 27.02 ? 112 LEU A CD2 1 
ATOM   798  N N   . LEU A 1 142 ? 16.848  -6.352  -1.424  1.00 28.58 ? 113 LEU A N   1 
ATOM   799  C CA  . LEU A 1 142 ? 17.073  -7.546  -2.276  1.00 28.87 ? 113 LEU A CA  1 
ATOM   800  C C   . LEU A 1 142 ? 15.771  -8.118  -2.840  1.00 29.24 ? 113 LEU A C   1 
ATOM   801  O O   . LEU A 1 142 ? 15.279  -7.667  -3.875  1.00 29.74 ? 113 LEU A O   1 
ATOM   802  C CB  . LEU A 1 142 ? 17.871  -8.658  -1.565  1.00 29.08 ? 113 LEU A CB  1 
ATOM   803  C CG  . LEU A 1 142 ? 19.124  -8.325  -0.751  1.00 30.31 ? 113 LEU A CG  1 
ATOM   804  C CD1 . LEU A 1 142 ? 20.064  -9.529  -0.737  1.00 31.47 ? 113 LEU A CD1 1 
ATOM   805  C CD2 . LEU A 1 142 ? 19.855  -7.100  -1.282  1.00 32.22 ? 113 LEU A CD2 1 
ATOM   806  N N   . ASP B 1 33  ? -1.428  -19.678 -13.415 1.00 30.36 ? 4   ASP B N   1 
ATOM   807  C CA  . ASP B 1 33  ? -2.378  -18.521 -13.379 1.00 30.25 ? 4   ASP B CA  1 
ATOM   808  C C   . ASP B 1 33  ? -3.620  -18.904 -12.601 1.00 30.30 ? 4   ASP B C   1 
ATOM   809  O O   . ASP B 1 33  ? -4.155  -20.008 -12.774 1.00 30.62 ? 4   ASP B O   1 
ATOM   810  C CB  . ASP B 1 33  ? -2.766  -18.050 -14.789 1.00 30.22 ? 4   ASP B CB  1 
ATOM   811  C CG  . ASP B 1 33  ? -1.960  -16.828 -15.257 1.00 30.26 ? 4   ASP B CG  1 
ATOM   812  O OD1 . ASP B 1 33  ? -2.562  -15.959 -15.933 1.00 29.27 ? 4   ASP B OD1 1 
ATOM   813  O OD2 . ASP B 1 33  ? -0.748  -16.736 -14.951 1.00 29.00 ? 4   ASP B OD2 1 
ATOM   814  N N   . ILE B 1 34  ? -4.063  -17.990 -11.737 1.00 30.24 ? 5   ILE B N   1 
ATOM   815  C CA  . ILE B 1 34  ? -5.195  -18.232 -10.843 1.00 30.09 ? 5   ILE B CA  1 
ATOM   816  C C   . ILE B 1 34  ? -6.149  -17.035 -10.892 1.00 29.96 ? 5   ILE B C   1 
ATOM   817  O O   . ILE B 1 34  ? -5.718  -15.918 -10.668 1.00 30.22 ? 5   ILE B O   1 
ATOM   818  C CB  . ILE B 1 34  ? -4.716  -18.472 -9.386  1.00 29.94 ? 5   ILE B CB  1 
ATOM   819  C CG1 . ILE B 1 34  ? -3.809  -19.710 -9.324  1.00 29.73 ? 5   ILE B CG1 1 
ATOM   820  C CG2 . ILE B 1 34  ? -5.912  -18.638 -8.450  1.00 30.31 ? 5   ILE B CG2 1 
ATOM   821  C CD1 . ILE B 1 34  ? -3.129  -19.942 -8.003  1.00 29.72 ? 5   ILE B CD1 1 
ATOM   822  N N   . PRO B 1 35  ? -7.448  -17.268 -11.179 1.00 29.75 ? 6   PRO B N   1 
ATOM   823  C CA  . PRO B 1 35  ? -8.435  -16.173 -11.222 1.00 29.87 ? 6   PRO B CA  1 
ATOM   824  C C   . PRO B 1 35  ? -8.685  -15.499 -9.861  1.00 29.66 ? 6   PRO B C   1 
ATOM   825  O O   . PRO B 1 35  ? -8.124  -15.918 -8.853  1.00 29.76 ? 6   PRO B O   1 
ATOM   826  C CB  . PRO B 1 35  ? -9.717  -16.869 -11.707 1.00 29.86 ? 6   PRO B CB  1 
ATOM   827  C CG  . PRO B 1 35  ? -9.543  -18.294 -11.334 1.00 29.74 ? 6   PRO B CG  1 
ATOM   828  C CD  . PRO B 1 35  ? -8.072  -18.577 -11.457 1.00 29.83 ? 6   PRO B CD  1 
ATOM   829  N N   . TRP B 1 36  ? -9.517  -14.461 -9.838  1.00 29.47 ? 7   TRP B N   1 
ATOM   830  C CA  . TRP B 1 36  ? -9.870  -13.812 -8.576  1.00 29.58 ? 7   TRP B CA  1 
ATOM   831  C C   . TRP B 1 36  ? -10.502 -14.821 -7.634  1.00 29.57 ? 7   TRP B C   1 
ATOM   832  O O   . TRP B 1 36  ? -11.445 -15.524 -8.003  1.00 29.63 ? 7   TRP B O   1 
ATOM   833  C CB  . TRP B 1 36  ? -10.834 -12.644 -8.780  1.00 29.47 ? 7   TRP B CB  1 
ATOM   834  C CG  . TRP B 1 36  ? -10.177 -11.405 -9.268  1.00 29.37 ? 7   TRP B CG  1 
ATOM   835  C CD1 . TRP B 1 36  ? -10.467 -10.734 -10.411 1.00 28.94 ? 7   TRP B CD1 1 
ATOM   836  C CD2 . TRP B 1 36  ? -9.126  -10.673 -8.622  1.00 29.35 ? 7   TRP B CD2 1 
ATOM   837  N NE1 . TRP B 1 36  ? -9.662  -9.637  -10.528 1.00 29.43 ? 7   TRP B NE1 1 
ATOM   838  C CE2 . TRP B 1 36  ? -8.824  -9.574  -9.446  1.00 29.79 ? 7   TRP B CE2 1 
ATOM   839  C CE3 . TRP B 1 36  ? -8.403  -10.845 -7.433  1.00 29.32 ? 7   TRP B CE3 1 
ATOM   840  C CZ2 . TRP B 1 36  ? -7.831  -8.635  -9.119  1.00 29.24 ? 7   TRP B CZ2 1 
ATOM   841  C CZ3 . TRP B 1 36  ? -7.411  -9.912  -7.110  1.00 29.06 ? 7   TRP B CZ3 1 
ATOM   842  C CH2 . TRP B 1 36  ? -7.140  -8.824  -7.953  1.00 29.10 ? 7   TRP B CH2 1 
ATOM   843  N N   . THR B 1 37  ? -9.975  -14.891 -6.415  1.00 29.64 ? 8   THR B N   1 
ATOM   844  C CA  . THR B 1 37  ? -10.411 -15.904 -5.459  1.00 29.33 ? 8   THR B CA  1 
ATOM   845  C C   . THR B 1 37  ? -10.403 -15.343 -4.044  1.00 29.12 ? 8   THR B C   1 
ATOM   846  O O   . THR B 1 37  ? -9.563  -14.523 -3.700  1.00 29.09 ? 8   THR B O   1 
ATOM   847  C CB  . THR B 1 37  ? -9.515  -17.156 -5.567  1.00 29.32 ? 8   THR B CB  1 
ATOM   848  O OG1 . THR B 1 37  ? -9.387  -17.526 -6.947  1.00 29.78 ? 8   THR B OG1 1 
ATOM   849  C CG2 . THR B 1 37  ? -10.096 -18.325 -4.788  1.00 29.61 ? 8   THR B CG2 1 
ATOM   850  N N   . ASP B 1 38  ? -11.362 -15.788 -3.235  1.00 29.07 ? 9   ASP B N   1 
ATOM   851  C CA  . ASP B 1 38  ? -11.477 -15.350 -1.850  1.00 28.64 ? 9   ASP B CA  1 
ATOM   852  C C   . ASP B 1 38  ? -10.305 -15.851 -1.031  1.00 27.89 ? 9   ASP B C   1 
ATOM   853  O O   . ASP B 1 38  ? -9.967  -17.039 -1.070  1.00 28.63 ? 9   ASP B O   1 
ATOM   854  C CB  . ASP B 1 38  ? -12.760 -15.885 -1.201  1.00 28.69 ? 9   ASP B CB  1 
ATOM   855  C CG  . ASP B 1 38  ? -14.028 -15.285 -1.796  1.00 28.98 ? 9   ASP B CG  1 
ATOM   856  O OD1 . ASP B 1 38  ? -13.983 -14.200 -2.415  1.00 28.97 ? 9   ASP B OD1 1 
ATOM   857  O OD2 . ASP B 1 38  ? -15.090 -15.914 -1.622  1.00 30.51 ? 9   ASP B OD2 1 
ATOM   858  N N   . LEU B 1 39  ? -9.692  -14.942 -0.283  1.00 26.68 ? 10  LEU B N   1 
ATOM   859  C CA  . LEU B 1 39  ? -8.862  -15.338 0.838   1.00 25.44 ? 10  LEU B CA  1 
ATOM   860  C C   . LEU B 1 39  ? -9.720  -15.975 1.930   1.00 24.95 ? 10  LEU B C   1 
ATOM   861  O O   . LEU B 1 39  ? -10.878 -15.604 2.129   1.00 24.53 ? 10  LEU B O   1 
ATOM   862  C CB  . LEU B 1 39  ? -8.136  -14.132 1.427   1.00 25.38 ? 10  LEU B CB  1 
ATOM   863  C CG  . LEU B 1 39  ? -6.796  -13.790 0.786   1.00 24.77 ? 10  LEU B CG  1 
ATOM   864  C CD1 . LEU B 1 39  ? -6.964  -13.334 -0.646  1.00 24.19 ? 10  LEU B CD1 1 
ATOM   865  C CD2 . LEU B 1 39  ? -6.107  -12.729 1.613   1.00 24.57 ? 10  LEU B CD2 1 
ATOM   866  N N   . ASN B 1 40  ? -9.129  -16.932 2.632   1.00 24.59 ? 11  ASN B N   1 
ATOM   867  C CA  . ASN B 1 40  ? -9.712  -17.480 3.849   1.00 24.55 ? 11  ASN B CA  1 
ATOM   868  C C   . ASN B 1 40  ? -9.618  -16.440 4.956   1.00 24.32 ? 11  ASN B C   1 
ATOM   869  O O   . ASN B 1 40  ? -8.512  -16.091 5.349   1.00 24.15 ? 11  ASN B O   1 
ATOM   870  C CB  . ASN B 1 40  ? -8.964  -18.757 4.258   1.00 24.51 ? 11  ASN B CB  1 
ATOM   871  C CG  . ASN B 1 40  ? -9.138  -19.885 3.251   1.00 24.12 ? 11  ASN B CG  1 
ATOM   872  O OD1 . ASN B 1 40  ? -10.214 -20.053 2.684   1.00 22.24 ? 11  ASN B OD1 1 
ATOM   873  N ND2 . ASN B 1 40  ? -8.075  -20.657 3.024   1.00 22.07 ? 11  ASN B ND2 1 
ATOM   874  N N   . ARG B 1 41  ? -10.764 -15.950 5.444   1.00 23.76 ? 12  ARG B N   1 
ATOM   875  C CA  . ARG B 1 41  ? -10.796 -14.851 6.434   1.00 23.52 ? 12  ARG B CA  1 
ATOM   876  C C   . ARG B 1 41  ? -10.504 -15.317 7.860   1.00 23.10 ? 12  ARG B C   1 
ATOM   877  O O   . ARG B 1 41  ? -11.003 -16.345 8.297   1.00 23.36 ? 12  ARG B O   1 
ATOM   878  C CB  . ARG B 1 41  ? -12.152 -14.134 6.432   1.00 23.36 ? 12  ARG B CB  1 
ATOM   879  C CG  . ARG B 1 41  ? -12.661 -13.789 5.062   1.00 23.63 ? 12  ARG B CG  1 
ATOM   880  C CD  . ARG B 1 41  ? -13.545 -12.574 5.055   1.00 23.28 ? 12  ARG B CD  1 
ATOM   881  N NE  . ARG B 1 41  ? -13.978 -12.289 3.696   1.00 23.51 ? 12  ARG B NE  1 
ATOM   882  C CZ  . ARG B 1 41  ? -14.574 -11.173 3.300   1.00 23.52 ? 12  ARG B CZ  1 
ATOM   883  N NH1 . ARG B 1 41  ? -14.833 -10.193 4.147   1.00 23.83 ? 12  ARG B NH1 1 
ATOM   884  N NH2 . ARG B 1 41  ? -14.908 -11.037 2.030   1.00 24.36 ? 12  ARG B NH2 1 
ATOM   885  N N   . ALA B 1 42  ? -9.713  -14.537 8.586   1.00 23.03 ? 13  ALA B N   1 
ATOM   886  C CA  . ALA B 1 42  ? -9.360  -14.844 9.980   1.00 23.01 ? 13  ALA B CA  1 
ATOM   887  C C   . ALA B 1 42  ? -10.583 -14.717 10.870  1.00 22.90 ? 13  ALA B C   1 
ATOM   888  O O   . ALA B 1 42  ? -11.557 -14.054 10.501  1.00 22.88 ? 13  ALA B O   1 
ATOM   889  C CB  . ALA B 1 42  ? -8.257  -13.901 10.473  1.00 22.72 ? 13  ALA B CB  1 
ATOM   890  N N   . SER B 1 43  ? -10.538 -15.366 12.035  1.00 22.91 ? 14  SER B N   1 
ATOM   891  C CA  . SER B 1 43  ? -11.636 -15.294 12.983  1.00 22.87 ? 14  SER B CA  1 
ATOM   892  C C   . SER B 1 43  ? -11.713 -13.874 13.508  1.00 22.71 ? 14  SER B C   1 
ATOM   893  O O   . SER B 1 43  ? -10.683 -13.227 13.707  1.00 22.72 ? 14  SER B O   1 
ATOM   894  C CB  . SER B 1 43  ? -11.467 -16.302 14.132  1.00 23.32 ? 14  SER B CB  1 
ATOM   895  O OG  . SER B 1 43  ? -10.174 -16.252 14.705  1.00 22.99 ? 14  SER B OG  1 
ATOM   896  N N   . GLY B 1 44  ? -12.937 -13.385 13.700  1.00 22.58 ? 15  GLY B N   1 
ATOM   897  C CA  . GLY B 1 44  ? -13.183 -11.997 14.076  1.00 22.55 ? 15  GLY B CA  1 
ATOM   898  C C   . GLY B 1 44  ? -13.479 -11.133 12.860  1.00 22.75 ? 15  GLY B C   1 
ATOM   899  O O   . GLY B 1 44  ? -14.104 -10.076 12.984  1.00 22.53 ? 15  GLY B O   1 
ATOM   900  N N   . VAL B 1 45  ? -13.031 -11.582 11.680  1.00 23.01 ? 16  VAL B N   1 
ATOM   901  C CA  . VAL B 1 45  ? -13.204 -10.827 10.419  1.00 22.91 ? 16  VAL B CA  1 
ATOM   902  C C   . VAL B 1 45  ? -14.597 -11.065 9.844   1.00 22.79 ? 16  VAL B C   1 
ATOM   903  O O   . VAL B 1 45  ? -15.077 -12.193 9.829   1.00 22.21 ? 16  VAL B O   1 
ATOM   904  C CB  . VAL B 1 45  ? -12.127 -11.234 9.374   1.00 22.69 ? 16  VAL B CB  1 
ATOM   905  C CG1 . VAL B 1 45  ? -12.336 -10.519 8.037   1.00 22.98 ? 16  VAL B CG1 1 
ATOM   906  C CG2 . VAL B 1 45  ? -10.736 -10.948 9.922   1.00 22.77 ? 16  VAL B CG2 1 
ATOM   907  N N   . GLY B 1 46  ? -15.236 -9.995  9.377   1.00 23.13 ? 17  GLY B N   1 
ATOM   908  C CA  . GLY B 1 46  ? -16.590 -10.080 8.808   1.00 23.29 ? 17  GLY B CA  1 
ATOM   909  C C   . GLY B 1 46  ? -16.620 -10.786 7.461   1.00 23.19 ? 17  GLY B C   1 
ATOM   910  O O   . GLY B 1 46  ? -15.581 -10.933 6.811   1.00 22.72 ? 17  GLY B O   1 
ATOM   911  N N   . SER B 1 47  ? -17.812 -11.213 7.048   1.00 23.06 ? 18  SER B N   1 
ATOM   912  C CA  . SER B 1 47  ? -18.014 -11.950 5.776   1.00 23.29 ? 18  SER B CA  1 
ATOM   913  C C   . SER B 1 47  ? -18.397 -11.061 4.579   1.00 23.25 ? 18  SER B C   1 
ATOM   914  O O   . SER B 1 47  ? -18.395 -11.518 3.421   1.00 22.99 ? 18  SER B O   1 
ATOM   915  C CB  . SER B 1 47  ? -19.104 -13.008 5.966   1.00 23.57 ? 18  SER B CB  1 
ATOM   916  O OG  . SER B 1 47  ? -20.317 -12.391 6.369   1.00 24.48 ? 18  SER B OG  1 
ATOM   917  N N   . THR B 1 48  ? -18.736 -9.803  4.867   1.00 23.07 ? 19  THR B N   1 
ATOM   918  C CA  . THR B 1 48  ? -19.107 -8.833  3.849   1.00 22.82 ? 19  THR B CA  1 
ATOM   919  C C   . THR B 1 48  ? -17.868 -8.120  3.316   1.00 22.65 ? 19  THR B C   1 
ATOM   920  O O   . THR B 1 48  ? -16.804 -8.111  3.950   1.00 22.59 ? 19  THR B O   1 
ATOM   921  C CB  . THR B 1 48  ? -20.096 -7.783  4.415   1.00 23.23 ? 19  THR B CB  1 
ATOM   922  O OG1 . THR B 1 48  ? -19.516 -7.135  5.559   1.00 23.96 ? 19  THR B OG1 1 
ATOM   923  C CG2 . THR B 1 48  ? -21.405 -8.446  4.836   1.00 23.00 ? 19  THR B CG2 1 
ATOM   924  N N   . GLY B 1 49  ? -18.020 -7.514  2.147   1.00 22.17 ? 20  GLY B N   1 
ATOM   925  C CA  . GLY B 1 49  ? -16.923 -6.859  1.467   1.00 21.55 ? 20  GLY B CA  1 
ATOM   926  C C   . GLY B 1 49  ? -16.196 -7.854  0.603   1.00 21.12 ? 20  GLY B C   1 
ATOM   927  O O   . GLY B 1 49  ? -16.600 -8.998  0.483   1.00 20.92 ? 20  GLY B O   1 
ATOM   928  N N   . ILE B 1 50  ? -15.105 -7.398  0.009   1.00 21.03 ? 21  ILE B N   1 
ATOM   929  C CA  . ILE B 1 50  ? -14.335 -8.168  -0.940  1.00 21.13 ? 21  ILE B CA  1 
ATOM   930  C C   . ILE B 1 50  ? -12.914 -8.300  -0.420  1.00 20.75 ? 21  ILE B C   1 
ATOM   931  O O   . ILE B 1 50  ? -12.314 -7.327  0.013   1.00 20.79 ? 21  ILE B O   1 
ATOM   932  C CB  . ILE B 1 50  ? -14.368 -7.457  -2.327  1.00 21.54 ? 21  ILE B CB  1 
ATOM   933  C CG1 . ILE B 1 50  ? -15.716 -7.726  -2.999  1.00 22.32 ? 21  ILE B CG1 1 
ATOM   934  C CG2 . ILE B 1 50  ? -13.210 -7.899  -3.241  1.00 21.52 ? 21  ILE B CG2 1 
ATOM   935  C CD1 . ILE B 1 50  ? -16.332 -6.495  -3.631  1.00 23.81 ? 21  ILE B CD1 1 
ATOM   936  N N   . LEU B 1 51  ? -12.407 -9.521  -0.425  1.00 20.78 ? 22  LEU B N   1 
ATOM   937  C CA  . LEU B 1 51  ? -11.028 -9.801  -0.076  1.00 20.98 ? 22  LEU B CA  1 
ATOM   938  C C   . LEU B 1 51  ? -10.570 -10.929 -0.988  1.00 21.10 ? 22  LEU B C   1 
ATOM   939  O O   . LEU B 1 51  ? -10.866 -12.105 -0.735  1.00 20.15 ? 22  LEU B O   1 
ATOM   940  C CB  . LEU B 1 51  ? -10.895 -10.213 1.392   1.00 20.67 ? 22  LEU B CB  1 
ATOM   941  C CG  . LEU B 1 51  ? -9.493  -10.680 1.804   1.00 20.46 ? 22  LEU B CG  1 
ATOM   942  C CD1 . LEU B 1 51  ? -8.430  -9.586  1.601   1.00 21.59 ? 22  LEU B CD1 1 
ATOM   943  C CD2 . LEU B 1 51  ? -9.503  -11.162 3.228   1.00 20.86 ? 22  LEU B CD2 1 
ATOM   944  N N   . GLN B 1 52  ? -9.868  -10.567 -2.057  1.00 21.89 ? 23  GLN B N   1 
ATOM   945  C CA  . GLN B 1 52  ? -9.443  -11.546 -3.043  1.00 22.41 ? 23  GLN B CA  1 
ATOM   946  C C   . GLN B 1 52  ? -8.005  -11.377 -3.500  1.00 22.91 ? 23  GLN B C   1 
ATOM   947  O O   . GLN B 1 52  ? -7.401  -10.315 -3.349  1.00 21.67 ? 23  GLN B O   1 
ATOM   948  C CB  . GLN B 1 52  ? -10.353 -11.482 -4.246  1.00 22.56 ? 23  GLN B CB  1 
ATOM   949  C CG  . GLN B 1 52  ? -11.820 -11.707 -3.914  1.00 22.86 ? 23  GLN B CG  1 
ATOM   950  C CD  . GLN B 1 52  ? -12.674 -11.602 -5.136  1.00 23.04 ? 23  GLN B CD  1 
ATOM   951  O OE1 . GLN B 1 52  ? -13.385 -12.541 -5.498  1.00 25.06 ? 23  GLN B OE1 1 
ATOM   952  N NE2 . GLN B 1 52  ? -12.589 -10.469 -5.807  1.00 23.74 ? 23  GLN B NE2 1 
ATOM   953  N N   . ALA B 1 53  ? -7.473  -12.472 -4.036  1.00 23.71 ? 24  ALA B N   1 
ATOM   954  C CA  . ALA B 1 53  ? -6.180  -12.479 -4.682  1.00 24.53 ? 24  ALA B CA  1 
ATOM   955  C C   . ALA B 1 53  ? -6.253  -13.234 -6.013  1.00 25.31 ? 24  ALA B C   1 
ATOM   956  O O   . ALA B 1 53  ? -7.182  -14.029 -6.252  1.00 24.90 ? 24  ALA B O   1 
ATOM   957  C CB  . ALA B 1 53  ? -5.138  -13.104 -3.773  1.00 24.59 ? 24  ALA B CB  1 
ATOM   958  N N   . ARG B 1 54  ? -5.270  -12.956 -6.868  1.00 26.02 ? 25  ARG B N   1 
ATOM   959  C CA  . ARG B 1 54  ? -5.063  -13.698 -8.113  1.00 26.66 ? 25  ARG B CA  1 
ATOM   960  C C   . ARG B 1 54  ? -3.591  -13.684 -8.521  1.00 27.07 ? 25  ARG B C   1 
ATOM   961  O O   . ARG B 1 54  ? -2.840  -12.806 -8.114  1.00 27.01 ? 25  ARG B O   1 
ATOM   962  C CB  . ARG B 1 54  ? -5.949  -13.133 -9.240  1.00 26.91 ? 25  ARG B CB  1 
ATOM   963  C CG  . ARG B 1 54  ? -5.537  -11.808 -9.899  1.00 26.09 ? 25  ARG B CG  1 
ATOM   964  C CD  . ARG B 1 54  ? -6.331  -11.673 -11.211 1.00 26.79 ? 25  ARG B CD  1 
ATOM   965  N NE  . ARG B 1 54  ? -6.485  -10.306 -11.719 1.00 26.91 ? 25  ARG B NE  1 
ATOM   966  C CZ  . ARG B 1 54  ? -7.353  -9.937  -12.674 1.00 26.74 ? 25  ARG B CZ  1 
ATOM   967  N NH1 . ARG B 1 54  ? -8.178  -10.815 -13.247 1.00 26.31 ? 25  ARG B NH1 1 
ATOM   968  N NH2 . ARG B 1 54  ? -7.423  -8.664  -13.050 1.00 26.98 ? 25  ARG B NH2 1 
ATOM   969  N N   . ILE B 1 55  ? -3.180  -14.689 -9.284  1.00 27.70 ? 26  ILE B N   1 
ATOM   970  C CA  . ILE B 1 55  ? -1.876  -14.683 -9.941  1.00 28.36 ? 26  ILE B CA  1 
ATOM   971  C C   . ILE B 1 55  ? -2.090  -14.632 -11.466 1.00 29.02 ? 26  ILE B C   1 
ATOM   972  O O   . ILE B 1 55  ? -2.832  -15.443 -12.034 1.00 28.82 ? 26  ILE B O   1 
ATOM   973  C CB  . ILE B 1 55  ? -0.977  -15.899 -9.541  1.00 28.50 ? 26  ILE B CB  1 
ATOM   974  C CG1 . ILE B 1 55  ? -0.980  -16.128 -8.022  1.00 28.59 ? 26  ILE B CG1 1 
ATOM   975  C CG2 . ILE B 1 55  ? 0.455   -15.664 -9.993  1.00 27.85 ? 26  ILE B CG2 1 
ATOM   976  C CD1 . ILE B 1 55  ? -0.226  -17.357 -7.569  1.00 27.76 ? 26  ILE B CD1 1 
ATOM   977  N N   . ILE B 1 56  ? -1.493  -13.616 -12.092 1.00 29.82 ? 27  ILE B N   1 
ATOM   978  C CA  . ILE B 1 56  ? -1.375  -13.521 -13.546 1.00 30.08 ? 27  ILE B CA  1 
ATOM   979  C C   . ILE B 1 56  ? 0.088   -13.232 -13.872 1.00 30.40 ? 27  ILE B C   1 
ATOM   980  O O   . ILE B 1 56  ? 0.762   -12.474 -13.147 1.00 30.35 ? 27  ILE B O   1 
ATOM   981  C CB  . ILE B 1 56  ? -2.254  -12.405 -14.136 1.00 30.47 ? 27  ILE B CB  1 
ATOM   982  C CG1 . ILE B 1 56  ? -3.731  -12.662 -13.837 1.00 31.29 ? 27  ILE B CG1 1 
ATOM   983  C CG2 . ILE B 1 56  ? -2.049  -12.296 -15.645 1.00 30.34 ? 27  ILE B CG2 1 
ATOM   984  C CD1 . ILE B 1 56  ? -4.661  -11.546 -14.355 1.00 31.59 ? 27  ILE B CD1 1 
ATOM   985  N N   . ASN B 1 57  ? 0.586   -13.862 -14.940 1.00 30.33 ? 28  ASN B N   1 
ATOM   986  C CA  . ASN B 1 57  ? 1.966   -13.668 -15.412 1.00 30.01 ? 28  ASN B CA  1 
ATOM   987  C C   . ASN B 1 57  ? 3.003   -13.627 -14.279 1.00 30.02 ? 28  ASN B C   1 
ATOM   988  O O   . ASN B 1 57  ? 3.993   -12.887 -14.361 1.00 30.52 ? 28  ASN B O   1 
ATOM   989  C CB  . ASN B 1 57  ? 2.043   -12.397 -16.279 1.00 30.16 ? 28  ASN B CB  1 
ATOM   990  C CG  . ASN B 1 57  ? 3.355   -12.278 -17.069 1.00 30.50 ? 28  ASN B CG  1 
ATOM   991  O OD1 . ASN B 1 57  ? 3.989   -13.280 -17.428 1.00 30.20 ? 28  ASN B OD1 1 
ATOM   992  N ND2 . ASN B 1 57  ? 3.750   -11.038 -17.357 1.00 29.49 ? 28  ASN B ND2 1 
ATOM   993  N N   . GLY B 1 58  ? 2.772   -14.419 -13.228 1.00 29.78 ? 29  GLY B N   1 
ATOM   994  C CA  . GLY B 1 58  ? 3.731   -14.567 -12.121 1.00 29.13 ? 29  GLY B CA  1 
ATOM   995  C C   . GLY B 1 58  ? 3.713   -13.474 -11.058 1.00 28.64 ? 29  GLY B C   1 
ATOM   996  O O   . GLY B 1 58  ? 4.627   -13.379 -10.229 1.00 28.27 ? 29  GLY B O   1 
ATOM   997  N N   . VAL B 1 59  ? 2.678   -12.645 -11.073 1.00 27.96 ? 30  VAL B N   1 
ATOM   998  C CA  . VAL B 1 59  ? 2.536   -11.601 -10.055 1.00 27.49 ? 30  VAL B CA  1 
ATOM   999  C C   . VAL B 1 59  ? 1.236   -11.837 -9.282  1.00 26.70 ? 30  VAL B C   1 
ATOM   1000 O O   . VAL B 1 59  ? 0.153   -11.936 -9.867  1.00 26.26 ? 30  VAL B O   1 
ATOM   1001 C CB  . VAL B 1 59  ? 2.670   -10.136 -10.638 1.00 27.59 ? 30  VAL B CB  1 
ATOM   1002 C CG1 . VAL B 1 59  ? 2.156   -10.026 -12.047 1.00 28.60 ? 30  VAL B CG1 1 
ATOM   1003 C CG2 . VAL B 1 59  ? 1.995   -9.089  -9.745  1.00 27.90 ? 30  VAL B CG2 1 
ATOM   1004 N N   . ILE B 1 60  ? 1.372   -11.977 -7.966  1.00 25.55 ? 31  ILE B N   1 
ATOM   1005 C CA  . ILE B 1 60  ? 0.209   -12.073 -7.094  1.00 25.05 ? 31  ILE B CA  1 
ATOM   1006 C C   . ILE B 1 60  ? -0.414  -10.674 -6.914  1.00 24.38 ? 31  ILE B C   1 
ATOM   1007 O O   . ILE B 1 60  ? 0.303   -9.686  -6.661  1.00 24.25 ? 31  ILE B O   1 
ATOM   1008 C CB  . ILE B 1 60  ? 0.549   -12.752 -5.719  1.00 24.91 ? 31  ILE B CB  1 
ATOM   1009 C CG1 . ILE B 1 60  ? -0.729  -13.003 -4.910  1.00 25.05 ? 31  ILE B CG1 1 
ATOM   1010 C CG2 . ILE B 1 60  ? 1.548   -11.910 -4.897  1.00 25.59 ? 31  ILE B CG2 1 
ATOM   1011 C CD1 . ILE B 1 60  ? -0.552  -13.995 -3.750  1.00 25.16 ? 31  ILE B CD1 1 
ATOM   1012 N N   . TYR B 1 61  ? -1.734  -10.601 -7.096  1.00 23.34 ? 32  TYR B N   1 
ATOM   1013 C CA  . TYR B 1 61  ? -2.505  -9.387  -6.834  1.00 22.82 ? 32  TYR B CA  1 
ATOM   1014 C C   . TYR B 1 61  ? -3.453  -9.628  -5.680  1.00 22.26 ? 32  TYR B C   1 
ATOM   1015 O O   . TYR B 1 61  ? -4.119  -10.664 -5.636  1.00 21.49 ? 32  TYR B O   1 
ATOM   1016 C CB  . TYR B 1 61  ? -3.327  -8.976  -8.059  1.00 22.87 ? 32  TYR B CB  1 
ATOM   1017 C CG  . TYR B 1 61  ? -2.483  -8.574  -9.241  1.00 22.78 ? 32  TYR B CG  1 
ATOM   1018 C CD1 . TYR B 1 61  ? -2.062  -7.255  -9.404  1.00 22.60 ? 32  TYR B CD1 1 
ATOM   1019 C CD2 . TYR B 1 61  ? -2.110  -9.509  -10.196 1.00 23.17 ? 32  TYR B CD2 1 
ATOM   1020 C CE1 . TYR B 1 61  ? -1.272  -6.878  -10.485 1.00 23.03 ? 32  TYR B CE1 1 
ATOM   1021 C CE2 . TYR B 1 61  ? -1.339  -9.144  -11.299 1.00 24.21 ? 32  TYR B CE2 1 
ATOM   1022 C CZ  . TYR B 1 61  ? -0.914  -7.828  -11.436 1.00 23.40 ? 32  TYR B CZ  1 
ATOM   1023 O OH  . TYR B 1 61  ? -0.143  -7.480  -12.520 1.00 22.80 ? 32  TYR B OH  1 
ATOM   1024 N N   . VAL B 1 62  ? -3.518  -8.661  -4.758  1.00 21.85 ? 33  VAL B N   1 
ATOM   1025 C CA  . VAL B 1 62  ? -4.435  -8.730  -3.612  1.00 21.17 ? 33  VAL B CA  1 
ATOM   1026 C C   . VAL B 1 62  ? -5.283  -7.466  -3.574  1.00 20.63 ? 33  VAL B C   1 
ATOM   1027 O O   . VAL B 1 62  ? -4.771  -6.375  -3.816  1.00 20.02 ? 33  VAL B O   1 
ATOM   1028 C CB  . VAL B 1 62  ? -3.682  -8.825  -2.261  1.00 21.09 ? 33  VAL B CB  1 
ATOM   1029 C CG1 . VAL B 1 62  ? -4.633  -9.271  -1.149  1.00 21.37 ? 33  VAL B CG1 1 
ATOM   1030 C CG2 . VAL B 1 62  ? -2.483  -9.759  -2.341  1.00 20.68 ? 33  VAL B CG2 1 
ATOM   1031 N N   . ARG B 1 63  ? -6.568  -7.618  -3.250  1.00 20.42 ? 34  ARG B N   1 
ATOM   1032 C CA  . ARG B 1 63  ? -7.457  -6.480  -3.042  1.00 20.53 ? 34  ARG B CA  1 
ATOM   1033 C C   . ARG B 1 63  ? -8.417  -6.703  -1.870  1.00 20.26 ? 34  ARG B C   1 
ATOM   1034 O O   . ARG B 1 63  ? -8.945  -7.790  -1.661  1.00 19.95 ? 34  ARG B O   1 
ATOM   1035 C CB  . ARG B 1 63  ? -8.243  -6.147  -4.313  1.00 20.66 ? 34  ARG B CB  1 
ATOM   1036 C CG  . ARG B 1 63  ? -9.169  -7.246  -4.825  1.00 21.10 ? 34  ARG B CG  1 
ATOM   1037 C CD  . ARG B 1 63  ? -9.686  -6.889  -6.220  1.00 21.76 ? 34  ARG B CD  1 
ATOM   1038 N NE  . ARG B 1 63  ? -10.687 -7.835  -6.714  1.00 23.07 ? 34  ARG B NE  1 
ATOM   1039 C CZ  . ARG B 1 63  ? -11.309 -7.740  -7.889  1.00 23.83 ? 34  ARG B CZ  1 
ATOM   1040 N NH1 . ARG B 1 63  ? -11.032 -6.750  -8.720  1.00 24.73 ? 34  ARG B NH1 1 
ATOM   1041 N NH2 . ARG B 1 63  ? -12.216 -8.644  -8.237  1.00 25.36 ? 34  ARG B NH2 1 
ATOM   1042 N N   . GLY B 1 64  ? -8.641  -5.644  -1.113  1.00 20.16 ? 35  GLY B N   1 
ATOM   1043 C CA  . GLY B 1 64  ? -9.519  -5.698  0.027   1.00 20.03 ? 35  GLY B CA  1 
ATOM   1044 C C   . GLY B 1 64  ? -10.393 -4.491  -0.072  1.00 19.91 ? 35  GLY B C   1 
ATOM   1045 O O   . GLY B 1 64  ? -9.902  -3.392  -0.343  1.00 19.74 ? 35  GLY B O   1 
ATOM   1046 N N   . ASN B 1 65  ? -11.695 -4.699  0.072   1.00 19.99 ? 36  ASN B N   1 
ATOM   1047 C CA  . ASN B 1 65  ? -12.622 -3.600  0.033   1.00 20.01 ? 36  ASN B CA  1 
ATOM   1048 C C   . ASN B 1 65  ? -13.727 -3.778  1.036   1.00 19.90 ? 36  ASN B C   1 
ATOM   1049 O O   . ASN B 1 65  ? -14.473 -4.759  0.964   1.00 19.16 ? 36  ASN B O   1 
ATOM   1050 C CB  . ASN B 1 65  ? -13.219 -3.408  -1.356  1.00 20.33 ? 36  ASN B CB  1 
ATOM   1051 C CG  . ASN B 1 65  ? -13.752 -2.002  -1.544  1.00 21.15 ? 36  ASN B CG  1 
ATOM   1052 O OD1 . ASN B 1 65  ? -14.947 -1.753  -1.398  1.00 23.67 ? 36  ASN B OD1 1 
ATOM   1053 N ND2 . ASN B 1 65  ? -12.850 -1.061  -1.803  1.00 21.86 ? 36  ASN B ND2 1 
ATOM   1054 N N   . SER B 1 66  ? -13.796 -2.820  1.972   1.00 19.96 ? 37  SER B N   1 
ATOM   1055 C CA  . SER B 1 66  ? -14.829 -2.757  3.003   1.00 19.99 ? 37  SER B CA  1 
ATOM   1056 C C   . SER B 1 66  ? -14.911 -4.016  3.852   1.00 20.14 ? 37  SER B C   1 
ATOM   1057 O O   . SER B 1 66  ? -16.002 -4.498  4.172   1.00 21.07 ? 37  SER B O   1 
ATOM   1058 C CB  . SER B 1 66  ? -16.175 -2.425  2.365   1.00 20.02 ? 37  SER B CB  1 
ATOM   1059 O OG  . SER B 1 66  ? -16.117 -1.116  1.836   1.00 20.11 ? 37  SER B OG  1 
ATOM   1060 N N   . ILE B 1 67  ? -13.743 -4.533  4.223   1.00 20.19 ? 38  ILE B N   1 
ATOM   1061 C CA  . ILE B 1 67  ? -13.634 -5.747  5.022   1.00 19.86 ? 38  ILE B CA  1 
ATOM   1062 C C   . ILE B 1 67  ? -13.794 -5.348  6.474   1.00 20.00 ? 38  ILE B C   1 
ATOM   1063 O O   . ILE B 1 67  ? -12.952 -4.614  6.981   1.00 19.82 ? 38  ILE B O   1 
ATOM   1064 C CB  . ILE B 1 67  ? -12.252 -6.438  4.844   1.00 19.89 ? 38  ILE B CB  1 
ATOM   1065 C CG1 . ILE B 1 67  ? -11.993 -6.776  3.368   1.00 19.74 ? 38  ILE B CG1 1 
ATOM   1066 C CG2 . ILE B 1 67  ? -12.182 -7.736  5.691   1.00 19.99 ? 38  ILE B CG2 1 
ATOM   1067 C CD1 . ILE B 1 67  ? -10.535 -6.978  3.018   1.00 19.19 ? 38  ILE B CD1 1 
ATOM   1068 N N   . PRO B 1 68  ? -14.880 -5.799  7.141   1.00 20.18 ? 39  PRO B N   1 
ATOM   1069 C CA  . PRO B 1 68  ? -15.028 -5.506  8.561   1.00 19.80 ? 39  PRO B CA  1 
ATOM   1070 C C   . PRO B 1 68  ? -14.010 -6.288  9.367   1.00 19.56 ? 39  PRO B C   1 
ATOM   1071 O O   . PRO B 1 68  ? -13.823 -7.469  9.128   1.00 20.23 ? 39  PRO B O   1 
ATOM   1072 C CB  . PRO B 1 68  ? -16.455 -5.973  8.880   1.00 20.24 ? 39  PRO B CB  1 
ATOM   1073 C CG  . PRO B 1 68  ? -17.135 -6.118  7.550   1.00 20.27 ? 39  PRO B CG  1 
ATOM   1074 C CD  . PRO B 1 68  ? -16.041 -6.555  6.636   1.00 20.37 ? 39  PRO B CD  1 
ATOM   1075 N N   . VAL B 1 69  ? -13.343 -5.612  10.295  1.00 19.25 ? 40  VAL B N   1 
ATOM   1076 C CA  . VAL B 1 69  ? -12.271 -6.202  11.072  1.00 18.85 ? 40  VAL B CA  1 
ATOM   1077 C C   . VAL B 1 69  ? -12.591 -6.026  12.554  1.00 18.72 ? 40  VAL B C   1 
ATOM   1078 O O   . VAL B 1 69  ? -13.372 -5.139  12.922  1.00 18.57 ? 40  VAL B O   1 
ATOM   1079 C CB  . VAL B 1 69  ? -10.878 -5.548  10.712  1.00 19.16 ? 40  VAL B CB  1 
ATOM   1080 C CG1 . VAL B 1 69  ? -10.418 -5.990  9.297   1.00 18.86 ? 40  VAL B CG1 1 
ATOM   1081 C CG2 . VAL B 1 69  ? -10.921 -4.022  10.815  1.00 18.08 ? 40  VAL B CG2 1 
ATOM   1082 N N   . PRO B 1 70  ? -12.024 -6.885  13.415  1.00 18.67 ? 41  PRO B N   1 
ATOM   1083 C CA  . PRO B 1 70  ? -12.179 -6.651  14.846  1.00 18.49 ? 41  PRO B CA  1 
ATOM   1084 C C   . PRO B 1 70  ? -11.476 -5.377  15.310  1.00 18.45 ? 41  PRO B C   1 
ATOM   1085 O O   . PRO B 1 70  ? -10.813 -4.699  14.517  1.00 18.71 ? 41  PRO B O   1 
ATOM   1086 C CB  . PRO B 1 70  ? -11.489 -7.867  15.479  1.00 18.94 ? 41  PRO B CB  1 
ATOM   1087 C CG  . PRO B 1 70  ? -11.441 -8.884  14.435  1.00 18.76 ? 41  PRO B CG  1 
ATOM   1088 C CD  . PRO B 1 70  ? -11.247 -8.108  13.155  1.00 18.79 ? 41  PRO B CD  1 
ATOM   1089 N N   . ASN B 1 71  ? -11.644 -5.057  16.588  1.00 18.23 ? 42  ASN B N   1 
ATOM   1090 C CA  . ASN B 1 71  ? -10.993 -3.914  17.212  1.00 17.90 ? 42  ASN B CA  1 
ATOM   1091 C C   . ASN B 1 71  ? -9.473  -4.038  17.112  1.00 18.17 ? 42  ASN B C   1 
ATOM   1092 O O   . ASN B 1 71  ? -8.880  -5.089  17.448  1.00 17.61 ? 42  ASN B O   1 
ATOM   1093 C CB  . ASN B 1 71  ? -11.401 -3.802  18.688  1.00 17.84 ? 42  ASN B CB  1 
ATOM   1094 C CG  . ASN B 1 71  ? -12.885 -3.517  18.871  1.00 17.34 ? 42  ASN B CG  1 
ATOM   1095 O OD1 . ASN B 1 71  ? -13.627 -3.337  17.900  1.00 17.09 ? 42  ASN B OD1 1 
ATOM   1096 N ND2 . ASN B 1 71  ? -13.321 -3.471  20.115  1.00 15.59 ? 42  ASN B ND2 1 
ATOM   1097 N N   . VAL B 1 72  ? -8.841  -2.968  16.635  1.00 17.95 ? 43  VAL B N   1 
ATOM   1098 C CA  . VAL B 1 72  ? -7.395  -2.934  16.537  1.00 17.75 ? 43  VAL B CA  1 
ATOM   1099 C C   . VAL B 1 72  ? -6.877  -1.866  17.483  1.00 17.77 ? 43  VAL B C   1 
ATOM   1100 O O   . VAL B 1 72  ? -6.933  -0.668  17.198  1.00 17.51 ? 43  VAL B O   1 
ATOM   1101 C CB  . VAL B 1 72  ? -6.906  -2.714  15.095  1.00 17.63 ? 43  VAL B CB  1 
ATOM   1102 C CG1 . VAL B 1 72  ? -5.437  -3.044  14.997  1.00 17.54 ? 43  VAL B CG1 1 
ATOM   1103 C CG2 . VAL B 1 72  ? -7.694  -3.589  14.136  1.00 17.24 ? 43  VAL B CG2 1 
ATOM   1104 N N   . ALA B 1 73  ? -6.378  -2.332  18.627  1.00 18.16 ? 44  ALA B N   1 
ATOM   1105 C CA  . ALA B 1 73  ? -5.809  -1.464  19.635  1.00 18.00 ? 44  ALA B CA  1 
ATOM   1106 C C   . ALA B 1 73  ? -4.548  -0.784  19.080  1.00 18.14 ? 44  ALA B C   1 
ATOM   1107 O O   . ALA B 1 73  ? -3.946  -1.271  18.112  1.00 17.52 ? 44  ALA B O   1 
ATOM   1108 C CB  . ALA B 1 73  ? -5.498  -2.262  20.895  1.00 18.39 ? 44  ALA B CB  1 
ATOM   1109 N N   . PRO B 1 74  ? -4.160  0.358   19.685  1.00 18.02 ? 45  PRO B N   1 
ATOM   1110 C CA  . PRO B 1 74  ? -3.024  1.115   19.197  1.00 17.96 ? 45  PRO B CA  1 
ATOM   1111 C C   . PRO B 1 74  ? -1.727  0.303   19.225  1.00 18.08 ? 45  PRO B C   1 
ATOM   1112 O O   . PRO B 1 74  ? -1.376  -0.308  20.247  1.00 17.94 ? 45  PRO B O   1 
ATOM   1113 C CB  . PRO B 1 74  ? -2.956  2.318   20.162  1.00 18.07 ? 45  PRO B CB  1 
ATOM   1114 C CG  . PRO B 1 74  ? -4.301  2.395   20.779  1.00 17.57 ? 45  PRO B CG  1 
ATOM   1115 C CD  . PRO B 1 74  ? -4.778  0.999   20.865  1.00 17.70 ? 45  PRO B CD  1 
ATOM   1116 N N   . ASN B 1 75  ? -1.038  0.319   18.085  1.00 18.01 ? 46  ASN B N   1 
ATOM   1117 C CA  . ASN B 1 75  ? 0.127   -0.537  17.801  1.00 17.81 ? 46  ASN B CA  1 
ATOM   1118 C C   . ASN B 1 75  ? -0.084  -2.054  17.856  1.00 17.01 ? 46  ASN B C   1 
ATOM   1119 O O   . ASN B 1 75  ? 0.872   -2.827  17.962  1.00 16.25 ? 46  ASN B O   1 
ATOM   1120 C CB  . ASN B 1 75  ? 1.368   -0.084  18.602  1.00 18.14 ? 46  ASN B CB  1 
ATOM   1121 C CG  . ASN B 1 75  ? 2.248   0.856   17.792  1.00 19.59 ? 46  ASN B CG  1 
ATOM   1122 O OD1 . ASN B 1 75  ? 3.464   0.633   17.632  1.00 21.85 ? 46  ASN B OD1 1 
ATOM   1123 N ND2 . ASN B 1 75  ? 1.622   1.879   17.216  1.00 18.60 ? 46  ASN B ND2 1 
ATOM   1124 N N   . PHE B 1 76  ? -1.324  -2.489  17.725  1.00 16.71 ? 47  PHE B N   1 
ATOM   1125 C CA  . PHE B 1 76  ? -1.594  -3.924  17.600  1.00 17.21 ? 47  PHE B CA  1 
ATOM   1126 C C   . PHE B 1 76  ? -1.742  -4.296  16.138  1.00 17.24 ? 47  PHE B C   1 
ATOM   1127 O O   . PHE B 1 76  ? -1.981  -3.433  15.293  1.00 17.11 ? 47  PHE B O   1 
ATOM   1128 C CB  . PHE B 1 76  ? -2.851  -4.348  18.359  1.00 16.80 ? 47  PHE B CB  1 
ATOM   1129 C CG  . PHE B 1 76  ? -2.621  -4.656  19.795  1.00 15.70 ? 47  PHE B CG  1 
ATOM   1130 C CD1 . PHE B 1 76  ? -2.063  -3.715  20.639  1.00 16.59 ? 47  PHE B CD1 1 
ATOM   1131 C CD2 . PHE B 1 76  ? -3.034  -5.870  20.328  1.00 16.88 ? 47  PHE B CD2 1 
ATOM   1132 C CE1 . PHE B 1 76  ? -1.858  -3.995  21.994  1.00 16.86 ? 47  PHE B CE1 1 
ATOM   1133 C CE2 . PHE B 1 76  ? -2.847  -6.159  21.680  1.00 16.86 ? 47  PHE B CE2 1 
ATOM   1134 C CZ  . PHE B 1 76  ? -2.260  -5.221  22.511  1.00 16.49 ? 47  PHE B CZ  1 
ATOM   1135 N N   . ILE B 1 77  ? -1.558  -5.584  15.855  1.00 17.84 ? 48  ILE B N   1 
ATOM   1136 C CA  . ILE B 1 77  ? -1.752  -6.150  14.523  1.00 17.75 ? 48  ILE B CA  1 
ATOM   1137 C C   . ILE B 1 77  ? -2.709  -7.340  14.676  1.00 17.71 ? 48  ILE B C   1 
ATOM   1138 O O   . ILE B 1 77  ? -2.560  -8.149  15.582  1.00 17.18 ? 48  ILE B O   1 
ATOM   1139 C CB  . ILE B 1 77  ? -0.411  -6.610  13.896  1.00 18.01 ? 48  ILE B CB  1 
ATOM   1140 C CG1 . ILE B 1 77  ? 0.538   -5.428  13.744  1.00 18.28 ? 48  ILE B CG1 1 
ATOM   1141 C CG2 . ILE B 1 77  ? -0.622  -7.277  12.501  1.00 18.08 ? 48  ILE B CG2 1 
ATOM   1142 C CD1 . ILE B 1 77  ? 1.992   -5.828  13.485  1.00 18.74 ? 48  ILE B CD1 1 
ATOM   1143 N N   . VAL B 1 78  ? -3.712  -7.411  13.809  1.00 17.95 ? 49  VAL B N   1 
ATOM   1144 C CA  . VAL B 1 78  ? -4.639  -8.536  13.792  1.00 18.25 ? 49  VAL B CA  1 
ATOM   1145 C C   . VAL B 1 78  ? -4.729  -9.134  12.384  1.00 17.90 ? 49  VAL B C   1 
ATOM   1146 O O   . VAL B 1 78  ? -4.641  -8.402  11.393  1.00 17.70 ? 49  VAL B O   1 
ATOM   1147 C CB  . VAL B 1 78  ? -6.052  -8.157  14.299  1.00 18.57 ? 49  VAL B CB  1 
ATOM   1148 C CG1 . VAL B 1 78  ? -6.013  -7.851  15.777  1.00 19.94 ? 49  VAL B CG1 1 
ATOM   1149 C CG2 . VAL B 1 78  ? -6.636  -6.978  13.528  1.00 19.80 ? 49  VAL B CG2 1 
ATOM   1150 N N   . PRO B 1 79  ? -4.923  -10.467 12.298  1.00 17.70 ? 50  PRO B N   1 
ATOM   1151 C CA  . PRO B 1 79  ? -5.029  -11.136 11.003  1.00 17.50 ? 50  PRO B CA  1 
ATOM   1152 C C   . PRO B 1 79  ? -6.324  -10.779 10.289  1.00 17.16 ? 50  PRO B C   1 
ATOM   1153 O O   . PRO B 1 79  ? -7.326  -10.482 10.939  1.00 16.64 ? 50  PRO B O   1 
ATOM   1154 C CB  . PRO B 1 79  ? -5.026  -12.629 11.362  1.00 17.27 ? 50  PRO B CB  1 
ATOM   1155 C CG  . PRO B 1 79  ? -4.839  -12.721 12.799  1.00 17.71 ? 50  PRO B CG  1 
ATOM   1156 C CD  . PRO B 1 79  ? -5.115  -11.409 13.415  1.00 17.63 ? 50  PRO B CD  1 
ATOM   1157 N N   . VAL B 1 80  ? -6.280  -10.800 8.959   1.00 17.18 ? 51  VAL B N   1 
ATOM   1158 C CA  . VAL B 1 80  ? -7.443  -10.510 8.121   1.00 17.46 ? 51  VAL B CA  1 
ATOM   1159 C C   . VAL B 1 80  ? -7.819  -11.724 7.279   1.00 17.82 ? 51  VAL B C   1 
ATOM   1160 O O   . VAL B 1 80  ? -8.997  -12.063 7.133   1.00 17.81 ? 51  VAL B O   1 
ATOM   1161 C CB  . VAL B 1 80  ? -7.176  -9.304  7.199   1.00 17.09 ? 51  VAL B CB  1 
ATOM   1162 C CG1 . VAL B 1 80  ? -8.361  -9.061  6.264   1.00 16.60 ? 51  VAL B CG1 1 
ATOM   1163 C CG2 . VAL B 1 80  ? -6.841  -8.061  8.022   1.00 16.58 ? 51  VAL B CG2 1 
ATOM   1164 N N   . GLY B 1 81  ? -6.825  -12.378 6.703   1.00 18.37 ? 52  GLY B N   1 
ATOM   1165 C CA  . GLY B 1 81  ? -7.091  -13.594 5.966   1.00 18.96 ? 52  GLY B CA  1 
ATOM   1166 C C   . GLY B 1 81  ? -5.836  -14.278 5.500   1.00 19.46 ? 52  GLY B C   1 
ATOM   1167 O O   . GLY B 1 81  ? -4.753  -13.710 5.556   1.00 20.09 ? 52  GLY B O   1 
ATOM   1168 N N   . THR B 1 82  ? -6.008  -15.494 5.001   1.00 20.45 ? 53  THR B N   1 
ATOM   1169 C CA  . THR B 1 82  ? -4.911  -16.345 4.557   1.00 20.81 ? 53  THR B CA  1 
ATOM   1170 C C   . THR B 1 82  ? -5.152  -16.828 3.115   1.00 21.30 ? 53  THR B C   1 
ATOM   1171 O O   . THR B 1 82  ? -6.295  -16.957 2.669   1.00 20.36 ? 53  THR B O   1 
ATOM   1172 C CB  . THR B 1 82  ? -4.750  -17.559 5.502   1.00 20.97 ? 53  THR B CB  1 
ATOM   1173 O OG1 . THR B 1 82  ? -6.009  -18.217 5.652   1.00 20.21 ? 53  THR B OG1 1 
ATOM   1174 C CG2 . THR B 1 82  ? -4.268  -17.118 6.884   1.00 21.03 ? 53  THR B CG2 1 
ATOM   1175 N N   . PHE B 1 83  ? -4.057  -17.067 2.389   1.00 22.02 ? 54  PHE B N   1 
ATOM   1176 C CA  . PHE B 1 83  ? -4.120  -17.483 0.988   1.00 22.60 ? 54  PHE B CA  1 
ATOM   1177 C C   . PHE B 1 83  ? -4.408  -18.972 0.880   1.00 23.30 ? 54  PHE B C   1 
ATOM   1178 O O   . PHE B 1 83  ? -3.688  -19.778 1.453   1.00 23.29 ? 54  PHE B O   1 
ATOM   1179 C CB  . PHE B 1 83  ? -2.803  -17.143 0.268   1.00 22.22 ? 54  PHE B CB  1 
ATOM   1180 C CG  . PHE B 1 83  ? -2.529  -15.662 0.191   1.00 22.20 ? 54  PHE B CG  1 
ATOM   1181 C CD1 . PHE B 1 83  ? -3.411  -14.816 -0.475  1.00 21.72 ? 54  PHE B CD1 1 
ATOM   1182 C CD2 . PHE B 1 83  ? -1.408  -15.108 0.800   1.00 21.44 ? 54  PHE B CD2 1 
ATOM   1183 C CE1 . PHE B 1 83  ? -3.176  -13.441 -0.534  1.00 21.07 ? 54  PHE B CE1 1 
ATOM   1184 C CE2 . PHE B 1 83  ? -1.165  -13.755 0.732   1.00 20.93 ? 54  PHE B CE2 1 
ATOM   1185 C CZ  . PHE B 1 83  ? -2.051  -12.915 0.068   1.00 21.20 ? 54  PHE B CZ  1 
ATOM   1186 N N   . PRO B 1 84  ? -5.469  -19.352 0.143   1.00 24.65 ? 55  PRO B N   1 
ATOM   1187 C CA  . PRO B 1 84  ? -5.721  -20.775 -0.024  1.00 25.61 ? 55  PRO B CA  1 
ATOM   1188 C C   . PRO B 1 84  ? -4.458  -21.530 -0.435  1.00 26.61 ? 55  PRO B C   1 
ATOM   1189 O O   . PRO B 1 84  ? -3.521  -20.922 -0.946  1.00 27.20 ? 55  PRO B O   1 
ATOM   1190 C CB  . PRO B 1 84  ? -6.753  -20.811 -1.147  1.00 25.45 ? 55  PRO B CB  1 
ATOM   1191 C CG  . PRO B 1 84  ? -7.496  -19.568 -0.985  1.00 25.13 ? 55  PRO B CG  1 
ATOM   1192 C CD  . PRO B 1 84  ? -6.467  -18.546 -0.577  1.00 24.53 ? 55  PRO B CD  1 
ATOM   1193 N N   . PRO B 1 85  ? -4.420  -22.847 -0.199  1.00 27.89 ? 56  PRO B N   1 
ATOM   1194 C CA  . PRO B 1 85  ? -3.229  -23.618 -0.566  1.00 28.41 ? 56  PRO B CA  1 
ATOM   1195 C C   . PRO B 1 85  ? -2.794  -23.439 -2.037  1.00 29.30 ? 56  PRO B C   1 
ATOM   1196 O O   . PRO B 1 85  ? -1.592  -23.342 -2.308  1.00 30.20 ? 56  PRO B O   1 
ATOM   1197 C CB  . PRO B 1 85  ? -3.651  -25.064 -0.290  1.00 28.65 ? 56  PRO B CB  1 
ATOM   1198 C CG  . PRO B 1 85  ? -5.170  -25.028 -0.207  1.00 28.49 ? 56  PRO B CG  1 
ATOM   1199 C CD  . PRO B 1 85  ? -5.478  -23.697 0.376   1.00 27.79 ? 56  PRO B CD  1 
ATOM   1200 N N   . ALA B 1 86  ? -3.752  -23.356 -2.963  1.00 29.66 ? 57  ALA B N   1 
ATOM   1201 C CA  . ALA B 1 86  ? -3.456  -23.198 -4.399  1.00 30.18 ? 57  ALA B CA  1 
ATOM   1202 C C   . ALA B 1 86  ? -2.431  -22.097 -4.755  1.00 30.80 ? 57  ALA B C   1 
ATOM   1203 O O   . ALA B 1 86  ? -1.797  -22.176 -5.809  1.00 30.75 ? 57  ALA B O   1 
ATOM   1204 C CB  . ALA B 1 86  ? -4.754  -22.949 -5.185  1.00 30.35 ? 57  ALA B CB  1 
ATOM   1205 N N   . PHE B 1 87  ? -2.286  -21.074 -3.908  1.00 30.80 ? 58  PHE B N   1 
ATOM   1206 C CA  . PHE B 1 87  ? -1.374  -19.965 -4.210  1.00 30.83 ? 58  PHE B CA  1 
ATOM   1207 C C   . PHE B 1 87  ? 0.084   -20.341 -3.956  1.00 31.17 ? 58  PHE B C   1 
ATOM   1208 O O   . PHE B 1 87  ? 0.997   -19.795 -4.586  1.00 31.62 ? 58  PHE B O   1 
ATOM   1209 C CB  . PHE B 1 87  ? -1.798  -18.676 -3.467  1.00 30.55 ? 58  PHE B CB  1 
ATOM   1210 C CG  . PHE B 1 87  ? -3.015  -18.023 -4.069  1.00 30.04 ? 58  PHE B CG  1 
ATOM   1211 C CD1 . PHE B 1 87  ? -4.286  -18.587 -3.887  1.00 30.61 ? 58  PHE B CD1 1 
ATOM   1212 C CD2 . PHE B 1 87  ? -2.894  -16.897 -4.871  1.00 29.55 ? 58  PHE B CD2 1 
ATOM   1213 C CE1 . PHE B 1 87  ? -5.422  -18.013 -4.470  1.00 30.15 ? 58  PHE B CE1 1 
ATOM   1214 C CE2 . PHE B 1 87  ? -4.019  -16.313 -5.461  1.00 30.23 ? 58  PHE B CE2 1 
ATOM   1215 C CZ  . PHE B 1 87  ? -5.290  -16.870 -5.258  1.00 30.39 ? 58  PHE B CZ  1 
ATOM   1216 N N   . GLY B 1 88  ? 0.300   -21.292 -3.052  1.00 31.38 ? 59  GLY B N   1 
ATOM   1217 C CA  . GLY B 1 88  ? 1.646   -21.724 -2.714  1.00 31.15 ? 59  GLY B CA  1 
ATOM   1218 C C   . GLY B 1 88  ? 2.264   -20.857 -1.636  1.00 30.94 ? 59  GLY B C   1 
ATOM   1219 O O   . GLY B 1 88  ? 1.621   -19.963 -1.102  1.00 30.70 ? 59  GLY B O   1 
ATOM   1220 N N   . THR B 1 89  ? 3.520   -21.145 -1.317  1.00 30.89 ? 60  THR B N   1 
ATOM   1221 C CA  . THR B 1 89  ? 4.211   -20.500 -0.206  1.00 30.76 ? 60  THR B CA  1 
ATOM   1222 C C   . THR B 1 89  ? 5.232   -19.448 -0.679  1.00 30.34 ? 60  THR B C   1 
ATOM   1223 O O   . THR B 1 89  ? 5.622   -18.581 0.110   1.00 30.52 ? 60  THR B O   1 
ATOM   1224 C CB  . THR B 1 89  ? 4.889   -21.572 0.712   1.00 30.99 ? 60  THR B CB  1 
ATOM   1225 O OG1 . THR B 1 89  ? 3.921   -22.570 1.085   1.00 32.26 ? 60  THR B OG1 1 
ATOM   1226 C CG2 . THR B 1 89  ? 5.447   -20.943 1.989   1.00 31.39 ? 60  THR B CG2 1 
ATOM   1227 N N   . ASN B 1 90  ? 5.646   -19.508 -1.953  1.00 29.65 ? 61  ASN B N   1 
ATOM   1228 C CA  . ASN B 1 90  ? 6.629   -18.549 -2.515  1.00 29.24 ? 61  ASN B CA  1 
ATOM   1229 C C   . ASN B 1 90  ? 6.043   -17.152 -2.795  1.00 28.65 ? 61  ASN B C   1 
ATOM   1230 O O   . ASN B 1 90  ? 6.130   -16.635 -3.923  1.00 29.02 ? 61  ASN B O   1 
ATOM   1231 C CB  . ASN B 1 90  ? 7.284   -19.111 -3.789  1.00 29.61 ? 61  ASN B CB  1 
ATOM   1232 C CG  . ASN B 1 90  ? 6.330   -19.152 -4.972  1.00 30.41 ? 61  ASN B CG  1 
ATOM   1233 O OD1 . ASN B 1 90  ? 5.218   -19.683 -4.876  1.00 30.97 ? 61  ASN B OD1 1 
ATOM   1234 N ND2 . ASN B 1 90  ? 6.755   -18.581 -6.092  1.00 32.56 ? 61  ASN B ND2 1 
ATOM   1235 N N   . LEU B 1 91  ? 5.483   -16.527 -1.758  1.00 27.34 ? 62  LEU B N   1 
ATOM   1236 C CA  . LEU B 1 91  ? 4.829   -15.230 -1.904  1.00 26.46 ? 62  LEU B CA  1 
ATOM   1237 C C   . LEU B 1 91  ? 5.712   -14.121 -1.351  1.00 25.46 ? 62  LEU B C   1 
ATOM   1238 O O   . LEU B 1 91  ? 6.539   -14.361 -0.470  1.00 25.12 ? 62  LEU B O   1 
ATOM   1239 C CB  . LEU B 1 91  ? 3.466   -15.242 -1.215  1.00 26.40 ? 62  LEU B CB  1 
ATOM   1240 C CG  . LEU B 1 91  ? 2.589   -16.399 -1.683  1.00 26.89 ? 62  LEU B CG  1 
ATOM   1241 C CD1 . LEU B 1 91  ? 1.306   -16.418 -0.918  1.00 26.97 ? 62  LEU B CD1 1 
ATOM   1242 C CD2 . LEU B 1 91  ? 2.339   -16.303 -3.200  1.00 28.27 ? 62  LEU B CD2 1 
ATOM   1243 N N   . PRO B 1 92  ? 5.562   -12.903 -1.896  1.00 24.68 ? 63  PRO B N   1 
ATOM   1244 C CA  . PRO B 1 92  ? 6.367   -11.774 -1.447  1.00 24.36 ? 63  PRO B CA  1 
ATOM   1245 C C   . PRO B 1 92  ? 5.977   -11.277 -0.066  1.00 23.79 ? 63  PRO B C   1 
ATOM   1246 O O   . PRO B 1 92  ? 4.867   -11.543 0.411   1.00 23.06 ? 63  PRO B O   1 
ATOM   1247 C CB  . PRO B 1 92  ? 6.062   -10.692 -2.492  1.00 24.65 ? 63  PRO B CB  1 
ATOM   1248 C CG  . PRO B 1 92  ? 4.716   -11.027 -2.991  1.00 24.56 ? 63  PRO B CG  1 
ATOM   1249 C CD  . PRO B 1 92  ? 4.641   -12.519 -2.978  1.00 24.62 ? 63  PRO B CD  1 
ATOM   1250 N N   . GLN B 1 93  ? 6.900   -10.545 0.546   1.00 23.22 ? 64  GLN B N   1 
ATOM   1251 C CA  . GLN B 1 93  ? 6.693   -9.938  1.838   1.00 22.84 ? 64  GLN B CA  1 
ATOM   1252 C C   . GLN B 1 93  ? 7.003   -8.442  1.770   1.00 22.17 ? 64  GLN B C   1 
ATOM   1253 O O   . GLN B 1 93  ? 8.087   -8.045  1.346   1.00 22.06 ? 64  GLN B O   1 
ATOM   1254 C CB  . GLN B 1 93  ? 7.595   -10.608 2.880   1.00 23.10 ? 64  GLN B CB  1 
ATOM   1255 C CG  . GLN B 1 93  ? 7.446   -10.029 4.280   1.00 23.56 ? 64  GLN B CG  1 
ATOM   1256 C CD  . GLN B 1 93  ? 8.265   -10.763 5.305   1.00 24.31 ? 64  GLN B CD  1 
ATOM   1257 O OE1 . GLN B 1 93  ? 9.500   -10.675 5.309   1.00 28.43 ? 64  GLN B OE1 1 
ATOM   1258 N NE2 . GLN B 1 93  ? 7.586   -11.487 6.203   1.00 25.33 ? 64  GLN B NE2 1 
ATOM   1259 N N   . PHE B 1 94  ? 6.044   -7.624  2.197   1.00 21.20 ? 65  PHE B N   1 
ATOM   1260 C CA  . PHE B 1 94  ? 6.268   -6.200  2.401   1.00 20.60 ? 65  PHE B CA  1 
ATOM   1261 C C   . PHE B 1 94  ? 5.105   -5.579  3.148   1.00 19.85 ? 65  PHE B C   1 
ATOM   1262 O O   . PHE B 1 94  ? 4.038   -6.176  3.305   1.00 19.42 ? 65  PHE B O   1 
ATOM   1263 C CB  . PHE B 1 94  ? 6.455   -5.475  1.070   1.00 20.21 ? 65  PHE B CB  1 
ATOM   1264 C CG  . PHE B 1 94  ? 5.308   -5.654  0.134   1.00 20.11 ? 65  PHE B CG  1 
ATOM   1265 C CD1 . PHE B 1 94  ? 4.281   -4.719  0.091   1.00 18.14 ? 65  PHE B CD1 1 
ATOM   1266 C CD2 . PHE B 1 94  ? 5.230   -6.786  -0.677  1.00 19.96 ? 65  PHE B CD2 1 
ATOM   1267 C CE1 . PHE B 1 94  ? 3.219   -4.901  -0.753  1.00 18.42 ? 65  PHE B CE1 1 
ATOM   1268 C CE2 . PHE B 1 94  ? 4.160   -6.969  -1.524  1.00 19.32 ? 65  PHE B CE2 1 
ATOM   1269 C CZ  . PHE B 1 94  ? 3.158   -6.024  -1.565  1.00 18.94 ? 65  PHE B CZ  1 
ATOM   1270 N N   . ASP B 1 95  ? 5.337   -4.360  3.604   1.00 19.54 ? 66  ASP B N   1 
ATOM   1271 C CA  . ASP B 1 95  ? 4.353   -3.597  4.321   1.00 18.98 ? 66  ASP B CA  1 
ATOM   1272 C C   . ASP B 1 95  ? 3.939   -2.383  3.509   1.00 19.01 ? 66  ASP B C   1 
ATOM   1273 O O   . ASP B 1 95  ? 4.773   -1.745  2.832   1.00 18.94 ? 66  ASP B O   1 
ATOM   1274 C CB  . ASP B 1 95  ? 4.910   -3.149  5.653   1.00 18.83 ? 66  ASP B CB  1 
ATOM   1275 C CG  . ASP B 1 95  ? 4.908   -4.241  6.685   1.00 19.91 ? 66  ASP B CG  1 
ATOM   1276 O OD1 . ASP B 1 95  ? 4.411   -5.366  6.423   1.00 19.46 ? 66  ASP B OD1 1 
ATOM   1277 O OD2 . ASP B 1 95  ? 5.410   -3.963  7.787   1.00 22.80 ? 66  ASP B OD2 1 
ATOM   1278 N N   . SER B 1 96  ? 2.648   -2.068  3.598   1.00 18.37 ? 67  SER B N   1 
ATOM   1279 C CA  . SER B 1 96  ? 2.104   -0.897  2.964   1.00 18.61 ? 67  SER B CA  1 
ATOM   1280 C C   . SER B 1 96  ? 0.912   -0.290  3.710   1.00 18.49 ? 67  SER B C   1 
ATOM   1281 O O   . SER B 1 96  ? 0.437   -0.818  4.722   1.00 18.11 ? 67  SER B O   1 
ATOM   1282 C CB  . SER B 1 96  ? 1.702   -1.223  1.543   1.00 18.07 ? 67  SER B CB  1 
ATOM   1283 O OG  . SER B 1 96  ? 0.684   -2.188  1.519   1.00 20.03 ? 67  SER B OG  1 
ATOM   1284 N N   . SER B 1 97  ? 0.454   0.839   3.186   1.00 18.64 ? 68  SER B N   1 
ATOM   1285 C CA  . SER B 1 97  ? -0.606  1.600   3.785   1.00 18.69 ? 68  SER B CA  1 
ATOM   1286 C C   . SER B 1 97  ? -1.935  1.111   3.263   1.00 18.88 ? 68  SER B C   1 
ATOM   1287 O O   . SER B 1 97  ? -2.037  0.645   2.120   1.00 18.76 ? 68  SER B O   1 
ATOM   1288 C CB  . SER B 1 97  ? -0.457  3.091   3.458   1.00 18.62 ? 68  SER B CB  1 
ATOM   1289 O OG  . SER B 1 97  ? 0.780   3.342   2.849   1.00 19.53 ? 68  SER B OG  1 
ATOM   1290 N N   . GLY B 1 98  ? -2.949  1.234   4.120   1.00 18.58 ? 69  GLY B N   1 
ATOM   1291 C CA  . GLY B 1 98  ? -4.339  1.080   3.733   1.00 18.53 ? 69  GLY B CA  1 
ATOM   1292 C C   . GLY B 1 98  ? -5.113  2.130   4.493   1.00 18.46 ? 69  GLY B C   1 
ATOM   1293 O O   . GLY B 1 98  ? -4.532  3.091   5.001   1.00 18.36 ? 69  GLY B O   1 
ATOM   1294 N N   . THR B 1 99  ? -6.424  1.949   4.573   1.00 18.63 ? 70  THR B N   1 
ATOM   1295 C CA  . THR B 1 99  ? -7.282  2.818   5.374   1.00 18.64 ? 70  THR B CA  1 
ATOM   1296 C C   . THR B 1 99  ? -8.187  1.989   6.270   1.00 19.13 ? 70  THR B C   1 
ATOM   1297 O O   . THR B 1 99  ? -8.617  0.912   5.889   1.00 19.04 ? 70  THR B O   1 
ATOM   1298 C CB  . THR B 1 99  ? -8.190  3.692   4.495   1.00 18.52 ? 70  THR B CB  1 
ATOM   1299 O OG1 . THR B 1 99  ? -8.657  2.918   3.384   1.00 18.51 ? 70  THR B OG1 1 
ATOM   1300 C CG2 . THR B 1 99  ? -7.452  4.922   3.995   1.00 17.98 ? 70  THR B CG2 1 
ATOM   1301 N N   . PHE B 1 100 ? -8.466  2.501   7.458   1.00 19.61 ? 71  PHE B N   1 
ATOM   1302 C CA  . PHE B 1 100 ? -9.640  2.086   8.206   1.00 20.72 ? 71  PHE B CA  1 
ATOM   1303 C C   . PHE B 1 100 ? -10.809 3.020   7.852   1.00 21.45 ? 71  PHE B C   1 
ATOM   1304 O O   . PHE B 1 100 ? -10.598 4.203   7.592   1.00 21.55 ? 71  PHE B O   1 
ATOM   1305 C CB  . PHE B 1 100 ? -9.399  2.221   9.693   1.00 19.80 ? 71  PHE B CB  1 
ATOM   1306 C CG  . PHE B 1 100 ? -8.348  1.294   10.267  1.00 19.34 ? 71  PHE B CG  1 
ATOM   1307 C CD1 . PHE B 1 100 ? -8.655  -0.039  10.556  1.00 19.13 ? 71  PHE B CD1 1 
ATOM   1308 C CD2 . PHE B 1 100 ? -7.088  1.787   10.629  1.00 17.77 ? 71  PHE B CD2 1 
ATOM   1309 C CE1 . PHE B 1 100 ? -7.697  -0.884  11.129  1.00 18.84 ? 71  PHE B CE1 1 
ATOM   1310 C CE2 . PHE B 1 100 ? -6.134  0.966   11.211  1.00 18.02 ? 71  PHE B CE2 1 
ATOM   1311 C CZ  . PHE B 1 100 ? -6.433  -0.376  11.459  1.00 18.81 ? 71  PHE B CZ  1 
ATOM   1312 N N   . TYR B 1 101 ? -12.037 2.509   7.856   1.00 23.16 ? 72  TYR B N   1 
ATOM   1313 C CA  . TYR B 1 101 ? -13.228 3.366   7.661   1.00 23.74 ? 72  TYR B CA  1 
ATOM   1314 C C   . TYR B 1 101 ? -14.386 3.057   8.627   1.00 24.14 ? 72  TYR B C   1 
ATOM   1315 O O   . TYR B 1 101 ? -14.730 1.893   8.836   1.00 23.73 ? 72  TYR B O   1 
ATOM   1316 C CB  . TYR B 1 101 ? -13.757 3.259   6.225   1.00 24.85 ? 72  TYR B CB  1 
ATOM   1317 C CG  . TYR B 1 101 ? -15.106 3.936   6.036   1.00 24.76 ? 72  TYR B CG  1 
ATOM   1318 C CD1 . TYR B 1 101 ? -15.208 5.313   5.832   1.00 26.04 ? 72  TYR B CD1 1 
ATOM   1319 C CD2 . TYR B 1 101 ? -16.287 3.195   6.102   1.00 26.45 ? 72  TYR B CD2 1 
ATOM   1320 C CE1 . TYR B 1 101 ? -16.457 5.927   5.672   1.00 26.12 ? 72  TYR B CE1 1 
ATOM   1321 C CE2 . TYR B 1 101 ? -17.534 3.799   5.954   1.00 26.19 ? 72  TYR B CE2 1 
ATOM   1322 C CZ  . TYR B 1 101 ? -17.617 5.160   5.741   1.00 26.77 ? 72  TYR B CZ  1 
ATOM   1323 O OH  . TYR B 1 101 ? -18.870 5.743   5.599   1.00 27.97 ? 72  TYR B OH  1 
ATOM   1324 N N   . SER B 1 102 ? -14.962 4.116   9.203   1.00 24.71 ? 73  SER B N   1 
ATOM   1325 C CA  . SER B 1 102 ? -16.301 4.086   9.811   1.00 25.42 ? 73  SER B CA  1 
ATOM   1326 C C   . SER B 1 102 ? -16.887 5.508   9.909   1.00 26.02 ? 73  SER B C   1 
ATOM   1327 O O   . SER B 1 102 ? -16.143 6.486   10.042  1.00 25.94 ? 73  SER B O   1 
ATOM   1328 C CB  . SER B 1 102 ? -16.289 3.438   11.193  1.00 25.36 ? 73  SER B CB  1 
ATOM   1329 O OG  . SER B 1 102 ? -15.827 4.342   12.191  1.00 26.28 ? 73  SER B OG  1 
ATOM   1330 N N   . HIS B 1 103 ? -18.216 5.601   9.812   1.00 26.79 ? 74  HIS B N   1 
ATOM   1331 C CA  . HIS B 1 103 ? -18.974 6.848   10.019  1.00 27.31 ? 74  HIS B CA  1 
ATOM   1332 C C   . HIS B 1 103 ? -18.408 8.083   9.307   1.00 27.79 ? 74  HIS B C   1 
ATOM   1333 O O   . HIS B 1 103 ? -18.314 9.158   9.902   1.00 28.33 ? 74  HIS B O   1 
ATOM   1334 C CB  . HIS B 1 103 ? -19.115 7.150   11.518  1.00 27.56 ? 74  HIS B CB  1 
ATOM   1335 C CG  . HIS B 1 103 ? -19.619 5.997   12.325  1.00 27.95 ? 74  HIS B CG  1 
ATOM   1336 N ND1 . HIS B 1 103 ? -19.058 5.633   13.531  1.00 29.69 ? 74  HIS B ND1 1 
ATOM   1337 C CD2 . HIS B 1 103 ? -20.626 5.123   12.101  1.00 29.96 ? 74  HIS B CD2 1 
ATOM   1338 C CE1 . HIS B 1 103 ? -19.701 4.589   14.019  1.00 29.30 ? 74  HIS B CE1 1 
ATOM   1339 N NE2 . HIS B 1 103 ? -20.660 4.259   13.172  1.00 30.32 ? 74  HIS B NE2 1 
ATOM   1340 N N   . GLY B 1 104 ? -18.036 7.917   8.037   1.00 28.36 ? 75  GLY B N   1 
ATOM   1341 C CA  . GLY B 1 104 ? -17.546 9.015   7.202   1.00 28.17 ? 75  GLY B CA  1 
ATOM   1342 C C   . GLY B 1 104 ? -16.069 9.341   7.331   1.00 28.49 ? 75  GLY B C   1 
ATOM   1343 O O   . GLY B 1 104 ? -15.563 10.195  6.597   1.00 28.96 ? 75  GLY B O   1 
ATOM   1344 N N   . ASN B 1 105 ? -15.371 8.667   8.246   1.00 28.27 ? 76  ASN B N   1 
ATOM   1345 C CA  . ASN B 1 105 ? -13.989 9.013   8.594   1.00 27.89 ? 76  ASN B CA  1 
ATOM   1346 C C   . ASN B 1 105 ? -13.015 7.905   8.224   1.00 27.29 ? 76  ASN B C   1 
ATOM   1347 O O   . ASN B 1 105 ? -13.196 6.749   8.631   1.00 26.52 ? 76  ASN B O   1 
ATOM   1348 C CB  . ASN B 1 105 ? -13.872 9.292   10.097  1.00 28.40 ? 76  ASN B CB  1 
ATOM   1349 C CG  . ASN B 1 105 ? -14.861 10.350  10.578  1.00 30.75 ? 76  ASN B CG  1 
ATOM   1350 O OD1 . ASN B 1 105 ? -14.916 11.466  10.031  1.00 32.78 ? 76  ASN B OD1 1 
ATOM   1351 N ND2 . ASN B 1 105 ? -15.646 10.008  11.614  1.00 32.45 ? 76  ASN B ND2 1 
ATOM   1352 N N   . LEU B 1 106 ? -11.973 8.275   7.476   1.00 26.75 ? 77  LEU B N   1 
ATOM   1353 C CA  . LEU B 1 106 ? -10.914 7.338   7.091   1.00 26.15 ? 77  LEU B CA  1 
ATOM   1354 C C   . LEU B 1 106 ? -9.694  7.517   7.965   1.00 25.31 ? 77  LEU B C   1 
ATOM   1355 O O   . LEU B 1 106 ? -9.299  8.643   8.253   1.00 25.77 ? 77  LEU B O   1 
ATOM   1356 C CB  . LEU B 1 106 ? -10.500 7.521   5.622   1.00 26.53 ? 77  LEU B CB  1 
ATOM   1357 C CG  . LEU B 1 106 ? -11.430 7.062   4.503   1.00 26.68 ? 77  LEU B CG  1 
ATOM   1358 C CD1 . LEU B 1 106 ? -10.733 7.186   3.163   1.00 28.53 ? 77  LEU B CD1 1 
ATOM   1359 C CD2 . LEU B 1 106 ? -11.849 5.656   4.687   1.00 27.94 ? 77  LEU B CD2 1 
ATOM   1360 N N   . SER B 1 107 ? -9.104  6.397   8.384   1.00 24.35 ? 78  SER B N   1 
ATOM   1361 C CA  . SER B 1 107 ? -7.862  6.406   9.158   1.00 23.47 ? 78  SER B CA  1 
ATOM   1362 C C   . SER B 1 107 ? -6.804  5.556   8.472   1.00 22.41 ? 78  SER B C   1 
ATOM   1363 O O   . SER B 1 107 ? -7.117  4.599   7.779   1.00 21.84 ? 78  SER B O   1 
ATOM   1364 C CB  . SER B 1 107 ? -8.077  5.860   10.572  1.00 23.31 ? 78  SER B CB  1 
ATOM   1365 O OG  . SER B 1 107 ? -9.131  6.516   11.227  1.00 22.20 ? 78  SER B OG  1 
ATOM   1366 N N   . LEU B 1 108 ? -5.552  5.909   8.716   1.00 21.62 ? 79  LEU B N   1 
ATOM   1367 C CA  . LEU B 1 108 ? -4.411  5.217   8.147   1.00 21.42 ? 79  LEU B CA  1 
ATOM   1368 C C   . LEU B 1 108 ? -4.204  3.864   8.831   1.00 20.92 ? 79  LEU B C   1 
ATOM   1369 O O   . LEU B 1 108 ? -4.198  3.775   10.086  1.00 20.97 ? 79  LEU B O   1 
ATOM   1370 C CB  . LEU B 1 108 ? -3.184  6.102   8.302   1.00 21.31 ? 79  LEU B CB  1 
ATOM   1371 C CG  . LEU B 1 108 ? -1.833  5.704   7.725   1.00 22.16 ? 79  LEU B CG  1 
ATOM   1372 C CD1 . LEU B 1 108 ? -1.934  5.083   6.326   1.00 22.59 ? 79  LEU B CD1 1 
ATOM   1373 C CD2 . LEU B 1 108 ? -0.937  6.951   7.723   1.00 21.72 ? 79  LEU B CD2 1 
ATOM   1374 N N   . SER B 1 109 ? -4.085  2.815   8.013   1.00 19.80 ? 80  SER B N   1 
ATOM   1375 C CA  . SER B 1 109 ? -3.757  1.473   8.512   1.00 19.30 ? 80  SER B CA  1 
ATOM   1376 C C   . SER B 1 109 ? -2.393  0.977   7.994   1.00 18.70 ? 80  SER B C   1 
ATOM   1377 O O   . SER B 1 109 ? -1.808  1.562   7.080   1.00 17.96 ? 80  SER B O   1 
ATOM   1378 C CB  . SER B 1 109 ? -4.871  0.484   8.169   1.00 19.15 ? 80  SER B CB  1 
ATOM   1379 O OG  . SER B 1 109 ? -4.766  0.006   6.849   1.00 18.98 ? 80  SER B OG  1 
ATOM   1380 N N   . LEU B 1 110 ? -1.881  -0.078  8.625   1.00 18.13 ? 81  LEU B N   1 
ATOM   1381 C CA  . LEU B 1 110 ? -0.671  -0.753  8.181   1.00 17.87 ? 81  LEU B CA  1 
ATOM   1382 C C   . LEU B 1 110 ? -1.050  -2.155  7.692   1.00 17.72 ? 81  LEU B C   1 
ATOM   1383 O O   . LEU B 1 110 ? -1.581  -2.962  8.456   1.00 16.96 ? 81  LEU B O   1 
ATOM   1384 C CB  . LEU B 1 110 ? 0.347   -0.855  9.325   1.00 18.00 ? 81  LEU B CB  1 
ATOM   1385 C CG  . LEU B 1 110 ? 1.559   -1.763  9.046   1.00 18.19 ? 81  LEU B CG  1 
ATOM   1386 C CD1 . LEU B 1 110 ? 2.494   -1.058  8.111   1.00 19.12 ? 81  LEU B CD1 1 
ATOM   1387 C CD2 . LEU B 1 110 ? 2.283   -2.207  10.309  1.00 17.94 ? 81  LEU B CD2 1 
ATOM   1388 N N   . ILE B 1 111 ? -0.766  -2.450  6.426   1.00 17.35 ? 82  ILE B N   1 
ATOM   1389 C CA  . ILE B 1 111 ? -1.061  -3.763  5.884   1.00 17.54 ? 82  ILE B CA  1 
ATOM   1390 C C   . ILE B 1 111 ? 0.222   -4.588  5.816   1.00 17.53 ? 82  ILE B C   1 
ATOM   1391 O O   . ILE B 1 111 ? 1.215   -4.156  5.258   1.00 17.38 ? 82  ILE B O   1 
ATOM   1392 C CB  . ILE B 1 111 ? -1.738  -3.675  4.480   1.00 17.44 ? 82  ILE B CB  1 
ATOM   1393 C CG1 . ILE B 1 111 ? -2.998  -2.808  4.551   1.00 17.16 ? 82  ILE B CG1 1 
ATOM   1394 C CG2 . ILE B 1 111 ? -2.073  -5.079  3.948   1.00 17.19 ? 82  ILE B CG2 1 
ATOM   1395 C CD1 . ILE B 1 111 ? -4.182  -3.474  5.269   1.00 17.22 ? 82  ILE B CD1 1 
ATOM   1396 N N   . ASN B 1 112 ? 0.192   -5.768  6.425   1.00 17.77 ? 83  ASN B N   1 
ATOM   1397 C CA  . ASN B 1 112 ? 1.257   -6.728  6.278   1.00 17.36 ? 83  ASN B CA  1 
ATOM   1398 C C   . ASN B 1 112 ? 0.859   -7.735  5.203   1.00 17.09 ? 83  ASN B C   1 
ATOM   1399 O O   . ASN B 1 112 ? -0.174  -8.409  5.319   1.00 16.31 ? 83  ASN B O   1 
ATOM   1400 C CB  . ASN B 1 112 ? 1.539   -7.464  7.583   1.00 17.69 ? 83  ASN B CB  1 
ATOM   1401 C CG  . ASN B 1 112 ? 1.751   -6.530  8.763   1.00 19.58 ? 83  ASN B CG  1 
ATOM   1402 O OD1 . ASN B 1 112 ? 1.041   -6.634  9.769   1.00 22.11 ? 83  ASN B OD1 1 
ATOM   1403 N ND2 . ASN B 1 112 ? 2.746   -5.635  8.666   1.00 20.48 ? 83  ASN B ND2 1 
ATOM   1404 N N   . MET B 1 113 ? 1.683   -7.818  4.161   1.00 16.71 ? 84  MET B N   1 
ATOM   1405 C CA  . MET B 1 113 ? 1.607   -8.895  3.176   1.00 16.99 ? 84  MET B CA  1 
ATOM   1406 C C   . MET B 1 113 ? 2.770   -9.851  3.420   1.00 16.94 ? 84  MET B C   1 
ATOM   1407 O O   . MET B 1 113 ? 3.905   -9.433  3.591   1.00 16.99 ? 84  MET B O   1 
ATOM   1408 C CB  . MET B 1 113 ? 1.693   -8.333  1.751   1.00 16.77 ? 84  MET B CB  1 
ATOM   1409 C CG  . MET B 1 113 ? 1.969   -9.371  0.653   1.00 16.55 ? 84  MET B CG  1 
ATOM   1410 S SD  . MET B 1 113 ? 0.686   -10.626 0.484   1.00 17.21 ? 84  MET B SD  1 
ATOM   1411 C CE  . MET B 1 113 ? 1.461   -11.752 -0.698  1.00 16.61 ? 84  MET B CE  1 
ATOM   1412 N N   . SER B 1 114 ? 2.471   -11.137 3.459   1.00 17.11 ? 85  SER B N   1 
ATOM   1413 C CA  . SER B 1 114 ? 3.502   -12.162 3.529   1.00 17.07 ? 85  SER B CA  1 
ATOM   1414 C C   . SER B 1 114 ? 2.863   -13.448 3.051   1.00 17.23 ? 85  SER B C   1 
ATOM   1415 O O   . SER B 1 114 ? 1.685   -13.430 2.666   1.00 16.56 ? 85  SER B O   1 
ATOM   1416 C CB  . SER B 1 114 ? 4.052   -12.305 4.960   1.00 17.10 ? 85  SER B CB  1 
ATOM   1417 O OG  . SER B 1 114 ? 3.123   -12.949 5.808   1.00 16.65 ? 85  SER B OG  1 
ATOM   1418 N N   . PRO B 1 115 ? 3.650   -14.553 3.019   1.00 17.79 ? 86  PRO B N   1 
ATOM   1419 C CA  . PRO B 1 115 ? 3.115   -15.882 2.817   1.00 17.82 ? 86  PRO B CA  1 
ATOM   1420 C C   . PRO B 1 115 ? 2.041   -16.255 3.833   1.00 17.80 ? 86  PRO B C   1 
ATOM   1421 O O   . PRO B 1 115 ? 1.108   -16.943 3.495   1.00 18.79 ? 86  PRO B O   1 
ATOM   1422 C CB  . PRO B 1 115 ? 4.360   -16.767 2.976   1.00 18.25 ? 86  PRO B CB  1 
ATOM   1423 C CG  . PRO B 1 115 ? 5.450   -15.909 2.499   1.00 17.71 ? 86  PRO B CG  1 
ATOM   1424 C CD  . PRO B 1 115 ? 5.123   -14.601 3.122   1.00 17.59 ? 86  PRO B CD  1 
ATOM   1425 N N   . SER B 1 116 ? 2.167   -15.772 5.059   1.00 18.20 ? 87  SER B N   1 
ATOM   1426 C CA  . SER B 1 116 ? 1.160   -15.973 6.113   1.00 17.82 ? 87  SER B CA  1 
ATOM   1427 C C   . SER B 1 116 ? -0.204  -15.313 5.856   1.00 17.59 ? 87  SER B C   1 
ATOM   1428 O O   . SER B 1 116 ? -1.149  -15.539 6.618   1.00 18.44 ? 87  SER B O   1 
ATOM   1429 C CB  . SER B 1 116 ? 1.703   -15.453 7.453   1.00 18.17 ? 87  SER B CB  1 
ATOM   1430 O OG  . SER B 1 116 ? 2.556   -16.398 8.046   1.00 18.47 ? 87  SER B OG  1 
ATOM   1431 N N   . GLY B 1 117 ? -0.321  -14.509 4.806   1.00 16.80 ? 88  GLY B N   1 
ATOM   1432 C CA  . GLY B 1 117 ? -1.602  -13.901 4.440   1.00 16.51 ? 88  GLY B CA  1 
ATOM   1433 C C   . GLY B 1 117 ? -1.555  -12.386 4.586   1.00 16.33 ? 88  GLY B C   1 
ATOM   1434 O O   . GLY B 1 117 ? -0.528  -11.765 4.357   1.00 16.11 ? 88  GLY B O   1 
ATOM   1435 N N   . ILE B 1 118 ? -2.692  -11.804 4.940   1.00 15.95 ? 89  ILE B N   1 
ATOM   1436 C CA  . ILE B 1 118 ? -2.804  -10.381 5.210   1.00 15.60 ? 89  ILE B CA  1 
ATOM   1437 C C   . ILE B 1 118 ? -3.221  -10.149 6.661   1.00 14.93 ? 89  ILE B C   1 
ATOM   1438 O O   . ILE B 1 118 ? -4.105  -10.833 7.185   1.00 14.57 ? 89  ILE B O   1 
ATOM   1439 C CB  . ILE B 1 118 ? -3.805  -9.717  4.236   1.00 15.82 ? 89  ILE B CB  1 
ATOM   1440 C CG1 . ILE B 1 118 ? -3.165  -9.648  2.853   1.00 16.67 ? 89  ILE B CG1 1 
ATOM   1441 C CG2 . ILE B 1 118 ? -4.185  -8.304  4.670   1.00 15.61 ? 89  ILE B CG2 1 
ATOM   1442 C CD1 . ILE B 1 118 ? -3.950  -10.316 1.863   1.00 17.97 ? 89  ILE B CD1 1 
ATOM   1443 N N   . ALA B 1 119 ? -2.546  -9.185  7.281   1.00 14.36 ? 90  ALA B N   1 
ATOM   1444 C CA  . ALA B 1 119 ? -2.841  -8.708  8.628   1.00 14.27 ? 90  ALA B CA  1 
ATOM   1445 C C   . ALA B 1 119 ? -2.900  -7.187  8.603   1.00 13.67 ? 90  ALA B C   1 
ATOM   1446 O O   . ALA B 1 119 ? -2.385  -6.552  7.694   1.00 13.50 ? 90  ALA B O   1 
ATOM   1447 C CB  . ALA B 1 119 ? -1.766  -9.199  9.606   1.00 13.78 ? 90  ALA B CB  1 
ATOM   1448 N N   . VAL B 1 120 ? -3.530  -6.596  9.603   1.00 13.85 ? 91  VAL B N   1 
ATOM   1449 C CA  . VAL B 1 120 ? -3.696  -5.141  9.627   1.00 13.72 ? 91  VAL B CA  1 
ATOM   1450 C C   . VAL B 1 120 ? -3.252  -4.565  10.974  1.00 13.43 ? 91  VAL B C   1 
ATOM   1451 O O   . VAL B 1 120 ? -3.744  -4.967  12.030  1.00 13.04 ? 91  VAL B O   1 
ATOM   1452 C CB  . VAL B 1 120 ? -5.170  -4.732  9.275   1.00 13.97 ? 91  VAL B CB  1 
ATOM   1453 C CG1 . VAL B 1 120 ? -6.165  -5.139  10.386  1.00 15.02 ? 91  VAL B CG1 1 
ATOM   1454 C CG2 . VAL B 1 120 ? -5.284  -3.251  9.005   1.00 13.96 ? 91  VAL B CG2 1 
ATOM   1455 N N   . GLY B 1 121 ? -2.305  -3.631  10.926  1.00 13.43 ? 92  GLY B N   1 
ATOM   1456 C CA  . GLY B 1 121 ? -1.852  -2.906  12.120  1.00 13.87 ? 92  GLY B CA  1 
ATOM   1457 C C   . GLY B 1 121 ? -2.504  -1.535  12.269  1.00 13.78 ? 92  GLY B C   1 
ATOM   1458 O O   . GLY B 1 121 ? -2.841  -0.906  11.280  1.00 13.62 ? 92  GLY B O   1 
ATOM   1459 N N   . ASN B 1 122 ? -2.681  -1.086  13.514  1.00 14.35 ? 93  ASN B N   1 
ATOM   1460 C CA  . ASN B 1 122 ? -3.191  0.269   13.832  1.00 14.61 ? 93  ASN B CA  1 
ATOM   1461 C C   . ASN B 1 122 ? -2.051  1.184   14.279  1.00 14.79 ? 93  ASN B C   1 
ATOM   1462 O O   . ASN B 1 122 ? -1.565  1.056   15.409  1.00 14.60 ? 93  ASN B O   1 
ATOM   1463 C CB  . ASN B 1 122 ? -4.238  0.176   14.943  1.00 14.71 ? 93  ASN B CB  1 
ATOM   1464 C CG  . ASN B 1 122 ? -4.777  1.525   15.376  1.00 13.98 ? 93  ASN B CG  1 
ATOM   1465 O OD1 . ASN B 1 122 ? -4.651  2.516   14.668  1.00 13.62 ? 93  ASN B OD1 1 
ATOM   1466 N ND2 . ASN B 1 122 ? -5.434  1.550   16.533  1.00 12.32 ? 93  ASN B ND2 1 
ATOM   1467 N N   . PRO B 1 123 ? -1.587  2.080   13.390  1.00 15.06 ? 94  PRO B N   1 
ATOM   1468 C CA  . PRO B 1 123 ? -0.539  3.026   13.788  1.00 16.11 ? 94  PRO B CA  1 
ATOM   1469 C C   . PRO B 1 123 ? -1.054  4.274   14.539  1.00 16.53 ? 94  PRO B C   1 
ATOM   1470 O O   . PRO B 1 123 ? -0.265  5.119   14.894  1.00 16.87 ? 94  PRO B O   1 
ATOM   1471 C CB  . PRO B 1 123 ? 0.080   3.438   12.446  1.00 15.59 ? 94  PRO B CB  1 
ATOM   1472 C CG  . PRO B 1 123 ? -1.059  3.403   11.495  1.00 15.74 ? 94  PRO B CG  1 
ATOM   1473 C CD  . PRO B 1 123 ? -1.964  2.257   11.978  1.00 15.35 ? 94  PRO B CD  1 
ATOM   1474 N N   . ASN B 1 124 ? -2.356  4.380   14.761  1.00 17.73 ? 95  ASN B N   1 
ATOM   1475 C CA  . ASN B 1 124 ? -2.957  5.575   15.357  1.00 18.62 ? 95  ASN B CA  1 
ATOM   1476 C C   . ASN B 1 124 ? -2.965  5.563   16.894  1.00 19.50 ? 95  ASN B C   1 
ATOM   1477 O O   . ASN B 1 124 ? -2.724  4.526   17.539  1.00 19.75 ? 95  ASN B O   1 
ATOM   1478 C CB  . ASN B 1 124 ? -4.384  5.750   14.838  1.00 18.65 ? 95  ASN B CB  1 
ATOM   1479 C CG  . ASN B 1 124 ? -4.470  5.706   13.313  1.00 19.27 ? 95  ASN B CG  1 
ATOM   1480 O OD1 . ASN B 1 124 ? -4.896  4.704   12.732  1.00 22.02 ? 95  ASN B OD1 1 
ATOM   1481 N ND2 . ASN B 1 124 ? -4.054  6.785   12.663  1.00 17.68 ? 95  ASN B ND2 1 
ATOM   1482 N N   . ASN B 1 125 ? -3.260  6.725   17.475  1.00 20.25 ? 96  ASN B N   1 
ATOM   1483 C CA  . ASN B 1 125 ? -3.255  6.883   18.938  1.00 20.68 ? 96  ASN B CA  1 
ATOM   1484 C C   . ASN B 1 125 ? -4.449  6.253   19.666  1.00 20.92 ? 96  ASN B C   1 
ATOM   1485 O O   . ASN B 1 125 ? -4.352  5.983   20.850  1.00 21.12 ? 96  ASN B O   1 
ATOM   1486 C CB  . ASN B 1 125 ? -3.137  8.371   19.323  1.00 20.76 ? 96  ASN B CB  1 
ATOM   1487 C CG  . ASN B 1 125 ? -1.732  8.915   19.124  1.00 21.45 ? 96  ASN B CG  1 
ATOM   1488 O OD1 . ASN B 1 125 ? -1.543  10.006  18.583  1.00 23.57 ? 96  ASN B OD1 1 
ATOM   1489 N ND2 . ASN B 1 125 ? -0.739  8.146   19.544  1.00 23.30 ? 96  ASN B ND2 1 
ATOM   1490 N N   . THR B 1 126 ? -5.565  6.039   18.969  1.00 21.32 ? 97  THR B N   1 
ATOM   1491 C CA  . THR B 1 126 ? -6.742  5.415   19.577  1.00 21.55 ? 97  THR B CA  1 
ATOM   1492 C C   . THR B 1 126 ? -7.075  4.097   18.879  1.00 21.33 ? 97  THR B C   1 
ATOM   1493 O O   . THR B 1 126 ? -6.728  3.899   17.712  1.00 21.40 ? 97  THR B O   1 
ATOM   1494 C CB  . THR B 1 126 ? -7.976  6.337   19.527  1.00 21.80 ? 97  THR B CB  1 
ATOM   1495 O OG1 . THR B 1 126 ? -8.483  6.396   18.192  1.00 24.59 ? 97  THR B OG1 1 
ATOM   1496 C CG2 . THR B 1 126 ? -7.634  7.774   20.007  1.00 22.40 ? 97  THR B CG2 1 
ATOM   1497 N N   . SER B 1 127 ? -7.743  3.199   19.602  1.00 21.05 ? 98  SER B N   1 
ATOM   1498 C CA  . SER B 1 127 ? -8.174  1.921   19.035  1.00 20.47 ? 98  SER B CA  1 
ATOM   1499 C C   . SER B 1 127 ? -9.090  2.138   17.830  1.00 20.26 ? 98  SER B C   1 
ATOM   1500 O O   . SER B 1 127 ? -9.853  3.109   17.778  1.00 20.86 ? 98  SER B O   1 
ATOM   1501 C CB  . SER B 1 127 ? -8.871  1.048   20.093  1.00 20.37 ? 98  SER B CB  1 
ATOM   1502 O OG  . SER B 1 127 ? -9.191  -0.237  19.580  1.00 18.67 ? 98  SER B OG  1 
ATOM   1503 N N   . MET B 1 128 ? -8.989  1.230   16.862  1.00 19.66 ? 99  MET B N   1 
ATOM   1504 C CA  . MET B 1 128 ? -9.797  1.273   15.660  1.00 19.35 ? 99  MET B CA  1 
ATOM   1505 C C   . MET B 1 128 ? -10.859 0.199   15.739  1.00 18.76 ? 99  MET B C   1 
ATOM   1506 O O   . MET B 1 128 ? -10.561 -0.982  15.539  1.00 18.53 ? 99  MET B O   1 
ATOM   1507 C CB  . MET B 1 128 ? -8.917  1.043   14.440  1.00 19.89 ? 99  MET B CB  1 
ATOM   1508 C CG  . MET B 1 128 ? -7.905  2.153   14.206  1.00 20.69 ? 99  MET B CG  1 
ATOM   1509 S SD  . MET B 1 128 ? -8.579  3.766   13.784  1.00 22.86 ? 99  MET B SD  1 
ATOM   1510 C CE  . MET B 1 128 ? -9.471  3.397   12.354  1.00 23.35 ? 99  MET B CE  1 
ATOM   1511 N N   . ASN B 1 129 ? -12.091 0.626   16.022  1.00 17.94 ? 100 ASN B N   1 
ATOM   1512 C CA  . ASN B 1 129 ? -13.195 -0.261  16.392  1.00 17.83 ? 100 ASN B CA  1 
ATOM   1513 C C   . ASN B 1 129 ? -14.378 -0.145  15.431  1.00 17.42 ? 100 ASN B C   1 
ATOM   1514 O O   . ASN B 1 129 ? -14.739 0.947   14.999  1.00 17.24 ? 100 ASN B O   1 
ATOM   1515 C CB  . ASN B 1 129 ? -13.678 0.079   17.816  1.00 17.77 ? 100 ASN B CB  1 
ATOM   1516 C CG  . ASN B 1 129 ? -12.604 -0.122  18.876  1.00 17.58 ? 100 ASN B CG  1 
ATOM   1517 O OD1 . ASN B 1 129 ? -11.536 -0.674  18.612  1.00 14.98 ? 100 ASN B OD1 1 
ATOM   1518 N ND2 . ASN B 1 129 ? -12.900 0.315   20.095  1.00 17.79 ? 100 ASN B ND2 1 
ATOM   1519 N N   . GLY B 1 130 ? -14.993 -1.273  15.104  1.00 17.74 ? 101 GLY B N   1 
ATOM   1520 C CA  . GLY B 1 130 ? -16.103 -1.298  14.137  1.00 17.42 ? 101 GLY B CA  1 
ATOM   1521 C C   . GLY B 1 130 ? -15.716 -0.711  12.781  1.00 17.47 ? 101 GLY B C   1 
ATOM   1522 O O   . GLY B 1 130 ? -16.541 -0.075  12.110  1.00 16.58 ? 101 GLY B O   1 
ATOM   1523 N N   . LYS B 1 131 ? -14.456 -0.930  12.378  1.00 17.32 ? 102 LYS B N   1 
ATOM   1524 C CA  . LYS B 1 131 ? -13.947 -0.418  11.092  1.00 17.10 ? 102 LYS B CA  1 
ATOM   1525 C C   . LYS B 1 131 ? -13.964 -1.474  10.015  1.00 16.59 ? 102 LYS B C   1 
ATOM   1526 O O   . LYS B 1 131 ? -13.953 -2.678  10.284  1.00 16.46 ? 102 LYS B O   1 
ATOM   1527 C CB  . LYS B 1 131 ? -12.512 0.098   11.220  1.00 17.18 ? 102 LYS B CB  1 
ATOM   1528 C CG  . LYS B 1 131 ? -12.308 1.135   12.283  1.00 17.42 ? 102 LYS B CG  1 
ATOM   1529 C CD  . LYS B 1 131 ? -12.720 2.514   11.821  1.00 17.55 ? 102 LYS B CD  1 
ATOM   1530 C CE  . LYS B 1 131 ? -12.840 3.473   12.992  1.00 17.75 ? 102 LYS B CE  1 
ATOM   1531 N NZ  . LYS B 1 131 ? -12.881 4.890   12.527  1.00 17.29 ? 102 LYS B NZ  1 
ATOM   1532 N N   . THR B 1 132 ? -14.005 -0.990  8.783   1.00 16.87 ? 103 THR B N   1 
ATOM   1533 C CA  . THR B 1 132 ? -13.771 -1.792  7.600   1.00 16.47 ? 103 THR B CA  1 
ATOM   1534 C C   . THR B 1 132 ? -12.402 -1.391  7.096   1.00 15.98 ? 103 THR B C   1 
ATOM   1535 O O   . THR B 1 132 ? -11.948 -0.283  7.378   1.00 15.36 ? 103 THR B O   1 
ATOM   1536 C CB  . THR B 1 132 ? -14.824 -1.526  6.500   1.00 16.64 ? 103 THR B CB  1 
ATOM   1537 O OG1 . THR B 1 132 ? -14.910 -0.131  6.228   1.00 17.27 ? 103 THR B OG1 1 
ATOM   1538 C CG2 . THR B 1 132 ? -16.189 -2.014  6.917   1.00 17.16 ? 103 THR B CG2 1 
ATOM   1539 N N   . ILE B 1 133 ? -11.726 -2.280  6.371   1.00 16.09 ? 104 ILE B N   1 
ATOM   1540 C CA  . ILE B 1 133 ? -10.443 -1.894  5.762   1.00 16.07 ? 104 ILE B CA  1 
ATOM   1541 C C   . ILE B 1 133 ? -10.459 -2.060  4.244   1.00 16.04 ? 104 ILE B C   1 
ATOM   1542 O O   . ILE B 1 133 ? -11.240 -2.827  3.696   1.00 16.31 ? 104 ILE B O   1 
ATOM   1543 C CB  . ILE B 1 133 ? -9.219  -2.608  6.406   1.00 16.08 ? 104 ILE B CB  1 
ATOM   1544 C CG1 . ILE B 1 133 ? -9.337  -4.134  6.309   1.00 15.95 ? 104 ILE B CG1 1 
ATOM   1545 C CG2 . ILE B 1 133 ? -9.049  -2.155  7.859   1.00 15.79 ? 104 ILE B CG2 1 
ATOM   1546 C CD1 . ILE B 1 133 ? -8.033  -4.873  6.537   1.00 15.76 ? 104 ILE B CD1 1 
ATOM   1547 N N   . SER B 1 134 ? -9.623  -1.282  3.573   1.00 16.10 ? 105 SER B N   1 
ATOM   1548 C CA  . SER B 1 134 ? -9.503  -1.334  2.122   1.00 16.01 ? 105 SER B CA  1 
ATOM   1549 C C   . SER B 1 134 ? -8.058  -1.123  1.743   1.00 15.55 ? 105 SER B C   1 
ATOM   1550 O O   . SER B 1 134 ? -7.365  -0.355  2.371   1.00 15.88 ? 105 SER B O   1 
ATOM   1551 C CB  . SER B 1 134 ? -10.372 -0.261  1.468   1.00 15.71 ? 105 SER B CB  1 
ATOM   1552 O OG  . SER B 1 134 ? -11.722 -0.661  1.478   1.00 17.60 ? 105 SER B OG  1 
ATOM   1553 N N   . PHE B 1 135 ? -7.613  -1.824  0.716   1.00 15.76 ? 106 PHE B N   1 
ATOM   1554 C CA  . PHE B 1 135 ? -6.256  -1.701  0.209   1.00 16.02 ? 106 PHE B CA  1 
ATOM   1555 C C   . PHE B 1 135 ? -6.195  -2.446  -1.113  1.00 16.11 ? 106 PHE B C   1 
ATOM   1556 O O   . PHE B 1 135 ? -7.124  -3.174  -1.476  1.00 15.98 ? 106 PHE B O   1 
ATOM   1557 C CB  . PHE B 1 135 ? -5.230  -2.313  1.191   1.00 15.91 ? 106 PHE B CB  1 
ATOM   1558 C CG  . PHE B 1 135 ? -5.359  -3.804  1.334   1.00 16.23 ? 106 PHE B CG  1 
ATOM   1559 C CD1 . PHE B 1 135 ? -4.574  -4.664  0.564   1.00 15.53 ? 106 PHE B CD1 1 
ATOM   1560 C CD2 . PHE B 1 135 ? -6.309  -4.350  2.193   1.00 15.06 ? 106 PHE B CD2 1 
ATOM   1561 C CE1 . PHE B 1 135 ? -4.706  -6.036  0.670   1.00 15.87 ? 106 PHE B CE1 1 
ATOM   1562 C CE2 . PHE B 1 135 ? -6.447  -5.723  2.304   1.00 16.11 ? 106 PHE B CE2 1 
ATOM   1563 C CZ  . PHE B 1 135 ? -5.639  -6.573  1.538   1.00 16.23 ? 106 PHE B CZ  1 
ATOM   1564 N N   . ALA B 1 136 ? -5.079  -2.274  -1.816  1.00 16.74 ? 107 ALA B N   1 
ATOM   1565 C CA  . ALA B 1 136 ? -4.728  -3.128  -2.936  1.00 17.06 ? 107 ALA B CA  1 
ATOM   1566 C C   . ALA B 1 136 ? -3.219  -3.137  -3.092  1.00 17.72 ? 107 ALA B C   1 
ATOM   1567 O O   . ALA B 1 136 ? -2.551  -2.112  -2.939  1.00 17.87 ? 107 ALA B O   1 
ATOM   1568 C CB  . ALA B 1 136 ? -5.414  -2.661  -4.213  1.00 17.05 ? 107 ALA B CB  1 
ATOM   1569 N N   . LEU B 1 137 ? -2.682  -4.314  -3.381  1.00 19.00 ? 108 LEU B N   1 
ATOM   1570 C CA  . LEU B 1 137 ? -1.245  -4.510  -3.466  1.00 19.55 ? 108 LEU B CA  1 
ATOM   1571 C C   . LEU B 1 137 ? -0.920  -5.655  -4.404  1.00 20.27 ? 108 LEU B C   1 
ATOM   1572 O O   . LEU B 1 137 ? -1.744  -6.552  -4.632  1.00 20.74 ? 108 LEU B O   1 
ATOM   1573 C CB  . LEU B 1 137 ? -0.636  -4.755  -2.071  1.00 19.80 ? 108 LEU B CB  1 
ATOM   1574 C CG  . LEU B 1 137 ? -1.059  -5.974  -1.226  1.00 19.51 ? 108 LEU B CG  1 
ATOM   1575 C CD1 . LEU B 1 137 ? -0.260  -7.197  -1.573  1.00 19.66 ? 108 LEU B CD1 1 
ATOM   1576 C CD2 . LEU B 1 137 ? -0.889  -5.702  0.268   1.00 19.82 ? 108 LEU B CD2 1 
ATOM   1577 N N   . SER B 1 138 ? 0.284   -5.613  -4.962  1.00 21.10 ? 109 SER B N   1 
ATOM   1578 C CA  . SER B 1 138 ? 0.736   -6.676  -5.843  1.00 21.51 ? 109 SER B CA  1 
ATOM   1579 C C   . SER B 1 138 ? 2.249   -6.715  -5.906  1.00 22.14 ? 109 SER B C   1 
ATOM   1580 O O   . SER B 1 138 ? 2.906   -5.700  -5.708  1.00 22.25 ? 109 SER B O   1 
ATOM   1581 C CB  . SER B 1 138 ? 0.147   -6.482  -7.245  1.00 21.66 ? 109 SER B CB  1 
ATOM   1582 O OG  . SER B 1 138 ? 0.603   -5.293  -7.853  1.00 20.58 ? 109 SER B OG  1 
ATOM   1583 N N   . ALA B 1 139 ? 2.795   -7.906  -6.139  1.00 22.78 ? 110 ALA B N   1 
ATOM   1584 C CA  . ALA B 1 139 ? 4.231   -8.066  -6.336  1.00 23.06 ? 110 ALA B CA  1 
ATOM   1585 C C   . ALA B 1 139 ? 4.536   -9.408  -7.009  1.00 23.51 ? 110 ALA B C   1 
ATOM   1586 O O   . ALA B 1 139 ? 3.749   -10.340 -6.897  1.00 22.70 ? 110 ALA B O   1 
ATOM   1587 C CB  . ALA B 1 139 ? 4.958   -7.952  -5.012  1.00 23.00 ? 110 ALA B CB  1 
ATOM   1588 N N   . PRO B 1 140 ? 5.682   -9.504  -7.720  1.00 24.51 ? 111 PRO B N   1 
ATOM   1589 C CA  . PRO B 1 140 ? 6.102   -10.788 -8.285  1.00 24.86 ? 111 PRO B CA  1 
ATOM   1590 C C   . PRO B 1 140 ? 6.189   -11.888 -7.221  1.00 25.48 ? 111 PRO B C   1 
ATOM   1591 O O   . PRO B 1 140 ? 6.455   -11.609 -6.049  1.00 25.28 ? 111 PRO B O   1 
ATOM   1592 C CB  . PRO B 1 140 ? 7.505   -10.495 -8.850  1.00 24.62 ? 111 PRO B CB  1 
ATOM   1593 C CG  . PRO B 1 140 ? 7.532   -9.027  -9.085  1.00 24.70 ? 111 PRO B CG  1 
ATOM   1594 C CD  . PRO B 1 140 ? 6.625   -8.416  -8.051  1.00 24.82 ? 111 PRO B CD  1 
ATOM   1595 N N   . LEU B 1 141 ? 5.982   -13.131 -7.638  1.00 26.03 ? 112 LEU B N   1 
ATOM   1596 C CA  . LEU B 1 141 ? 6.204   -14.266 -6.759  1.00 26.88 ? 112 LEU B CA  1 
ATOM   1597 C C   . LEU B 1 141 ? 7.706   -14.516 -6.532  1.00 27.60 ? 112 LEU B C   1 
ATOM   1598 O O   . LEU B 1 141 ? 8.554   -13.994 -7.261  1.00 28.01 ? 112 LEU B O   1 
ATOM   1599 C CB  . LEU B 1 141 ? 5.567   -15.525 -7.350  1.00 27.03 ? 112 LEU B CB  1 
ATOM   1600 C CG  . LEU B 1 141 ? 4.099   -15.443 -7.741  1.00 26.46 ? 112 LEU B CG  1 
ATOM   1601 C CD1 . LEU B 1 141 ? 3.679   -16.777 -8.307  1.00 26.67 ? 112 LEU B CD1 1 
ATOM   1602 C CD2 . LEU B 1 141 ? 3.257   -15.062 -6.556  1.00 26.93 ? 112 LEU B CD2 1 
ATOM   1603 N N   . LEU B 1 142 ? 8.020   -15.322 -5.519  1.00 28.19 ? 113 LEU B N   1 
ATOM   1604 C CA  . LEU B 1 142 ? 9.395   -15.756 -5.272  1.00 28.62 ? 113 LEU B CA  1 
ATOM   1605 C C   . LEU B 1 142 ? 9.659   -17.104 -5.960  1.00 28.90 ? 113 LEU B C   1 
ATOM   1606 O O   . LEU B 1 142 ? 10.523  -17.216 -6.833  1.00 28.98 ? 113 LEU B O   1 
ATOM   1607 C CB  . LEU B 1 142 ? 9.662   -15.885 -3.774  1.00 28.89 ? 113 LEU B CB  1 
ATOM   1608 C CG  . LEU B 1 142 ? 9.168   -14.759 -2.864  1.00 30.06 ? 113 LEU B CG  1 
ATOM   1609 C CD1 . LEU B 1 142 ? 9.525   -15.101 -1.434  1.00 30.72 ? 113 LEU B CD1 1 
ATOM   1610 C CD2 . LEU B 1 142 ? 9.758   -13.417 -3.266  1.00 30.14 ? 113 LEU B CD2 1 
HETATM 1611 O O   . HOH C 2 .   ? 3.013   22.374  -4.425  1.00 10.88 ? 114 HOH A O   1 
HETATM 1612 O O   . HOH C 2 .   ? 17.446  14.906  2.873   1.00 8.01  ? 115 HOH A O   1 
HETATM 1613 O O   . HOH C 2 .   ? -9.400  12.262  -4.231  1.00 20.46 ? 116 HOH A O   1 
HETATM 1614 O O   . HOH C 2 .   ? 8.802   2.534   -9.463  1.00 15.37 ? 117 HOH A O   1 
HETATM 1615 O O   . HOH C 2 .   ? 10.531  15.807  1.084   1.00 16.93 ? 118 HOH A O   1 
HETATM 1616 O O   . HOH C 2 .   ? -13.562 7.075   -10.711 1.00 24.28 ? 119 HOH A O   1 
HETATM 1617 O O   . HOH C 2 .   ? -10.127 14.045  -10.272 1.00 6.57  ? 120 HOH A O   1 
HETATM 1618 O O   . HOH C 2 .   ? -14.180 7.283   -17.331 1.00 18.25 ? 121 HOH A O   1 
HETATM 1619 O O   . HOH C 2 .   ? 11.550  15.070  -2.004  1.00 17.28 ? 122 HOH A O   1 
HETATM 1620 O O   . HOH C 2 .   ? -4.325  0.403   -4.846  1.00 31.20 ? 123 HOH A O   1 
HETATM 1621 O O   . HOH C 2 .   ? -3.119  14.596  -9.474  1.00 20.41 ? 124 HOH A O   1 
HETATM 1622 O O   . HOH C 2 .   ? 13.214  17.448  -5.481  1.00 20.78 ? 125 HOH A O   1 
HETATM 1623 O O   . HOH C 2 .   ? 4.555   21.376  2.643   1.00 16.42 ? 126 HOH A O   1 
HETATM 1624 O O   . HOH C 2 .   ? 21.090  -1.374  6.899   1.00 26.58 ? 127 HOH A O   1 
HETATM 1625 O O   . HOH C 2 .   ? -5.080  3.432   0.716   1.00 20.73 ? 128 HOH A O   1 
HETATM 1626 O O   . HOH C 2 .   ? 15.563  5.708   -7.855  1.00 25.75 ? 129 HOH A O   1 
HETATM 1627 O O   . HOH C 2 .   ? -2.218  19.325  -5.428  1.00 36.99 ? 130 HOH A O   1 
HETATM 1628 O O   . HOH C 2 .   ? -11.269 5.798   -4.693  1.00 28.19 ? 131 HOH A O   1 
HETATM 1629 O O   . HOH C 2 .   ? -13.792 3.774   -10.137 1.00 28.38 ? 132 HOH A O   1 
HETATM 1630 O O   . HOH C 2 .   ? 5.659   13.312  -13.221 1.00 18.57 ? 133 HOH A O   1 
HETATM 1631 O O   . HOH C 2 .   ? 9.699   8.297   -10.562 1.00 29.77 ? 134 HOH A O   1 
HETATM 1632 O O   . HOH C 2 .   ? -2.326  13.302  0.709   1.00 27.56 ? 135 HOH A O   1 
HETATM 1633 O O   . HOH C 2 .   ? -1.572  18.130  -7.850  1.00 25.59 ? 136 HOH A O   1 
HETATM 1634 O O   . HOH C 2 .   ? -5.374  15.972  -17.463 1.00 19.31 ? 137 HOH A O   1 
HETATM 1635 O O   . HOH C 2 .   ? -4.134  1.335   -11.500 1.00 29.96 ? 138 HOH A O   1 
HETATM 1636 O O   . HOH C 2 .   ? 6.703   10.305  12.049  1.00 21.94 ? 139 HOH A O   1 
HETATM 1637 O O   . HOH C 2 .   ? 1.741   2.043   0.294   1.00 19.27 ? 140 HOH A O   1 
HETATM 1638 O O   . HOH C 2 .   ? -1.060  14.256  6.433   1.00 36.33 ? 141 HOH A O   1 
HETATM 1639 O O   . HOH C 2 .   ? 8.938   20.041  -7.229  1.00 15.02 ? 142 HOH A O   1 
HETATM 1640 O O   . HOH C 2 .   ? 5.174   -2.561  -10.814 1.00 31.46 ? 143 HOH A O   1 
HETATM 1641 O O   . HOH C 2 .   ? 3.439   24.732  -6.069  1.00 30.54 ? 144 HOH A O   1 
HETATM 1642 O O   . HOH C 2 .   ? 10.936  3.588   9.613   1.00 31.02 ? 145 HOH A O   1 
HETATM 1643 O O   . HOH C 2 .   ? -3.773  11.859  -0.013  1.00 27.55 ? 146 HOH A O   1 
HETATM 1644 O O   . HOH C 2 .   ? 5.640   6.759   8.949   1.00 24.48 ? 147 HOH A O   1 
HETATM 1645 O O   . HOH C 2 .   ? 10.154  20.424  -2.196  1.00 26.83 ? 148 HOH A O   1 
HETATM 1646 O O   . HOH C 2 .   ? -2.294  2.897   -12.969 1.00 17.86 ? 149 HOH A O   1 
HETATM 1647 O O   . HOH C 2 .   ? -13.069 11.212  1.283   1.00 29.00 ? 150 HOH A O   1 
HETATM 1648 O O   . HOH C 2 .   ? 17.883  13.944  -0.687  1.00 19.12 ? 151 HOH A O   1 
HETATM 1649 O O   . HOH C 2 .   ? 7.184   2.961   5.745   1.00 20.32 ? 152 HOH A O   1 
HETATM 1650 O O   . HOH C 2 .   ? 22.954  10.045  -2.342  1.00 21.45 ? 153 HOH A O   1 
HETATM 1651 O O   . HOH C 2 .   ? 11.807  -0.388  -12.650 1.00 29.37 ? 154 HOH A O   1 
HETATM 1652 O O   . HOH C 2 .   ? 17.683  9.770   -8.019  1.00 34.94 ? 155 HOH A O   1 
HETATM 1653 O O   . HOH C 2 .   ? 6.105   0.375   7.177   1.00 32.03 ? 156 HOH A O   1 
HETATM 1654 O O   . HOH C 2 .   ? 18.404  5.382   10.157  1.00 33.47 ? 157 HOH A O   1 
HETATM 1655 O O   . HOH D 2 .   ? -12.314 -2.422  13.981  1.00 16.32 ? 114 HOH B O   1 
HETATM 1656 O O   . HOH D 2 .   ? -1.511  -17.357 3.962   1.00 18.65 ? 115 HOH B O   1 
HETATM 1657 O O   . HOH D 2 .   ? 1.348   -17.297 -13.244 1.00 25.32 ? 116 HOH B O   1 
HETATM 1658 O O   . HOH D 2 .   ? 1.928   -5.252  2.454   1.00 17.17 ? 117 HOH B O   1 
HETATM 1659 O O   . HOH D 2 .   ? 4.813   -7.903  5.666   1.00 20.75 ? 118 HOH B O   1 
HETATM 1660 O O   . HOH D 2 .   ? 1.167   -11.263 6.341   1.00 22.12 ? 119 HOH B O   1 
HETATM 1661 O O   . HOH D 2 .   ? -18.580 -4.496  4.665   1.00 25.81 ? 120 HOH B O   1 
HETATM 1662 O O   . HOH D 2 .   ? -2.192  -10.705 15.059  1.00 17.96 ? 121 HOH B O   1 
HETATM 1663 O O   . HOH D 2 .   ? -17.345 -8.607  11.998  1.00 22.21 ? 122 HOH B O   1 
HETATM 1664 O O   . HOH D 2 .   ? -6.829  -5.222  18.996  1.00 14.04 ? 123 HOH B O   1 
HETATM 1665 O O   . HOH D 2 .   ? -15.778 0.687   20.360  1.00 23.10 ? 124 HOH B O   1 
HETATM 1666 O O   . HOH D 2 .   ? -12.370 -13.629 1.249   1.00 16.73 ? 125 HOH B O   1 
HETATM 1667 O O   . HOH D 2 .   ? 8.159   -14.222 1.553   1.00 24.89 ? 126 HOH B O   1 
HETATM 1668 O O   . HOH D 2 .   ? -11.525 5.415   10.498  1.00 26.26 ? 127 HOH B O   1 
HETATM 1669 O O   . HOH D 2 .   ? -13.346 -18.175 -4.269  1.00 36.74 ? 128 HOH B O   1 
HETATM 1670 O O   . HOH D 2 .   ? -3.736  -5.311  -6.509  1.00 19.91 ? 129 HOH B O   1 
HETATM 1671 O O   . HOH D 2 .   ? 0.443   -21.541 -13.018 1.00 31.03 ? 130 HOH B O   1 
HETATM 1672 O O   . HOH D 2 .   ? -15.060 -11.737 -1.541  1.00 22.40 ? 131 HOH B O   1 
HETATM 1673 O O   . HOH D 2 .   ? -1.397  6.888   12.045  1.00 22.06 ? 132 HOH B O   1 
HETATM 1674 O O   . HOH D 2 .   ? 1.320   -18.902 1.844   1.00 25.09 ? 133 HOH B O   1 
HETATM 1675 O O   . HOH D 2 .   ? -8.615  -11.436 13.277  1.00 16.86 ? 134 HOH B O   1 
HETATM 1676 O O   . HOH D 2 .   ? -1.850  -1.250  -5.765  1.00 22.85 ? 135 HOH B O   1 
HETATM 1677 O O   . HOH D 2 .   ? 8.741   -10.127 -5.159  1.00 20.64 ? 136 HOH B O   1 
HETATM 1678 O O   . HOH D 2 .   ? -5.046  7.988   10.768  1.00 21.04 ? 137 HOH B O   1 
HETATM 1679 O O   . HOH D 2 .   ? -7.257  2.344   1.131   1.00 22.84 ? 138 HOH B O   1 
HETATM 1680 O O   . HOH D 2 .   ? -9.732  -6.816  -12.156 1.00 25.30 ? 139 HOH B O   1 
HETATM 1681 O O   . HOH D 2 .   ? 0.169   -9.402  -14.397 1.00 29.67 ? 140 HOH B O   1 
HETATM 1682 O O   . HOH D 2 .   ? -5.949  -20.479 4.232   1.00 30.09 ? 141 HOH B O   1 
HETATM 1683 O O   . HOH D 2 .   ? -11.526 3.187   20.220  1.00 24.13 ? 142 HOH B O   1 
HETATM 1684 O O   . HOH D 2 .   ? -16.274 3.106   14.519  1.00 20.51 ? 143 HOH B O   1 
HETATM 1685 O O   . HOH D 2 .   ? -9.109  3.671   22.382  1.00 31.86 ? 144 HOH B O   1 
HETATM 1686 O O   . HOH D 2 .   ? -8.051  -17.143 12.170  1.00 15.61 ? 145 HOH B O   1 
HETATM 1687 O O   . HOH D 2 .   ? -12.336 3.336   16.689  1.00 16.75 ? 146 HOH B O   1 
HETATM 1688 O O   . HOH D 2 .   ? -9.887  -7.657  18.806  1.00 22.91 ? 147 HOH B O   1 
HETATM 1689 O O   . HOH D 2 .   ? -11.404 2.627   3.919   1.00 31.53 ? 148 HOH B O   1 
HETATM 1690 O O   . HOH D 2 .   ? -13.041 -17.083 4.449   1.00 29.76 ? 149 HOH B O   1 
HETATM 1691 O O   . HOH D 2 .   ? 1.989   -16.395 10.765  1.00 24.65 ? 150 HOH B O   1 
HETATM 1692 O O   . HOH D 2 .   ? 9.170   -7.357  -1.061  1.00 29.69 ? 151 HOH B O   1 
HETATM 1693 O O   . HOH D 2 .   ? -3.436  -13.366 8.471   1.00 32.12 ? 152 HOH B O   1 
HETATM 1694 O O   . HOH D 2 .   ? -15.993 -4.225  11.988  1.00 23.11 ? 153 HOH B O   1 
HETATM 1695 O O   . HOH D 2 .   ? -3.430  -20.918 3.560   1.00 25.40 ? 154 HOH B O   1 
HETATM 1696 O O   . HOH D 2 .   ? -14.961 6.928   12.353  1.00 21.78 ? 155 HOH B O   1 
HETATM 1697 O O   . HOH D 2 .   ? -4.978  -7.422  -11.406 1.00 32.19 ? 156 HOH B O   1 
HETATM 1698 O O   . HOH D 2 .   ? -6.246  7.447   16.947  1.00 28.56 ? 157 HOH B O   1 
HETATM 1699 O O   . HOH D 2 .   ? -10.912 -0.035  -3.061  1.00 28.99 ? 158 HOH B O   1 
HETATM 1700 O O   . HOH D 2 .   ? 1.646   -5.803  -12.078 1.00 22.02 ? 159 HOH B O   1 
HETATM 1701 O O   . HOH D 2 .   ? -1.212  -10.781 12.402  1.00 22.22 ? 160 HOH B O   1 
HETATM 1702 O O   . HOH D 2 .   ? -10.569 -13.417 -12.185 1.00 25.50 ? 161 HOH B O   1 
HETATM 1703 O O   . HOH D 2 .   ? -12.911 0.361   4.059   1.00 23.39 ? 162 HOH B O   1 
HETATM 1704 O O   . HOH D 2 .   ? -14.578 -4.122  15.404  1.00 17.00 ? 163 HOH B O   1 
HETATM 1705 O O   . HOH D 2 .   ? 4.359   -23.233 -3.132  1.00 22.88 ? 164 HOH B O   1 
HETATM 1706 O O   . HOH D 2 .   ? -3.553  4.864   2.685   1.00 35.00 ? 165 HOH B O   1 
HETATM 1707 O O   . HOH D 2 .   ? -9.460  3.350   -0.423  1.00 35.21 ? 166 HOH B O   1 
HETATM 1708 O O   . HOH D 2 .   ? -13.417 -12.231 -0.516  1.00 44.76 ? 167 HOH B O   1 
# 
